data_2B0A
# 
_entry.id   2B0A 
# 
_audit_conform.dict_name       mmcif_pdbx.dic 
_audit_conform.dict_version    5.387 
_audit_conform.dict_location   http://mmcif.pdb.org/dictionaries/ascii/mmcif_pdbx.dic 
# 
loop_
_database_2.database_id 
_database_2.database_code 
_database_2.pdbx_database_accession 
_database_2.pdbx_DOI 
PDB   2B0A         pdb_00002b0a 10.2210/pdb2b0a/pdb 
RCSB  RCSB034514   ?            ?                   
WWPDB D_1000034514 ?            ?                   
# 
loop_
_pdbx_audit_revision_history.ordinal 
_pdbx_audit_revision_history.data_content_type 
_pdbx_audit_revision_history.major_revision 
_pdbx_audit_revision_history.minor_revision 
_pdbx_audit_revision_history.revision_date 
1 'Structure model' 1 0 2005-09-20 
2 'Structure model' 1 1 2008-05-01 
3 'Structure model' 1 2 2011-07-13 
4 'Structure model' 1 3 2021-02-03 
5 'Structure model' 1 4 2024-02-14 
# 
_pdbx_audit_revision_details.ordinal             1 
_pdbx_audit_revision_details.revision_ordinal    1 
_pdbx_audit_revision_details.data_content_type   'Structure model' 
_pdbx_audit_revision_details.provider            repository 
_pdbx_audit_revision_details.type                'Initial release' 
_pdbx_audit_revision_details.description         ? 
_pdbx_audit_revision_details.details             ? 
# 
loop_
_pdbx_audit_revision_group.ordinal 
_pdbx_audit_revision_group.revision_ordinal 
_pdbx_audit_revision_group.data_content_type 
_pdbx_audit_revision_group.group 
1 2 'Structure model' 'Version format compliance' 
2 3 'Structure model' 'Derived calculations'      
3 3 'Structure model' 'Version format compliance' 
4 4 'Structure model' 'Database references'       
5 4 'Structure model' 'Derived calculations'      
6 4 'Structure model' 'Structure summary'         
7 5 'Structure model' 'Data collection'           
8 5 'Structure model' 'Database references'       
# 
loop_
_pdbx_audit_revision_category.ordinal 
_pdbx_audit_revision_category.revision_ordinal 
_pdbx_audit_revision_category.data_content_type 
_pdbx_audit_revision_category.category 
1 4 'Structure model' audit_author                 
2 4 'Structure model' pdbx_struct_special_symmetry 
3 4 'Structure model' struct_ref_seq_dif           
4 5 'Structure model' chem_comp_atom               
5 5 'Structure model' chem_comp_bond               
6 5 'Structure model' database_2                   
# 
loop_
_pdbx_audit_revision_item.ordinal 
_pdbx_audit_revision_item.revision_ordinal 
_pdbx_audit_revision_item.data_content_type 
_pdbx_audit_revision_item.item 
1 4 'Structure model' '_audit_author.identifier_ORCID'      
2 4 'Structure model' '_struct_ref_seq_dif.details'         
3 5 'Structure model' '_database_2.pdbx_DOI'                
4 5 'Structure model' '_database_2.pdbx_database_accession' 
# 
_pdbx_database_status.status_code                     REL 
_pdbx_database_status.entry_id                        2B0A 
_pdbx_database_status.recvd_initial_deposition_date   2005-09-13 
_pdbx_database_status.deposit_site                    RCSB 
_pdbx_database_status.process_site                    RCSB 
_pdbx_database_status.status_code_sf                  REL 
_pdbx_database_status.status_code_mr                  ? 
_pdbx_database_status.SG_entry                        Y 
_pdbx_database_status.pdb_format_compatible           Y 
_pdbx_database_status.status_code_cs                  ? 
_pdbx_database_status.status_code_nmr_data            ? 
_pdbx_database_status.methods_development_category    ? 
# 
_pdbx_database_related.db_name        TargetDB 
_pdbx_database_related.db_id          NYSGXRC-T1168 
_pdbx_database_related.details        . 
_pdbx_database_related.content_type   unspecified 
# 
loop_
_audit_author.name 
_audit_author.pdbx_ordinal 
_audit_author.identifier_ORCID 
'Patskovsky, Y.'                                                 1 ?                   
'Ramagopal, U.'                                                  2 ?                   
'Almo, S.C.'                                                     3 ?                   
'Burley, S.K.'                                                   4 0000-0002-2487-9713 
'New York SGX Research Center for Structural Genomics (NYSGXRC)' 5 ?                   
# 
_citation.id                        primary 
_citation.title                     'Crystal Structure of Hypothetical Protein Mj0783 from Methanococcus Jannaschii' 
_citation.journal_abbrev            'To be Published' 
_citation.journal_volume            ? 
_citation.page_first                ? 
_citation.page_last                 ? 
_citation.year                      ? 
_citation.journal_id_ASTM           ? 
_citation.country                   ? 
_citation.journal_id_ISSN           ? 
_citation.journal_id_CSD            0353 
_citation.book_publisher            ? 
_citation.pdbx_database_id_PubMed   ? 
_citation.pdbx_database_id_DOI      ? 
# 
loop_
_citation_author.citation_id 
_citation_author.name 
_citation_author.ordinal 
_citation_author.identifier_ORCID 
primary 'Patskovsky, Y.' 1 ? 
primary 'Ramagopal, U.'  2 ? 
primary 'Almo, S.C.'     3 ? 
# 
loop_
_entity.id 
_entity.type 
_entity.src_method 
_entity.pdbx_description 
_entity.formula_weight 
_entity.pdbx_number_of_molecules 
_entity.pdbx_ec 
_entity.pdbx_mutation 
_entity.pdbx_fragment 
_entity.details 
1 polymer man 'Hypothetical protein MJ0783' 21122.629 1   ? ? ? ? 
2 water   nat water                         18.015    126 ? ? ? ? 
# 
_entity_poly.entity_id                      1 
_entity_poly.type                           'polypeptide(L)' 
_entity_poly.nstd_linkage                   no 
_entity_poly.nstd_monomer                   no 
_entity_poly.pdbx_seq_one_letter_code       
;EILDLTQTLINFPRPGDPELRIIEKKIDGFIVSEIIMGSHLCTHIDYPKHVGLENRIPFKDGIIKGKGYCISLDDFPGNK
LPACDILLIYTGFSKYWGRDEYFEKIPEIPFLDDIIKSNIKCVGIDACTIGGFEEHKRLLSNNILIIENLNENLKNLVGK
SFYFLGLPLKIFDIDASPIRCIAILE
;
_entity_poly.pdbx_seq_one_letter_code_can   
;EILDLTQTLINFPRPGDPELRIIEKKIDGFIVSEIIMGSHLCTHIDYPKHVGLENRIPFKDGIIKGKGYCISLDDFPGNK
LPACDILLIYTGFSKYWGRDEYFEKIPEIPFLDDIIKSNIKCVGIDACTIGGFEEHKRLLSNNILIIENLNENLKNLVGK
SFYFLGLPLKIFDIDASPIRCIAILE
;
_entity_poly.pdbx_strand_id                 A 
_entity_poly.pdbx_target_identifier         NYSGXRC-T1168 
# 
_pdbx_entity_nonpoly.entity_id   2 
_pdbx_entity_nonpoly.name        water 
_pdbx_entity_nonpoly.comp_id     HOH 
# 
loop_
_entity_poly_seq.entity_id 
_entity_poly_seq.num 
_entity_poly_seq.mon_id 
_entity_poly_seq.hetero 
1 1   GLU n 
1 2   ILE n 
1 3   LEU n 
1 4   ASP n 
1 5   LEU n 
1 6   THR n 
1 7   GLN n 
1 8   THR n 
1 9   LEU n 
1 10  ILE n 
1 11  ASN n 
1 12  PHE n 
1 13  PRO n 
1 14  ARG n 
1 15  PRO n 
1 16  GLY n 
1 17  ASP n 
1 18  PRO n 
1 19  GLU n 
1 20  LEU n 
1 21  ARG n 
1 22  ILE n 
1 23  ILE n 
1 24  GLU n 
1 25  LYS n 
1 26  LYS n 
1 27  ILE n 
1 28  ASP n 
1 29  GLY n 
1 30  PHE n 
1 31  ILE n 
1 32  VAL n 
1 33  SER n 
1 34  GLU n 
1 35  ILE n 
1 36  ILE n 
1 37  MET n 
1 38  GLY n 
1 39  SER n 
1 40  HIS n 
1 41  LEU n 
1 42  CYS n 
1 43  THR n 
1 44  HIS n 
1 45  ILE n 
1 46  ASP n 
1 47  TYR n 
1 48  PRO n 
1 49  LYS n 
1 50  HIS n 
1 51  VAL n 
1 52  GLY n 
1 53  LEU n 
1 54  GLU n 
1 55  ASN n 
1 56  ARG n 
1 57  ILE n 
1 58  PRO n 
1 59  PHE n 
1 60  LYS n 
1 61  ASP n 
1 62  GLY n 
1 63  ILE n 
1 64  ILE n 
1 65  LYS n 
1 66  GLY n 
1 67  LYS n 
1 68  GLY n 
1 69  TYR n 
1 70  CYS n 
1 71  ILE n 
1 72  SER n 
1 73  LEU n 
1 74  ASP n 
1 75  ASP n 
1 76  PHE n 
1 77  PRO n 
1 78  GLY n 
1 79  ASN n 
1 80  LYS n 
1 81  LEU n 
1 82  PRO n 
1 83  ALA n 
1 84  CYS n 
1 85  ASP n 
1 86  ILE n 
1 87  LEU n 
1 88  LEU n 
1 89  ILE n 
1 90  TYR n 
1 91  THR n 
1 92  GLY n 
1 93  PHE n 
1 94  SER n 
1 95  LYS n 
1 96  TYR n 
1 97  TRP n 
1 98  GLY n 
1 99  ARG n 
1 100 ASP n 
1 101 GLU n 
1 102 TYR n 
1 103 PHE n 
1 104 GLU n 
1 105 LYS n 
1 106 ILE n 
1 107 PRO n 
1 108 GLU n 
1 109 ILE n 
1 110 PRO n 
1 111 PHE n 
1 112 LEU n 
1 113 ASP n 
1 114 ASP n 
1 115 ILE n 
1 116 ILE n 
1 117 LYS n 
1 118 SER n 
1 119 ASN n 
1 120 ILE n 
1 121 LYS n 
1 122 CYS n 
1 123 VAL n 
1 124 GLY n 
1 125 ILE n 
1 126 ASP n 
1 127 ALA n 
1 128 CYS n 
1 129 THR n 
1 130 ILE n 
1 131 GLY n 
1 132 GLY n 
1 133 PHE n 
1 134 GLU n 
1 135 GLU n 
1 136 HIS n 
1 137 LYS n 
1 138 ARG n 
1 139 LEU n 
1 140 LEU n 
1 141 SER n 
1 142 ASN n 
1 143 ASN n 
1 144 ILE n 
1 145 LEU n 
1 146 ILE n 
1 147 ILE n 
1 148 GLU n 
1 149 ASN n 
1 150 LEU n 
1 151 ASN n 
1 152 GLU n 
1 153 ASN n 
1 154 LEU n 
1 155 LYS n 
1 156 ASN n 
1 157 LEU n 
1 158 VAL n 
1 159 GLY n 
1 160 LYS n 
1 161 SER n 
1 162 PHE n 
1 163 TYR n 
1 164 PHE n 
1 165 LEU n 
1 166 GLY n 
1 167 LEU n 
1 168 PRO n 
1 169 LEU n 
1 170 LYS n 
1 171 ILE n 
1 172 PHE n 
1 173 ASP n 
1 174 ILE n 
1 175 ASP n 
1 176 ALA n 
1 177 SER n 
1 178 PRO n 
1 179 ILE n 
1 180 ARG n 
1 181 CYS n 
1 182 ILE n 
1 183 ALA n 
1 184 ILE n 
1 185 LEU n 
1 186 GLU n 
# 
_entity_src_gen.entity_id                          1 
_entity_src_gen.pdbx_src_id                        1 
_entity_src_gen.pdbx_alt_source_flag               sample 
_entity_src_gen.pdbx_seq_type                      ? 
_entity_src_gen.pdbx_beg_seq_num                   ? 
_entity_src_gen.pdbx_end_seq_num                   ? 
_entity_src_gen.gene_src_common_name               ? 
_entity_src_gen.gene_src_genus                     Methanocaldococcus 
_entity_src_gen.pdbx_gene_src_gene                 MJ0783 
_entity_src_gen.gene_src_species                   ? 
_entity_src_gen.gene_src_strain                    ? 
_entity_src_gen.gene_src_tissue                    ? 
_entity_src_gen.gene_src_tissue_fraction           ? 
_entity_src_gen.gene_src_details                   ? 
_entity_src_gen.pdbx_gene_src_fragment             ? 
_entity_src_gen.pdbx_gene_src_scientific_name      'Methanocaldococcus jannaschii' 
_entity_src_gen.pdbx_gene_src_ncbi_taxonomy_id     2190 
_entity_src_gen.pdbx_gene_src_variant              ? 
_entity_src_gen.pdbx_gene_src_cell_line            ? 
_entity_src_gen.pdbx_gene_src_atcc                 ? 
_entity_src_gen.pdbx_gene_src_organ                ? 
_entity_src_gen.pdbx_gene_src_organelle            ? 
_entity_src_gen.pdbx_gene_src_cell                 ? 
_entity_src_gen.pdbx_gene_src_cellular_location    ? 
_entity_src_gen.host_org_common_name               ? 
_entity_src_gen.pdbx_host_org_scientific_name      'Escherichia coli BL21(DE3)' 
_entity_src_gen.pdbx_host_org_ncbi_taxonomy_id     469008 
_entity_src_gen.host_org_genus                     Escherichia 
_entity_src_gen.pdbx_host_org_gene                 ? 
_entity_src_gen.pdbx_host_org_organ                ? 
_entity_src_gen.host_org_species                   'Escherichia coli' 
_entity_src_gen.pdbx_host_org_tissue               ? 
_entity_src_gen.pdbx_host_org_tissue_fraction      ? 
_entity_src_gen.pdbx_host_org_strain               'BL21(DE3)' 
_entity_src_gen.pdbx_host_org_variant              ? 
_entity_src_gen.pdbx_host_org_cell_line            ? 
_entity_src_gen.pdbx_host_org_atcc                 ? 
_entity_src_gen.pdbx_host_org_culture_collection   ? 
_entity_src_gen.pdbx_host_org_cell                 ? 
_entity_src_gen.pdbx_host_org_organelle            ? 
_entity_src_gen.pdbx_host_org_cellular_location    ? 
_entity_src_gen.pdbx_host_org_vector_type          plasmid 
_entity_src_gen.pdbx_host_org_vector               ? 
_entity_src_gen.host_org_details                   ? 
_entity_src_gen.expression_system_id               ? 
_entity_src_gen.plasmid_name                       pET 
_entity_src_gen.plasmid_details                    ? 
_entity_src_gen.pdbx_description                   ? 
# 
loop_
_chem_comp.id 
_chem_comp.type 
_chem_comp.mon_nstd_flag 
_chem_comp.name 
_chem_comp.pdbx_synonyms 
_chem_comp.formula 
_chem_comp.formula_weight 
ALA 'L-peptide linking' y ALANINE         ? 'C3 H7 N O2'     89.093  
ARG 'L-peptide linking' y ARGININE        ? 'C6 H15 N4 O2 1' 175.209 
ASN 'L-peptide linking' y ASPARAGINE      ? 'C4 H8 N2 O3'    132.118 
ASP 'L-peptide linking' y 'ASPARTIC ACID' ? 'C4 H7 N O4'     133.103 
CYS 'L-peptide linking' y CYSTEINE        ? 'C3 H7 N O2 S'   121.158 
GLN 'L-peptide linking' y GLUTAMINE       ? 'C5 H10 N2 O3'   146.144 
GLU 'L-peptide linking' y 'GLUTAMIC ACID' ? 'C5 H9 N O4'     147.129 
GLY 'peptide linking'   y GLYCINE         ? 'C2 H5 N O2'     75.067  
HIS 'L-peptide linking' y HISTIDINE       ? 'C6 H10 N3 O2 1' 156.162 
HOH non-polymer         . WATER           ? 'H2 O'           18.015  
ILE 'L-peptide linking' y ISOLEUCINE      ? 'C6 H13 N O2'    131.173 
LEU 'L-peptide linking' y LEUCINE         ? 'C6 H13 N O2'    131.173 
LYS 'L-peptide linking' y LYSINE          ? 'C6 H15 N2 O2 1' 147.195 
MET 'L-peptide linking' y METHIONINE      ? 'C5 H11 N O2 S'  149.211 
PHE 'L-peptide linking' y PHENYLALANINE   ? 'C9 H11 N O2'    165.189 
PRO 'L-peptide linking' y PROLINE         ? 'C5 H9 N O2'     115.130 
SER 'L-peptide linking' y SERINE          ? 'C3 H7 N O3'     105.093 
THR 'L-peptide linking' y THREONINE       ? 'C4 H9 N O3'     119.119 
TRP 'L-peptide linking' y TRYPTOPHAN      ? 'C11 H12 N2 O2'  204.225 
TYR 'L-peptide linking' y TYROSINE        ? 'C9 H11 N O3'    181.189 
VAL 'L-peptide linking' y VALINE          ? 'C5 H11 N O2'    117.146 
# 
loop_
_pdbx_poly_seq_scheme.asym_id 
_pdbx_poly_seq_scheme.entity_id 
_pdbx_poly_seq_scheme.seq_id 
_pdbx_poly_seq_scheme.mon_id 
_pdbx_poly_seq_scheme.ndb_seq_num 
_pdbx_poly_seq_scheme.pdb_seq_num 
_pdbx_poly_seq_scheme.auth_seq_num 
_pdbx_poly_seq_scheme.pdb_mon_id 
_pdbx_poly_seq_scheme.auth_mon_id 
_pdbx_poly_seq_scheme.pdb_strand_id 
_pdbx_poly_seq_scheme.pdb_ins_code 
_pdbx_poly_seq_scheme.hetero 
A 1 1   GLU 1   1   1   GLU GLU A . n 
A 1 2   ILE 2   2   2   ILE ILE A . n 
A 1 3   LEU 3   3   3   LEU LEU A . n 
A 1 4   ASP 4   4   4   ASP ASP A . n 
A 1 5   LEU 5   5   5   LEU LEU A . n 
A 1 6   THR 6   6   6   THR THR A . n 
A 1 7   GLN 7   7   7   GLN GLN A . n 
A 1 8   THR 8   8   8   THR THR A . n 
A 1 9   LEU 9   9   9   LEU LEU A . n 
A 1 10  ILE 10  10  10  ILE ILE A . n 
A 1 11  ASN 11  11  11  ASN ASN A . n 
A 1 12  PHE 12  12  12  PHE PHE A . n 
A 1 13  PRO 13  13  13  PRO PRO A . n 
A 1 14  ARG 14  14  14  ARG ARG A . n 
A 1 15  PRO 15  15  15  PRO PRO A . n 
A 1 16  GLY 16  16  16  GLY GLY A . n 
A 1 17  ASP 17  17  17  ASP ASP A . n 
A 1 18  PRO 18  18  18  PRO PRO A . n 
A 1 19  GLU 19  19  19  GLU GLU A . n 
A 1 20  LEU 20  20  20  LEU LEU A . n 
A 1 21  ARG 21  21  21  ARG ARG A . n 
A 1 22  ILE 22  22  22  ILE ILE A . n 
A 1 23  ILE 23  23  23  ILE ILE A . n 
A 1 24  GLU 24  24  24  GLU GLU A . n 
A 1 25  LYS 25  25  25  LYS LYS A . n 
A 1 26  LYS 26  26  26  LYS LYS A . n 
A 1 27  ILE 27  27  27  ILE ILE A . n 
A 1 28  ASP 28  28  28  ASP ASP A . n 
A 1 29  GLY 29  29  29  GLY GLY A . n 
A 1 30  PHE 30  30  30  PHE PHE A . n 
A 1 31  ILE 31  31  31  ILE ILE A . n 
A 1 32  VAL 32  32  32  VAL VAL A . n 
A 1 33  SER 33  33  33  SER SER A . n 
A 1 34  GLU 34  34  34  GLU GLU A . n 
A 1 35  ILE 35  35  35  ILE ILE A . n 
A 1 36  ILE 36  36  36  ILE ILE A . n 
A 1 37  MET 37  37  37  MET MET A . n 
A 1 38  GLY 38  38  38  GLY GLY A . n 
A 1 39  SER 39  39  39  SER SER A . n 
A 1 40  HIS 40  40  40  HIS HIS A . n 
A 1 41  LEU 41  41  41  LEU LEU A . n 
A 1 42  CYS 42  42  42  CYS CYS A . n 
A 1 43  THR 43  43  43  THR THR A . n 
A 1 44  HIS 44  44  44  HIS HIS A . n 
A 1 45  ILE 45  45  45  ILE ILE A . n 
A 1 46  ASP 46  46  46  ASP ASP A . n 
A 1 47  TYR 47  47  47  TYR TYR A . n 
A 1 48  PRO 48  48  48  PRO PRO A . n 
A 1 49  LYS 49  49  49  LYS LYS A . n 
A 1 50  HIS 50  50  50  HIS HIS A . n 
A 1 51  VAL 51  51  51  VAL VAL A . n 
A 1 52  GLY 52  52  52  GLY GLY A . n 
A 1 53  LEU 53  53  53  LEU LEU A . n 
A 1 54  GLU 54  54  54  GLU GLU A . n 
A 1 55  ASN 55  55  55  ASN ASN A . n 
A 1 56  ARG 56  56  56  ARG ARG A . n 
A 1 57  ILE 57  57  57  ILE ILE A . n 
A 1 58  PRO 58  58  58  PRO PRO A . n 
A 1 59  PHE 59  59  59  PHE PHE A . n 
A 1 60  LYS 60  60  60  LYS LYS A . n 
A 1 61  ASP 61  61  61  ASP ASP A . n 
A 1 62  GLY 62  62  62  GLY GLY A . n 
A 1 63  ILE 63  63  63  ILE ILE A . n 
A 1 64  ILE 64  64  64  ILE ILE A . n 
A 1 65  LYS 65  65  65  LYS LYS A . n 
A 1 66  GLY 66  66  66  GLY GLY A . n 
A 1 67  LYS 67  67  67  LYS LYS A . n 
A 1 68  GLY 68  68  68  GLY GLY A . n 
A 1 69  TYR 69  69  69  TYR TYR A . n 
A 1 70  CYS 70  70  70  CYS CYS A . n 
A 1 71  ILE 71  71  71  ILE ILE A . n 
A 1 72  SER 72  72  72  SER SER A . n 
A 1 73  LEU 73  73  73  LEU LEU A . n 
A 1 74  ASP 74  74  74  ASP ASP A . n 
A 1 75  ASP 75  75  75  ASP ASP A . n 
A 1 76  PHE 76  76  76  PHE PHE A . n 
A 1 77  PRO 77  77  77  PRO PRO A . n 
A 1 78  GLY 78  78  78  GLY GLY A . n 
A 1 79  ASN 79  79  79  ASN ASN A . n 
A 1 80  LYS 80  80  80  LYS LYS A . n 
A 1 81  LEU 81  81  81  LEU LEU A . n 
A 1 82  PRO 82  82  82  PRO PRO A . n 
A 1 83  ALA 83  83  83  ALA ALA A . n 
A 1 84  CYS 84  84  84  CYS CYS A . n 
A 1 85  ASP 85  85  85  ASP ASP A . n 
A 1 86  ILE 86  86  86  ILE ILE A . n 
A 1 87  LEU 87  87  87  LEU LEU A . n 
A 1 88  LEU 88  88  88  LEU LEU A . n 
A 1 89  ILE 89  89  89  ILE ILE A . n 
A 1 90  TYR 90  90  90  TYR TYR A . n 
A 1 91  THR 91  91  91  THR THR A . n 
A 1 92  GLY 92  92  92  GLY GLY A . n 
A 1 93  PHE 93  93  93  PHE PHE A . n 
A 1 94  SER 94  94  94  SER SER A . n 
A 1 95  LYS 95  95  95  LYS LYS A . n 
A 1 96  TYR 96  96  96  TYR TYR A . n 
A 1 97  TRP 97  97  97  TRP TRP A . n 
A 1 98  GLY 98  98  98  GLY GLY A . n 
A 1 99  ARG 99  99  99  ARG ARG A . n 
A 1 100 ASP 100 100 100 ASP ASP A . n 
A 1 101 GLU 101 101 101 GLU GLU A . n 
A 1 102 TYR 102 102 102 TYR TYR A . n 
A 1 103 PHE 103 103 103 PHE PHE A . n 
A 1 104 GLU 104 104 104 GLU GLU A . n 
A 1 105 LYS 105 105 105 LYS LYS A . n 
A 1 106 ILE 106 106 106 ILE ILE A . n 
A 1 107 PRO 107 107 107 PRO PRO A . n 
A 1 108 GLU 108 108 108 GLU GLU A . n 
A 1 109 ILE 109 109 109 ILE ILE A . n 
A 1 110 PRO 110 110 110 PRO PRO A . n 
A 1 111 PHE 111 111 111 PHE PHE A . n 
A 1 112 LEU 112 112 112 LEU LEU A . n 
A 1 113 ASP 113 113 113 ASP ASP A . n 
A 1 114 ASP 114 114 114 ASP ASP A . n 
A 1 115 ILE 115 115 115 ILE ILE A . n 
A 1 116 ILE 116 116 116 ILE ILE A . n 
A 1 117 LYS 117 117 117 LYS LYS A . n 
A 1 118 SER 118 118 118 SER SER A . n 
A 1 119 ASN 119 119 119 ASN ASN A . n 
A 1 120 ILE 120 120 120 ILE ILE A . n 
A 1 121 LYS 121 121 121 LYS LYS A . n 
A 1 122 CYS 122 122 122 CYS CYS A . n 
A 1 123 VAL 123 123 123 VAL VAL A . n 
A 1 124 GLY 124 124 124 GLY GLY A . n 
A 1 125 ILE 125 125 125 ILE ILE A . n 
A 1 126 ASP 126 126 126 ASP ASP A . n 
A 1 127 ALA 127 127 127 ALA ALA A . n 
A 1 128 CYS 128 128 128 CYS CYS A . n 
A 1 129 THR 129 129 129 THR THR A . n 
A 1 130 ILE 130 130 130 ILE ILE A . n 
A 1 131 GLY 131 131 131 GLY GLY A . n 
A 1 132 GLY 132 132 132 GLY GLY A . n 
A 1 133 PHE 133 133 133 PHE PHE A . n 
A 1 134 GLU 134 134 134 GLU GLU A . n 
A 1 135 GLU 135 135 135 GLU GLU A . n 
A 1 136 HIS 136 136 136 HIS HIS A . n 
A 1 137 LYS 137 137 137 LYS LYS A . n 
A 1 138 ARG 138 138 138 ARG ARG A . n 
A 1 139 LEU 139 139 139 LEU LEU A . n 
A 1 140 LEU 140 140 140 LEU LEU A . n 
A 1 141 SER 141 141 141 SER SER A . n 
A 1 142 ASN 142 142 142 ASN ASN A . n 
A 1 143 ASN 143 143 143 ASN ASN A . n 
A 1 144 ILE 144 144 144 ILE ILE A . n 
A 1 145 LEU 145 145 145 LEU LEU A . n 
A 1 146 ILE 146 146 146 ILE ILE A . n 
A 1 147 ILE 147 147 147 ILE ILE A . n 
A 1 148 GLU 148 148 148 GLU GLU A . n 
A 1 149 ASN 149 149 149 ASN ASN A . n 
A 1 150 LEU 150 150 150 LEU LEU A . n 
A 1 151 ASN 151 151 151 ASN ASN A . n 
A 1 152 GLU 152 152 152 GLU GLU A . n 
A 1 153 ASN 153 153 153 ASN ASN A . n 
A 1 154 LEU 154 154 154 LEU LEU A . n 
A 1 155 LYS 155 155 155 LYS LYS A . n 
A 1 156 ASN 156 156 156 ASN ASN A . n 
A 1 157 LEU 157 157 157 LEU LEU A . n 
A 1 158 VAL 158 158 158 VAL VAL A . n 
A 1 159 GLY 159 159 159 GLY GLY A . n 
A 1 160 LYS 160 160 160 LYS LYS A . n 
A 1 161 SER 161 161 161 SER SER A . n 
A 1 162 PHE 162 162 162 PHE PHE A . n 
A 1 163 TYR 163 163 163 TYR TYR A . n 
A 1 164 PHE 164 164 164 PHE PHE A . n 
A 1 165 LEU 165 165 165 LEU LEU A . n 
A 1 166 GLY 166 166 166 GLY GLY A . n 
A 1 167 LEU 167 167 167 LEU LEU A . n 
A 1 168 PRO 168 168 168 PRO PRO A . n 
A 1 169 LEU 169 169 169 LEU LEU A . n 
A 1 170 LYS 170 170 170 LYS LYS A . n 
A 1 171 ILE 171 171 171 ILE ILE A . n 
A 1 172 PHE 172 172 172 PHE PHE A . n 
A 1 173 ASP 173 173 173 ASP ASP A . n 
A 1 174 ILE 174 174 174 ILE ILE A . n 
A 1 175 ASP 175 175 175 ASP ASP A . n 
A 1 176 ALA 176 176 176 ALA ALA A . n 
A 1 177 SER 177 177 177 SER SER A . n 
A 1 178 PRO 178 178 178 PRO PRO A . n 
A 1 179 ILE 179 179 179 ILE ILE A . n 
A 1 180 ARG 180 180 180 ARG ARG A . n 
A 1 181 CYS 181 181 181 CYS CYS A . n 
A 1 182 ILE 182 182 182 ILE ILE A . n 
A 1 183 ALA 183 183 183 ALA ALA A . n 
A 1 184 ILE 184 184 184 ILE ILE A . n 
A 1 185 LEU 185 185 185 LEU LEU A . n 
A 1 186 GLU 186 186 186 GLU GLU A . n 
# 
loop_
_pdbx_nonpoly_scheme.asym_id 
_pdbx_nonpoly_scheme.entity_id 
_pdbx_nonpoly_scheme.mon_id 
_pdbx_nonpoly_scheme.ndb_seq_num 
_pdbx_nonpoly_scheme.pdb_seq_num 
_pdbx_nonpoly_scheme.auth_seq_num 
_pdbx_nonpoly_scheme.pdb_mon_id 
_pdbx_nonpoly_scheme.auth_mon_id 
_pdbx_nonpoly_scheme.pdb_strand_id 
_pdbx_nonpoly_scheme.pdb_ins_code 
B 2 HOH 1   187 1   HOH HOH A . 
B 2 HOH 2   188 2   HOH HOH A . 
B 2 HOH 3   189 3   HOH HOH A . 
B 2 HOH 4   190 4   HOH HOH A . 
B 2 HOH 5   191 5   HOH HOH A . 
B 2 HOH 6   192 6   HOH HOH A . 
B 2 HOH 7   193 7   HOH HOH A . 
B 2 HOH 8   194 8   HOH HOH A . 
B 2 HOH 9   195 9   HOH HOH A . 
B 2 HOH 10  196 10  HOH HOH A . 
B 2 HOH 11  197 11  HOH HOH A . 
B 2 HOH 12  198 12  HOH HOH A . 
B 2 HOH 13  199 13  HOH HOH A . 
B 2 HOH 14  200 14  HOH HOH A . 
B 2 HOH 15  201 15  HOH HOH A . 
B 2 HOH 16  202 16  HOH HOH A . 
B 2 HOH 17  203 17  HOH HOH A . 
B 2 HOH 18  204 18  HOH HOH A . 
B 2 HOH 19  205 19  HOH HOH A . 
B 2 HOH 20  206 20  HOH HOH A . 
B 2 HOH 21  207 21  HOH HOH A . 
B 2 HOH 22  208 22  HOH HOH A . 
B 2 HOH 23  209 23  HOH HOH A . 
B 2 HOH 24  210 24  HOH HOH A . 
B 2 HOH 25  211 25  HOH HOH A . 
B 2 HOH 26  212 26  HOH HOH A . 
B 2 HOH 27  213 27  HOH HOH A . 
B 2 HOH 28  214 28  HOH HOH A . 
B 2 HOH 29  215 29  HOH HOH A . 
B 2 HOH 30  216 30  HOH HOH A . 
B 2 HOH 31  217 31  HOH HOH A . 
B 2 HOH 32  218 32  HOH HOH A . 
B 2 HOH 33  219 33  HOH HOH A . 
B 2 HOH 34  220 34  HOH HOH A . 
B 2 HOH 35  221 35  HOH HOH A . 
B 2 HOH 36  222 36  HOH HOH A . 
B 2 HOH 37  223 37  HOH HOH A . 
B 2 HOH 38  224 38  HOH HOH A . 
B 2 HOH 39  225 39  HOH HOH A . 
B 2 HOH 40  226 40  HOH HOH A . 
B 2 HOH 41  227 41  HOH HOH A . 
B 2 HOH 42  228 42  HOH HOH A . 
B 2 HOH 43  229 43  HOH HOH A . 
B 2 HOH 44  230 44  HOH HOH A . 
B 2 HOH 45  231 45  HOH HOH A . 
B 2 HOH 46  232 46  HOH HOH A . 
B 2 HOH 47  233 47  HOH HOH A . 
B 2 HOH 48  234 48  HOH HOH A . 
B 2 HOH 49  235 49  HOH HOH A . 
B 2 HOH 50  236 50  HOH HOH A . 
B 2 HOH 51  237 51  HOH HOH A . 
B 2 HOH 52  238 52  HOH HOH A . 
B 2 HOH 53  239 53  HOH HOH A . 
B 2 HOH 54  240 54  HOH HOH A . 
B 2 HOH 55  241 55  HOH HOH A . 
B 2 HOH 56  242 56  HOH HOH A . 
B 2 HOH 57  243 57  HOH HOH A . 
B 2 HOH 58  244 58  HOH HOH A . 
B 2 HOH 59  245 59  HOH HOH A . 
B 2 HOH 60  246 60  HOH HOH A . 
B 2 HOH 61  247 61  HOH HOH A . 
B 2 HOH 62  248 62  HOH HOH A . 
B 2 HOH 63  249 63  HOH HOH A . 
B 2 HOH 64  250 64  HOH HOH A . 
B 2 HOH 65  251 65  HOH HOH A . 
B 2 HOH 66  252 66  HOH HOH A . 
B 2 HOH 67  253 67  HOH HOH A . 
B 2 HOH 68  254 68  HOH HOH A . 
B 2 HOH 69  255 69  HOH HOH A . 
B 2 HOH 70  256 70  HOH HOH A . 
B 2 HOH 71  257 71  HOH HOH A . 
B 2 HOH 72  258 72  HOH HOH A . 
B 2 HOH 73  259 73  HOH HOH A . 
B 2 HOH 74  260 74  HOH HOH A . 
B 2 HOH 75  261 75  HOH HOH A . 
B 2 HOH 76  262 76  HOH HOH A . 
B 2 HOH 77  263 77  HOH HOH A . 
B 2 HOH 78  264 78  HOH HOH A . 
B 2 HOH 79  265 79  HOH HOH A . 
B 2 HOH 80  266 80  HOH HOH A . 
B 2 HOH 81  267 81  HOH HOH A . 
B 2 HOH 82  268 82  HOH HOH A . 
B 2 HOH 83  269 83  HOH HOH A . 
B 2 HOH 84  270 84  HOH HOH A . 
B 2 HOH 85  271 85  HOH HOH A . 
B 2 HOH 86  272 86  HOH HOH A . 
B 2 HOH 87  273 87  HOH HOH A . 
B 2 HOH 88  274 88  HOH HOH A . 
B 2 HOH 89  275 89  HOH HOH A . 
B 2 HOH 90  276 90  HOH HOH A . 
B 2 HOH 91  277 91  HOH HOH A . 
B 2 HOH 92  278 92  HOH HOH A . 
B 2 HOH 93  279 93  HOH HOH A . 
B 2 HOH 94  280 94  HOH HOH A . 
B 2 HOH 95  281 95  HOH HOH A . 
B 2 HOH 96  282 96  HOH HOH A . 
B 2 HOH 97  283 97  HOH HOH A . 
B 2 HOH 98  284 98  HOH HOH A . 
B 2 HOH 99  285 99  HOH HOH A . 
B 2 HOH 100 286 100 HOH HOH A . 
B 2 HOH 101 287 101 HOH HOH A . 
B 2 HOH 102 288 102 HOH HOH A . 
B 2 HOH 103 289 103 HOH HOH A . 
B 2 HOH 104 290 104 HOH HOH A . 
B 2 HOH 105 291 105 HOH HOH A . 
B 2 HOH 106 292 106 HOH HOH A . 
B 2 HOH 107 293 107 HOH HOH A . 
B 2 HOH 108 294 108 HOH HOH A . 
B 2 HOH 109 295 109 HOH HOH A . 
B 2 HOH 110 296 110 HOH HOH A . 
B 2 HOH 111 297 111 HOH HOH A . 
B 2 HOH 112 298 112 HOH HOH A . 
B 2 HOH 113 299 113 HOH HOH A . 
B 2 HOH 114 300 114 HOH HOH A . 
B 2 HOH 115 301 115 HOH HOH A . 
B 2 HOH 116 302 116 HOH HOH A . 
B 2 HOH 117 303 117 HOH HOH A . 
B 2 HOH 118 304 118 HOH HOH A . 
B 2 HOH 119 305 119 HOH HOH A . 
B 2 HOH 120 306 120 HOH HOH A . 
B 2 HOH 121 307 121 HOH HOH A . 
B 2 HOH 122 308 122 HOH HOH A . 
B 2 HOH 123 309 123 HOH HOH A . 
B 2 HOH 124 310 124 HOH HOH A . 
B 2 HOH 125 311 125 HOH HOH A . 
B 2 HOH 126 312 126 HOH HOH A . 
# 
loop_
_software.name 
_software.classification 
_software.version 
_software.citation_id 
_software.pdbx_ordinal 
HKL-2000  'data collection' .        ? 1 
SCALEPACK 'data scaling'    .        ? 2 
SHELX     'model building'  .        ? 3 
REFMAC    refinement        5.2.0005 ? 4 
HKL-2000  'data reduction'  .        ? 5 
SHELX     phasing           .        ? 6 
# 
_cell.entry_id           2B0A 
_cell.length_a           67.942 
_cell.length_b           73.156 
_cell.length_c           46.570 
_cell.angle_alpha        90.00 
_cell.angle_beta         122.87 
_cell.angle_gamma        90.00 
_cell.Z_PDB              4 
_cell.pdbx_unique_axis   ? 
# 
_symmetry.entry_id                         2B0A 
_symmetry.space_group_name_H-M             'C 1 2 1' 
_symmetry.pdbx_full_space_group_name_H-M   ? 
_symmetry.cell_setting                     ? 
_symmetry.Int_Tables_number                5 
_symmetry.space_group_name_Hall            ? 
# 
_exptl.entry_id          2B0A 
_exptl.method            'X-RAY DIFFRACTION' 
_exptl.crystals_number   1 
# 
_exptl_crystal.id                    1 
_exptl_crystal.density_meas          ? 
_exptl_crystal.density_Matthews      2.46 
_exptl_crystal.density_percent_sol   45.80 
_exptl_crystal.description           ? 
_exptl_crystal.F_000                 ? 
_exptl_crystal.preparation           ? 
# 
_exptl_crystal_grow.crystal_id      1 
_exptl_crystal_grow.method          'VAPOR DIFFUSION, SITTING DROP' 
_exptl_crystal_grow.temp            290 
_exptl_crystal_grow.temp_details    ? 
_exptl_crystal_grow.pH              6.50 
_exptl_crystal_grow.pdbx_details    '30% PEG 550, 100 mM Tris-HCl, pH 6.50, VAPOR DIFFUSION, SITTING DROP, temperature 290K' 
_exptl_crystal_grow.pdbx_pH_range   . 
# 
_diffrn.id                     1 
_diffrn.ambient_temp           87.0 
_diffrn.ambient_temp_details   ? 
_diffrn.crystal_id             1 
# 
_diffrn_detector.diffrn_id              1 
_diffrn_detector.detector               CCD 
_diffrn_detector.type                   'ADSC QUANTAM Q315' 
_diffrn_detector.pdbx_collection_date   2005-09-02 
_diffrn_detector.details                MIRRORS 
# 
_diffrn_radiation.diffrn_id                        1 
_diffrn_radiation.wavelength_id                    1 
_diffrn_radiation.pdbx_monochromatic_or_laue_m_l   M 
_diffrn_radiation.monochromator                    MIRRORS 
_diffrn_radiation.pdbx_diffrn_protocol             'SINGLE WAVELENGTH' 
_diffrn_radiation.pdbx_scattering_type             x-ray 
# 
loop_
_diffrn_radiation_wavelength.id 
_diffrn_radiation_wavelength.wavelength 
_diffrn_radiation_wavelength.wt 
1 1.29  1.0 
2 0.989 1.0 
# 
_diffrn_source.diffrn_id                   1 
_diffrn_source.source                      SYNCHROTRON 
_diffrn_source.type                        'NSLS BEAMLINE X29A' 
_diffrn_source.pdbx_synchrotron_site       NSLS 
_diffrn_source.pdbx_synchrotron_beamline   X29A 
_diffrn_source.pdbx_wavelength             1.29 
_diffrn_source.pdbx_wavelength_list        0.989 
# 
_reflns.entry_id                     2B0A 
_reflns.observed_criterion_sigma_I   0.000 
_reflns.observed_criterion_sigma_F   0.000 
_reflns.d_resolution_low             50.000 
_reflns.d_resolution_high            1.45 
_reflns.number_obs                   34059 
_reflns.number_all                   34059 
_reflns.percent_possible_obs         98.0 
_reflns.pdbx_Rmerge_I_obs            0.06 
_reflns.pdbx_Rsym_value              0.063 
_reflns.pdbx_netI_over_sigmaI        16.1000 
_reflns.B_iso_Wilson_estimate        ? 
_reflns.pdbx_redundancy              3.50 
_reflns.R_free_details               ? 
_reflns.limit_h_max                  ? 
_reflns.limit_h_min                  ? 
_reflns.limit_k_max                  ? 
_reflns.limit_k_min                  ? 
_reflns.limit_l_max                  ? 
_reflns.limit_l_min                  ? 
_reflns.observed_criterion_F_max     ? 
_reflns.observed_criterion_F_min     ? 
_reflns.pdbx_chi_squared             ? 
_reflns.pdbx_scaling_rejects         ? 
_reflns.pdbx_ordinal                 1 
_reflns.pdbx_diffrn_id               1 
# 
_reflns_shell.d_res_high             1.45 
_reflns_shell.d_res_low              1.50 
_reflns_shell.percent_possible_all   96.7 
_reflns_shell.Rmerge_I_obs           0.481 
_reflns_shell.pdbx_Rsym_value        0.35 
_reflns_shell.meanI_over_sigI_obs    2.100 
_reflns_shell.pdbx_redundancy        3.00 
_reflns_shell.percent_possible_obs   ? 
_reflns_shell.number_unique_all      ? 
_reflns_shell.number_measured_all    ? 
_reflns_shell.number_measured_obs    ? 
_reflns_shell.number_unique_obs      ? 
_reflns_shell.pdbx_chi_squared       ? 
_reflns_shell.pdbx_ordinal           1 
_reflns_shell.pdbx_diffrn_id         1 
# 
_refine.entry_id                                 2B0A 
_refine.ls_number_reflns_obs                     32334 
_refine.ls_number_reflns_all                     32334 
_refine.pdbx_ls_sigma_I                          ? 
_refine.pdbx_ls_sigma_F                          ? 
_refine.pdbx_data_cutoff_high_absF               ? 
_refine.pdbx_data_cutoff_low_absF                ? 
_refine.pdbx_data_cutoff_high_rms_absF           ? 
_refine.ls_d_res_low                             20.00 
_refine.ls_d_res_high                            1.45 
_refine.ls_percent_reflns_obs                    98.12 
_refine.ls_R_factor_obs                          0.18608 
_refine.ls_R_factor_all                          ? 
_refine.ls_R_factor_R_work                       0.18505 
_refine.ls_R_factor_R_free                       0.21823 
_refine.ls_R_factor_R_free_error                 ? 
_refine.ls_R_factor_R_free_error_details         ? 
_refine.ls_percent_reflns_R_free                 3.2 
_refine.ls_number_reflns_R_free                  1052 
_refine.ls_number_parameters                     ? 
_refine.ls_number_restraints                     ? 
_refine.occupancy_min                            ? 
_refine.occupancy_max                            ? 
_refine.correlation_coeff_Fo_to_Fc               0.972 
_refine.correlation_coeff_Fo_to_Fc_free          0.961 
_refine.B_iso_mean                               29.091 
_refine.aniso_B[1][1]                            -1.02 
_refine.aniso_B[2][2]                            0.13 
_refine.aniso_B[3][3]                            -1.00 
_refine.aniso_B[1][2]                            0.00 
_refine.aniso_B[1][3]                            -1.74 
_refine.aniso_B[2][3]                            0.00 
_refine.solvent_model_details                    MASK 
_refine.solvent_model_param_ksol                 ? 
_refine.solvent_model_param_bsol                 ? 
_refine.pdbx_solvent_vdw_probe_radii             1.20 
_refine.pdbx_solvent_ion_probe_radii             0.80 
_refine.pdbx_solvent_shrinkage_radii             0.80 
_refine.pdbx_ls_cross_valid_method               THROUGHOUT 
_refine.details                                  'HYDROGENS HAVE BEEN ADDED IN THE RIDING POSITIONS' 
_refine.pdbx_starting_model                      NONE 
_refine.pdbx_method_to_determine_struct          SAD 
_refine.pdbx_isotropic_thermal_model             isotropic 
_refine.pdbx_stereochemistry_target_values       'MAXIMUM LIKELIHOOD' 
_refine.pdbx_stereochem_target_val_spec_case     ? 
_refine.pdbx_R_Free_selection_details            RANDOM 
_refine.pdbx_overall_ESU_R                       0.069 
_refine.pdbx_overall_ESU_R_Free                  0.073 
_refine.overall_SU_ML                            0.053 
_refine.overall_SU_B                             1.359 
_refine.ls_redundancy_reflns_obs                 ? 
_refine.B_iso_min                                ? 
_refine.B_iso_max                                ? 
_refine.overall_SU_R_Cruickshank_DPI             ? 
_refine.overall_SU_R_free                        ? 
_refine.ls_wR_factor_R_free                      ? 
_refine.ls_wR_factor_R_work                      ? 
_refine.overall_FOM_free_R_set                   ? 
_refine.overall_FOM_work_R_set                   ? 
_refine.pdbx_refine_id                           'X-RAY DIFFRACTION' 
_refine.pdbx_diffrn_id                           1 
_refine.pdbx_TLS_residual_ADP_flag               ? 
_refine.pdbx_overall_phase_error                 ? 
_refine.pdbx_overall_SU_R_free_Cruickshank_DPI   ? 
_refine.pdbx_overall_SU_R_Blow_DPI               ? 
_refine.pdbx_overall_SU_R_free_Blow_DPI          ? 
# 
_refine_hist.pdbx_refine_id                   'X-RAY DIFFRACTION' 
_refine_hist.cycle_id                         LAST 
_refine_hist.pdbx_number_atoms_protein        1487 
_refine_hist.pdbx_number_atoms_nucleic_acid   0 
_refine_hist.pdbx_number_atoms_ligand         0 
_refine_hist.number_atoms_solvent             126 
_refine_hist.number_atoms_total               1613 
_refine_hist.d_res_high                       1.45 
_refine_hist.d_res_low                        20.00 
# 
loop_
_refine_ls_restr.type 
_refine_ls_restr.dev_ideal 
_refine_ls_restr.dev_ideal_target 
_refine_ls_restr.weight 
_refine_ls_restr.number 
_refine_ls_restr.pdbx_refine_id 
_refine_ls_restr.pdbx_restraint_function 
r_bond_refined_d             0.012  0.022  ? 1558 'X-RAY DIFFRACTION' ? 
r_bond_other_d               0.001  0.020  ? 1468 'X-RAY DIFFRACTION' ? 
r_angle_refined_deg          1.392  1.995  ? 2113 'X-RAY DIFFRACTION' ? 
r_angle_other_deg            0.649  3.000  ? 3439 'X-RAY DIFFRACTION' ? 
r_dihedral_angle_1_deg       5.651  5.000  ? 195  'X-RAY DIFFRACTION' ? 
r_dihedral_angle_2_deg       28.945 24.493 ? 69   'X-RAY DIFFRACTION' ? 
r_dihedral_angle_3_deg       12.931 15.000 ? 291  'X-RAY DIFFRACTION' ? 
r_dihedral_angle_4_deg       12.381 15.000 ? 8    'X-RAY DIFFRACTION' ? 
r_chiral_restr               0.080  0.200  ? 237  'X-RAY DIFFRACTION' ? 
r_gen_planes_refined         0.005  0.020  ? 1707 'X-RAY DIFFRACTION' ? 
r_gen_planes_other           0.001  0.020  ? 304  'X-RAY DIFFRACTION' ? 
r_nbd_refined                0.219  0.300  ? 294  'X-RAY DIFFRACTION' ? 
r_nbd_other                  0.193  0.300  ? 1471 'X-RAY DIFFRACTION' ? 
r_nbtor_refined              0.184  0.500  ? 772  'X-RAY DIFFRACTION' ? 
r_nbtor_other                0.087  0.500  ? 970  'X-RAY DIFFRACTION' ? 
r_xyhbond_nbd_refined        0.225  0.500  ? 176  'X-RAY DIFFRACTION' ? 
r_xyhbond_nbd_other          ?      ?      ? ?    'X-RAY DIFFRACTION' ? 
r_metal_ion_refined          ?      ?      ? ?    'X-RAY DIFFRACTION' ? 
r_metal_ion_other            ?      ?      ? ?    'X-RAY DIFFRACTION' ? 
r_symmetry_vdw_refined       0.131  0.300  ? 11   'X-RAY DIFFRACTION' ? 
r_symmetry_vdw_other         0.233  0.300  ? 57   'X-RAY DIFFRACTION' ? 
r_symmetry_hbond_refined     0.173  0.500  ? 16   'X-RAY DIFFRACTION' ? 
r_symmetry_hbond_other       ?      ?      ? ?    'X-RAY DIFFRACTION' ? 
r_symmetry_metal_ion_refined ?      ?      ? ?    'X-RAY DIFFRACTION' ? 
r_symmetry_metal_ion_other   ?      ?      ? ?    'X-RAY DIFFRACTION' ? 
r_mcbond_it                  4.791  2.000  ? 1253 'X-RAY DIFFRACTION' ? 
r_mcbond_other               1.095  2.000  ? 384  'X-RAY DIFFRACTION' ? 
r_mcangle_it                 5.131  3.000  ? 1545 'X-RAY DIFFRACTION' ? 
r_scbond_it                  5.172  2.000  ? 713  'X-RAY DIFFRACTION' ? 
r_scangle_it                 6.784  3.000  ? 564  'X-RAY DIFFRACTION' ? 
r_rigid_bond_restr           ?      ?      ? ?    'X-RAY DIFFRACTION' ? 
r_sphericity_free            ?      ?      ? ?    'X-RAY DIFFRACTION' ? 
r_sphericity_bonded          ?      ?      ? ?    'X-RAY DIFFRACTION' ? 
# 
_refine_ls_shell.pdbx_total_number_of_bins_used   20 
_refine_ls_shell.d_res_high                       1.448 
_refine_ls_shell.d_res_low                        1.486 
_refine_ls_shell.number_reflns_R_work             2335 
_refine_ls_shell.R_factor_R_work                  0.252 
_refine_ls_shell.percent_reflns_obs               95.87 
_refine_ls_shell.R_factor_R_free                  0.302 
_refine_ls_shell.R_factor_R_free_error            ? 
_refine_ls_shell.percent_reflns_R_free            ? 
_refine_ls_shell.number_reflns_R_free             77 
_refine_ls_shell.redundancy_reflns_obs            ? 
_refine_ls_shell.number_reflns_all                ? 
_refine_ls_shell.number_reflns_obs                ? 
_refine_ls_shell.pdbx_refine_id                   'X-RAY DIFFRACTION' 
_refine_ls_shell.R_factor_all                     ? 
# 
_struct.entry_id                  2B0A 
_struct.title                     'Crystal structure of protein MJ0783 from Methanococcus jannaschii' 
_struct.pdbx_model_details        ? 
_struct.pdbx_CASP_flag            ? 
_struct.pdbx_model_type_details   ? 
# 
_struct_keywords.entry_id        2B0A 
_struct_keywords.pdbx_keywords   'STRUCTURAL GENOMICS, UNKNOWN FUNCTION' 
_struct_keywords.text            
;HYPOTHETICAL PROTEIN, STRUCTURAL GENOMICS, PSI, PROTEIN STRUCTURE INITIATIVE, New York SGX Research Center for Structural Genomics, NYSGXRC, UNKNOWN FUNCTION
;
# 
loop_
_struct_asym.id 
_struct_asym.pdbx_blank_PDB_chainid_flag 
_struct_asym.pdbx_modified 
_struct_asym.entity_id 
_struct_asym.details 
A N N 1 ? 
B N N 2 ? 
# 
_struct_ref.id                         1 
_struct_ref.db_name                    UNP 
_struct_ref.db_code                    Y783_METJA 
_struct_ref.pdbx_db_accession          Q58193 
_struct_ref.entity_id                  1 
_struct_ref.pdbx_seq_one_letter_code   
;EILDLTQTLINFPYPGDPELRIIEKKIDGFIVSEIIMGSHLCTHIDYPKHVGLENRIPFKDGIIKGKGYCISLDDFERNK
LPACDILLIYTGFSKYWGRDEYFEKIPEIPFLDDIIKSNIKCVGIDACTIGGFEEHKRLLSNNILIIENLNENLKNLVGK
SFYFLGLPLKIFDIDASPIRCIAIL
;
_struct_ref.pdbx_align_begin           2 
_struct_ref.pdbx_db_isoform            ? 
# 
_struct_ref_seq.align_id                      1 
_struct_ref_seq.ref_id                        1 
_struct_ref_seq.pdbx_PDB_id_code              2B0A 
_struct_ref_seq.pdbx_strand_id                A 
_struct_ref_seq.seq_align_beg                 1 
_struct_ref_seq.pdbx_seq_align_beg_ins_code   ? 
_struct_ref_seq.seq_align_end                 185 
_struct_ref_seq.pdbx_seq_align_end_ins_code   ? 
_struct_ref_seq.pdbx_db_accession             Q58193 
_struct_ref_seq.db_align_beg                  2 
_struct_ref_seq.pdbx_db_align_beg_ins_code    ? 
_struct_ref_seq.db_align_end                  186 
_struct_ref_seq.pdbx_db_align_end_ins_code    ? 
_struct_ref_seq.pdbx_auth_seq_align_beg       1 
_struct_ref_seq.pdbx_auth_seq_align_end       185 
# 
loop_
_struct_ref_seq_dif.align_id 
_struct_ref_seq_dif.pdbx_pdb_id_code 
_struct_ref_seq_dif.mon_id 
_struct_ref_seq_dif.pdbx_pdb_strand_id 
_struct_ref_seq_dif.seq_num 
_struct_ref_seq_dif.pdbx_pdb_ins_code 
_struct_ref_seq_dif.pdbx_seq_db_name 
_struct_ref_seq_dif.pdbx_seq_db_accession_code 
_struct_ref_seq_dif.db_mon_id 
_struct_ref_seq_dif.pdbx_seq_db_seq_num 
_struct_ref_seq_dif.details 
_struct_ref_seq_dif.pdbx_auth_seq_num 
_struct_ref_seq_dif.pdbx_ordinal 
1 2B0A ARG A 14  ? UNP Q58193 TYR 15 'cloning artifact' 14  1 
1 2B0A PRO A 77  ? UNP Q58193 GLU 78 'cloning artifact' 77  2 
1 2B0A GLY A 78  ? UNP Q58193 ARG 79 'cloning artifact' 78  3 
1 2B0A GLU A 186 ? UNP Q58193 ?   ?  'cloning artifact' 186 4 
# 
_pdbx_struct_assembly.id                   1 
_pdbx_struct_assembly.details              author_and_software_defined_assembly 
_pdbx_struct_assembly.method_details       PISA,PQS 
_pdbx_struct_assembly.oligomeric_details   dimeric 
_pdbx_struct_assembly.oligomeric_count     2 
# 
loop_
_pdbx_struct_assembly_prop.biol_id 
_pdbx_struct_assembly_prop.type 
_pdbx_struct_assembly_prop.value 
_pdbx_struct_assembly_prop.details 
1 'ABSA (A^2)' 4190  ? 
1 MORE         -28   ? 
1 'SSA (A^2)'  16210 ? 
# 
_pdbx_struct_assembly_gen.assembly_id       1 
_pdbx_struct_assembly_gen.oper_expression   1,2 
_pdbx_struct_assembly_gen.asym_id_list      A,B 
# 
loop_
_pdbx_struct_oper_list.id 
_pdbx_struct_oper_list.type 
_pdbx_struct_oper_list.name 
_pdbx_struct_oper_list.symmetry_operation 
_pdbx_struct_oper_list.matrix[1][1] 
_pdbx_struct_oper_list.matrix[1][2] 
_pdbx_struct_oper_list.matrix[1][3] 
_pdbx_struct_oper_list.vector[1] 
_pdbx_struct_oper_list.matrix[2][1] 
_pdbx_struct_oper_list.matrix[2][2] 
_pdbx_struct_oper_list.matrix[2][3] 
_pdbx_struct_oper_list.vector[2] 
_pdbx_struct_oper_list.matrix[3][1] 
_pdbx_struct_oper_list.matrix[3][2] 
_pdbx_struct_oper_list.matrix[3][3] 
_pdbx_struct_oper_list.vector[3] 
1 'identity operation'         1_555 x,y,z       1.0000000000 0.0000000000 0.0000000000 0.0000000000 0.0000000000 1.0000000000  0.0000000000 0.0000000000  0.0000000000 0.0000000000 1.0000000000  0.0000000000   
2 'crystal symmetry operation' 2_656 -x+1,y,-z+1 0.4290246525 0.8508232898 0.3033769553 8.8558434187 0.8508232898 -0.4934305232 0.1806268203 -6.9371655563 0.3033769553 0.1806268203 -0.9355941293 -22.2591611698 
# 
_struct_biol.id                    1 
_struct_biol.details               
;The second part of the biological assembly is generated 
by the two fold axis:  -x+1, y, -z+1
;
_struct_biol.pdbx_parent_biol_id   ? 
# 
loop_
_struct_conf.conf_type_id 
_struct_conf.id 
_struct_conf.pdbx_PDB_helix_id 
_struct_conf.beg_label_comp_id 
_struct_conf.beg_label_asym_id 
_struct_conf.beg_label_seq_id 
_struct_conf.pdbx_beg_PDB_ins_code 
_struct_conf.end_label_comp_id 
_struct_conf.end_label_asym_id 
_struct_conf.end_label_seq_id 
_struct_conf.pdbx_end_PDB_ins_code 
_struct_conf.beg_auth_comp_id 
_struct_conf.beg_auth_asym_id 
_struct_conf.beg_auth_seq_id 
_struct_conf.end_auth_comp_id 
_struct_conf.end_auth_asym_id 
_struct_conf.end_auth_seq_id 
_struct_conf.pdbx_PDB_helix_class 
_struct_conf.details 
_struct_conf.pdbx_PDB_helix_length 
HELX_P HELX_P1 1 PRO A 48  ? GLY A 52  ? PRO A 48  GLY A 52  5 ? 5  
HELX_P HELX_P2 2 PHE A 59  ? ILE A 63  ? PHE A 59  ILE A 63  5 ? 5  
HELX_P HELX_P3 3 GLY A 92  ? TRP A 97  ? GLY A 92  TRP A 97  5 ? 6  
HELX_P HELX_P4 4 ARG A 99  ? LYS A 105 ? ARG A 99  LYS A 105 5 ? 7  
HELX_P HELX_P5 5 PHE A 111 ? SER A 118 ? PHE A 111 SER A 118 1 ? 8  
HELX_P HELX_P6 6 GLY A 132 ? ASN A 142 ? GLY A 132 ASN A 142 1 ? 11 
HELX_P HELX_P7 7 ASN A 151 ? VAL A 158 ? ASN A 151 VAL A 158 5 ? 8  
# 
_struct_conf_type.id          HELX_P 
_struct_conf_type.criteria    ? 
_struct_conf_type.reference   ? 
# 
loop_
_struct_sheet.id 
_struct_sheet.type 
_struct_sheet.number_strands 
_struct_sheet.details 
A ? 9 ? 
W ? 2 ? 
# 
loop_
_struct_sheet_order.sheet_id 
_struct_sheet_order.range_id_1 
_struct_sheet_order.range_id_2 
_struct_sheet_order.offset 
_struct_sheet_order.sense 
A 1 2 ? anti-parallel 
A 2 3 ? anti-parallel 
A 3 4 ? anti-parallel 
A 4 5 ? parallel      
A 5 6 ? parallel      
A 6 7 ? parallel      
A 7 8 ? anti-parallel 
A 8 9 ? anti-parallel 
W 1 2 ? anti-parallel 
# 
loop_
_struct_sheet_range.sheet_id 
_struct_sheet_range.id 
_struct_sheet_range.beg_label_comp_id 
_struct_sheet_range.beg_label_asym_id 
_struct_sheet_range.beg_label_seq_id 
_struct_sheet_range.pdbx_beg_PDB_ins_code 
_struct_sheet_range.end_label_comp_id 
_struct_sheet_range.end_label_asym_id 
_struct_sheet_range.end_label_seq_id 
_struct_sheet_range.pdbx_end_PDB_ins_code 
_struct_sheet_range.beg_auth_comp_id 
_struct_sheet_range.beg_auth_asym_id 
_struct_sheet_range.beg_auth_seq_id 
_struct_sheet_range.end_auth_comp_id 
_struct_sheet_range.end_auth_asym_id 
_struct_sheet_range.end_auth_seq_id 
A 1 ILE A 2   ? ASP A 4   ? ILE A 2   ASP A 4   
A 2 ALA A 176 ? ILE A 184 ? ALA A 176 ILE A 184 
A 3 SER A 161 ? PRO A 168 ? SER A 161 PRO A 168 
A 4 ILE A 64  ? SER A 72  ? ILE A 64  SER A 72  
A 5 ILE A 86  ? TYR A 90  ? ILE A 86  TYR A 90  
A 6 CYS A 122 ? ILE A 125 ? CYS A 122 ILE A 125 
A 7 LEU A 145 ? GLU A 148 ? LEU A 145 GLU A 148 
A 8 HIS A 44  ? ASP A 46  ? HIS A 44  ASP A 46  
A 9 ALA A 176 ? ILE A 184 ? ALA A 176 ILE A 184 
W 1 ARG A 21  ? ILE A 27  ? ARG A 21  ILE A 27  
W 2 PHE A 30  ? ILE A 36  ? PHE A 30  ILE A 36  
# 
loop_
_pdbx_struct_sheet_hbond.sheet_id 
_pdbx_struct_sheet_hbond.range_id_1 
_pdbx_struct_sheet_hbond.range_id_2 
_pdbx_struct_sheet_hbond.range_1_label_atom_id 
_pdbx_struct_sheet_hbond.range_1_label_comp_id 
_pdbx_struct_sheet_hbond.range_1_label_asym_id 
_pdbx_struct_sheet_hbond.range_1_label_seq_id 
_pdbx_struct_sheet_hbond.range_1_PDB_ins_code 
_pdbx_struct_sheet_hbond.range_1_auth_atom_id 
_pdbx_struct_sheet_hbond.range_1_auth_comp_id 
_pdbx_struct_sheet_hbond.range_1_auth_asym_id 
_pdbx_struct_sheet_hbond.range_1_auth_seq_id 
_pdbx_struct_sheet_hbond.range_2_label_atom_id 
_pdbx_struct_sheet_hbond.range_2_label_comp_id 
_pdbx_struct_sheet_hbond.range_2_label_asym_id 
_pdbx_struct_sheet_hbond.range_2_label_seq_id 
_pdbx_struct_sheet_hbond.range_2_PDB_ins_code 
_pdbx_struct_sheet_hbond.range_2_auth_atom_id 
_pdbx_struct_sheet_hbond.range_2_auth_comp_id 
_pdbx_struct_sheet_hbond.range_2_auth_asym_id 
_pdbx_struct_sheet_hbond.range_2_auth_seq_id 
A 1 2 N LEU A 3   ? N LEU A 3   O ALA A 183 ? O ALA A 183 
A 2 3 O ILE A 184 ? O ILE A 184 N TYR A 163 ? N TYR A 163 
A 3 4 O GLY A 166 ? O GLY A 166 N ILE A 64  ? N ILE A 64  
A 4 5 N TYR A 69  ? N TYR A 69  O LEU A 88  ? O LEU A 88  
A 5 6 N ILE A 89  ? N ILE A 89  O GLY A 124 ? O GLY A 124 
A 6 7 N VAL A 123 ? N VAL A 123 O ILE A 147 ? O ILE A 147 
A 7 8 O ILE A 146 ? O ILE A 146 N ASP A 46  ? N ASP A 46  
A 8 9 N ILE A 45  ? N ILE A 45  O SER A 177 ? O SER A 177 
W 1 2 N LYS A 25  ? N LYS A 25  O VAL A 32  ? O VAL A 32  
# 
loop_
_pdbx_validate_torsion.id 
_pdbx_validate_torsion.PDB_model_num 
_pdbx_validate_torsion.auth_comp_id 
_pdbx_validate_torsion.auth_asym_id 
_pdbx_validate_torsion.auth_seq_id 
_pdbx_validate_torsion.PDB_ins_code 
_pdbx_validate_torsion.label_alt_id 
_pdbx_validate_torsion.phi 
_pdbx_validate_torsion.psi 
1 1 CYS A 42  ? ? 58.94   -139.08 
2 1 ILE A 57  ? ? -113.92 70.82   
3 1 PRO A 77  ? ? -90.83  -71.29  
4 1 LYS A 170 ? ? -65.90  69.40   
# 
_pdbx_SG_project.id                    1 
_pdbx_SG_project.project_name          'PSI, Protein Structure Initiative' 
_pdbx_SG_project.full_name_of_center   'New York SGX Research Center for Structural Genomics' 
_pdbx_SG_project.initial_of_center     NYSGXRC 
# 
loop_
_pdbx_struct_special_symmetry.id 
_pdbx_struct_special_symmetry.PDB_model_num 
_pdbx_struct_special_symmetry.auth_asym_id 
_pdbx_struct_special_symmetry.auth_comp_id 
_pdbx_struct_special_symmetry.auth_seq_id 
_pdbx_struct_special_symmetry.PDB_ins_code 
_pdbx_struct_special_symmetry.label_asym_id 
_pdbx_struct_special_symmetry.label_comp_id 
_pdbx_struct_special_symmetry.label_seq_id 
1 1 A HOH 249 ? B HOH . 
2 1 A HOH 281 ? B HOH . 
3 1 A HOH 286 ? B HOH . 
# 
loop_
_chem_comp_atom.comp_id 
_chem_comp_atom.atom_id 
_chem_comp_atom.type_symbol 
_chem_comp_atom.pdbx_aromatic_flag 
_chem_comp_atom.pdbx_stereo_config 
_chem_comp_atom.pdbx_ordinal 
ALA N    N N N 1   
ALA CA   C N S 2   
ALA C    C N N 3   
ALA O    O N N 4   
ALA CB   C N N 5   
ALA OXT  O N N 6   
ALA H    H N N 7   
ALA H2   H N N 8   
ALA HA   H N N 9   
ALA HB1  H N N 10  
ALA HB2  H N N 11  
ALA HB3  H N N 12  
ALA HXT  H N N 13  
ARG N    N N N 14  
ARG CA   C N S 15  
ARG C    C N N 16  
ARG O    O N N 17  
ARG CB   C N N 18  
ARG CG   C N N 19  
ARG CD   C N N 20  
ARG NE   N N N 21  
ARG CZ   C N N 22  
ARG NH1  N N N 23  
ARG NH2  N N N 24  
ARG OXT  O N N 25  
ARG H    H N N 26  
ARG H2   H N N 27  
ARG HA   H N N 28  
ARG HB2  H N N 29  
ARG HB3  H N N 30  
ARG HG2  H N N 31  
ARG HG3  H N N 32  
ARG HD2  H N N 33  
ARG HD3  H N N 34  
ARG HE   H N N 35  
ARG HH11 H N N 36  
ARG HH12 H N N 37  
ARG HH21 H N N 38  
ARG HH22 H N N 39  
ARG HXT  H N N 40  
ASN N    N N N 41  
ASN CA   C N S 42  
ASN C    C N N 43  
ASN O    O N N 44  
ASN CB   C N N 45  
ASN CG   C N N 46  
ASN OD1  O N N 47  
ASN ND2  N N N 48  
ASN OXT  O N N 49  
ASN H    H N N 50  
ASN H2   H N N 51  
ASN HA   H N N 52  
ASN HB2  H N N 53  
ASN HB3  H N N 54  
ASN HD21 H N N 55  
ASN HD22 H N N 56  
ASN HXT  H N N 57  
ASP N    N N N 58  
ASP CA   C N S 59  
ASP C    C N N 60  
ASP O    O N N 61  
ASP CB   C N N 62  
ASP CG   C N N 63  
ASP OD1  O N N 64  
ASP OD2  O N N 65  
ASP OXT  O N N 66  
ASP H    H N N 67  
ASP H2   H N N 68  
ASP HA   H N N 69  
ASP HB2  H N N 70  
ASP HB3  H N N 71  
ASP HD2  H N N 72  
ASP HXT  H N N 73  
CYS N    N N N 74  
CYS CA   C N R 75  
CYS C    C N N 76  
CYS O    O N N 77  
CYS CB   C N N 78  
CYS SG   S N N 79  
CYS OXT  O N N 80  
CYS H    H N N 81  
CYS H2   H N N 82  
CYS HA   H N N 83  
CYS HB2  H N N 84  
CYS HB3  H N N 85  
CYS HG   H N N 86  
CYS HXT  H N N 87  
GLN N    N N N 88  
GLN CA   C N S 89  
GLN C    C N N 90  
GLN O    O N N 91  
GLN CB   C N N 92  
GLN CG   C N N 93  
GLN CD   C N N 94  
GLN OE1  O N N 95  
GLN NE2  N N N 96  
GLN OXT  O N N 97  
GLN H    H N N 98  
GLN H2   H N N 99  
GLN HA   H N N 100 
GLN HB2  H N N 101 
GLN HB3  H N N 102 
GLN HG2  H N N 103 
GLN HG3  H N N 104 
GLN HE21 H N N 105 
GLN HE22 H N N 106 
GLN HXT  H N N 107 
GLU N    N N N 108 
GLU CA   C N S 109 
GLU C    C N N 110 
GLU O    O N N 111 
GLU CB   C N N 112 
GLU CG   C N N 113 
GLU CD   C N N 114 
GLU OE1  O N N 115 
GLU OE2  O N N 116 
GLU OXT  O N N 117 
GLU H    H N N 118 
GLU H2   H N N 119 
GLU HA   H N N 120 
GLU HB2  H N N 121 
GLU HB3  H N N 122 
GLU HG2  H N N 123 
GLU HG3  H N N 124 
GLU HE2  H N N 125 
GLU HXT  H N N 126 
GLY N    N N N 127 
GLY CA   C N N 128 
GLY C    C N N 129 
GLY O    O N N 130 
GLY OXT  O N N 131 
GLY H    H N N 132 
GLY H2   H N N 133 
GLY HA2  H N N 134 
GLY HA3  H N N 135 
GLY HXT  H N N 136 
HIS N    N N N 137 
HIS CA   C N S 138 
HIS C    C N N 139 
HIS O    O N N 140 
HIS CB   C N N 141 
HIS CG   C Y N 142 
HIS ND1  N Y N 143 
HIS CD2  C Y N 144 
HIS CE1  C Y N 145 
HIS NE2  N Y N 146 
HIS OXT  O N N 147 
HIS H    H N N 148 
HIS H2   H N N 149 
HIS HA   H N N 150 
HIS HB2  H N N 151 
HIS HB3  H N N 152 
HIS HD1  H N N 153 
HIS HD2  H N N 154 
HIS HE1  H N N 155 
HIS HE2  H N N 156 
HIS HXT  H N N 157 
HOH O    O N N 158 
HOH H1   H N N 159 
HOH H2   H N N 160 
ILE N    N N N 161 
ILE CA   C N S 162 
ILE C    C N N 163 
ILE O    O N N 164 
ILE CB   C N S 165 
ILE CG1  C N N 166 
ILE CG2  C N N 167 
ILE CD1  C N N 168 
ILE OXT  O N N 169 
ILE H    H N N 170 
ILE H2   H N N 171 
ILE HA   H N N 172 
ILE HB   H N N 173 
ILE HG12 H N N 174 
ILE HG13 H N N 175 
ILE HG21 H N N 176 
ILE HG22 H N N 177 
ILE HG23 H N N 178 
ILE HD11 H N N 179 
ILE HD12 H N N 180 
ILE HD13 H N N 181 
ILE HXT  H N N 182 
LEU N    N N N 183 
LEU CA   C N S 184 
LEU C    C N N 185 
LEU O    O N N 186 
LEU CB   C N N 187 
LEU CG   C N N 188 
LEU CD1  C N N 189 
LEU CD2  C N N 190 
LEU OXT  O N N 191 
LEU H    H N N 192 
LEU H2   H N N 193 
LEU HA   H N N 194 
LEU HB2  H N N 195 
LEU HB3  H N N 196 
LEU HG   H N N 197 
LEU HD11 H N N 198 
LEU HD12 H N N 199 
LEU HD13 H N N 200 
LEU HD21 H N N 201 
LEU HD22 H N N 202 
LEU HD23 H N N 203 
LEU HXT  H N N 204 
LYS N    N N N 205 
LYS CA   C N S 206 
LYS C    C N N 207 
LYS O    O N N 208 
LYS CB   C N N 209 
LYS CG   C N N 210 
LYS CD   C N N 211 
LYS CE   C N N 212 
LYS NZ   N N N 213 
LYS OXT  O N N 214 
LYS H    H N N 215 
LYS H2   H N N 216 
LYS HA   H N N 217 
LYS HB2  H N N 218 
LYS HB3  H N N 219 
LYS HG2  H N N 220 
LYS HG3  H N N 221 
LYS HD2  H N N 222 
LYS HD3  H N N 223 
LYS HE2  H N N 224 
LYS HE3  H N N 225 
LYS HZ1  H N N 226 
LYS HZ2  H N N 227 
LYS HZ3  H N N 228 
LYS HXT  H N N 229 
MET N    N N N 230 
MET CA   C N S 231 
MET C    C N N 232 
MET O    O N N 233 
MET CB   C N N 234 
MET CG   C N N 235 
MET SD   S N N 236 
MET CE   C N N 237 
MET OXT  O N N 238 
MET H    H N N 239 
MET H2   H N N 240 
MET HA   H N N 241 
MET HB2  H N N 242 
MET HB3  H N N 243 
MET HG2  H N N 244 
MET HG3  H N N 245 
MET HE1  H N N 246 
MET HE2  H N N 247 
MET HE3  H N N 248 
MET HXT  H N N 249 
PHE N    N N N 250 
PHE CA   C N S 251 
PHE C    C N N 252 
PHE O    O N N 253 
PHE CB   C N N 254 
PHE CG   C Y N 255 
PHE CD1  C Y N 256 
PHE CD2  C Y N 257 
PHE CE1  C Y N 258 
PHE CE2  C Y N 259 
PHE CZ   C Y N 260 
PHE OXT  O N N 261 
PHE H    H N N 262 
PHE H2   H N N 263 
PHE HA   H N N 264 
PHE HB2  H N N 265 
PHE HB3  H N N 266 
PHE HD1  H N N 267 
PHE HD2  H N N 268 
PHE HE1  H N N 269 
PHE HE2  H N N 270 
PHE HZ   H N N 271 
PHE HXT  H N N 272 
PRO N    N N N 273 
PRO CA   C N S 274 
PRO C    C N N 275 
PRO O    O N N 276 
PRO CB   C N N 277 
PRO CG   C N N 278 
PRO CD   C N N 279 
PRO OXT  O N N 280 
PRO H    H N N 281 
PRO HA   H N N 282 
PRO HB2  H N N 283 
PRO HB3  H N N 284 
PRO HG2  H N N 285 
PRO HG3  H N N 286 
PRO HD2  H N N 287 
PRO HD3  H N N 288 
PRO HXT  H N N 289 
SER N    N N N 290 
SER CA   C N S 291 
SER C    C N N 292 
SER O    O N N 293 
SER CB   C N N 294 
SER OG   O N N 295 
SER OXT  O N N 296 
SER H    H N N 297 
SER H2   H N N 298 
SER HA   H N N 299 
SER HB2  H N N 300 
SER HB3  H N N 301 
SER HG   H N N 302 
SER HXT  H N N 303 
THR N    N N N 304 
THR CA   C N S 305 
THR C    C N N 306 
THR O    O N N 307 
THR CB   C N R 308 
THR OG1  O N N 309 
THR CG2  C N N 310 
THR OXT  O N N 311 
THR H    H N N 312 
THR H2   H N N 313 
THR HA   H N N 314 
THR HB   H N N 315 
THR HG1  H N N 316 
THR HG21 H N N 317 
THR HG22 H N N 318 
THR HG23 H N N 319 
THR HXT  H N N 320 
TRP N    N N N 321 
TRP CA   C N S 322 
TRP C    C N N 323 
TRP O    O N N 324 
TRP CB   C N N 325 
TRP CG   C Y N 326 
TRP CD1  C Y N 327 
TRP CD2  C Y N 328 
TRP NE1  N Y N 329 
TRP CE2  C Y N 330 
TRP CE3  C Y N 331 
TRP CZ2  C Y N 332 
TRP CZ3  C Y N 333 
TRP CH2  C Y N 334 
TRP OXT  O N N 335 
TRP H    H N N 336 
TRP H2   H N N 337 
TRP HA   H N N 338 
TRP HB2  H N N 339 
TRP HB3  H N N 340 
TRP HD1  H N N 341 
TRP HE1  H N N 342 
TRP HE3  H N N 343 
TRP HZ2  H N N 344 
TRP HZ3  H N N 345 
TRP HH2  H N N 346 
TRP HXT  H N N 347 
TYR N    N N N 348 
TYR CA   C N S 349 
TYR C    C N N 350 
TYR O    O N N 351 
TYR CB   C N N 352 
TYR CG   C Y N 353 
TYR CD1  C Y N 354 
TYR CD2  C Y N 355 
TYR CE1  C Y N 356 
TYR CE2  C Y N 357 
TYR CZ   C Y N 358 
TYR OH   O N N 359 
TYR OXT  O N N 360 
TYR H    H N N 361 
TYR H2   H N N 362 
TYR HA   H N N 363 
TYR HB2  H N N 364 
TYR HB3  H N N 365 
TYR HD1  H N N 366 
TYR HD2  H N N 367 
TYR HE1  H N N 368 
TYR HE2  H N N 369 
TYR HH   H N N 370 
TYR HXT  H N N 371 
VAL N    N N N 372 
VAL CA   C N S 373 
VAL C    C N N 374 
VAL O    O N N 375 
VAL CB   C N N 376 
VAL CG1  C N N 377 
VAL CG2  C N N 378 
VAL OXT  O N N 379 
VAL H    H N N 380 
VAL H2   H N N 381 
VAL HA   H N N 382 
VAL HB   H N N 383 
VAL HG11 H N N 384 
VAL HG12 H N N 385 
VAL HG13 H N N 386 
VAL HG21 H N N 387 
VAL HG22 H N N 388 
VAL HG23 H N N 389 
VAL HXT  H N N 390 
# 
loop_
_chem_comp_bond.comp_id 
_chem_comp_bond.atom_id_1 
_chem_comp_bond.atom_id_2 
_chem_comp_bond.value_order 
_chem_comp_bond.pdbx_aromatic_flag 
_chem_comp_bond.pdbx_stereo_config 
_chem_comp_bond.pdbx_ordinal 
ALA N   CA   sing N N 1   
ALA N   H    sing N N 2   
ALA N   H2   sing N N 3   
ALA CA  C    sing N N 4   
ALA CA  CB   sing N N 5   
ALA CA  HA   sing N N 6   
ALA C   O    doub N N 7   
ALA C   OXT  sing N N 8   
ALA CB  HB1  sing N N 9   
ALA CB  HB2  sing N N 10  
ALA CB  HB3  sing N N 11  
ALA OXT HXT  sing N N 12  
ARG N   CA   sing N N 13  
ARG N   H    sing N N 14  
ARG N   H2   sing N N 15  
ARG CA  C    sing N N 16  
ARG CA  CB   sing N N 17  
ARG CA  HA   sing N N 18  
ARG C   O    doub N N 19  
ARG C   OXT  sing N N 20  
ARG CB  CG   sing N N 21  
ARG CB  HB2  sing N N 22  
ARG CB  HB3  sing N N 23  
ARG CG  CD   sing N N 24  
ARG CG  HG2  sing N N 25  
ARG CG  HG3  sing N N 26  
ARG CD  NE   sing N N 27  
ARG CD  HD2  sing N N 28  
ARG CD  HD3  sing N N 29  
ARG NE  CZ   sing N N 30  
ARG NE  HE   sing N N 31  
ARG CZ  NH1  sing N N 32  
ARG CZ  NH2  doub N N 33  
ARG NH1 HH11 sing N N 34  
ARG NH1 HH12 sing N N 35  
ARG NH2 HH21 sing N N 36  
ARG NH2 HH22 sing N N 37  
ARG OXT HXT  sing N N 38  
ASN N   CA   sing N N 39  
ASN N   H    sing N N 40  
ASN N   H2   sing N N 41  
ASN CA  C    sing N N 42  
ASN CA  CB   sing N N 43  
ASN CA  HA   sing N N 44  
ASN C   O    doub N N 45  
ASN C   OXT  sing N N 46  
ASN CB  CG   sing N N 47  
ASN CB  HB2  sing N N 48  
ASN CB  HB3  sing N N 49  
ASN CG  OD1  doub N N 50  
ASN CG  ND2  sing N N 51  
ASN ND2 HD21 sing N N 52  
ASN ND2 HD22 sing N N 53  
ASN OXT HXT  sing N N 54  
ASP N   CA   sing N N 55  
ASP N   H    sing N N 56  
ASP N   H2   sing N N 57  
ASP CA  C    sing N N 58  
ASP CA  CB   sing N N 59  
ASP CA  HA   sing N N 60  
ASP C   O    doub N N 61  
ASP C   OXT  sing N N 62  
ASP CB  CG   sing N N 63  
ASP CB  HB2  sing N N 64  
ASP CB  HB3  sing N N 65  
ASP CG  OD1  doub N N 66  
ASP CG  OD2  sing N N 67  
ASP OD2 HD2  sing N N 68  
ASP OXT HXT  sing N N 69  
CYS N   CA   sing N N 70  
CYS N   H    sing N N 71  
CYS N   H2   sing N N 72  
CYS CA  C    sing N N 73  
CYS CA  CB   sing N N 74  
CYS CA  HA   sing N N 75  
CYS C   O    doub N N 76  
CYS C   OXT  sing N N 77  
CYS CB  SG   sing N N 78  
CYS CB  HB2  sing N N 79  
CYS CB  HB3  sing N N 80  
CYS SG  HG   sing N N 81  
CYS OXT HXT  sing N N 82  
GLN N   CA   sing N N 83  
GLN N   H    sing N N 84  
GLN N   H2   sing N N 85  
GLN CA  C    sing N N 86  
GLN CA  CB   sing N N 87  
GLN CA  HA   sing N N 88  
GLN C   O    doub N N 89  
GLN C   OXT  sing N N 90  
GLN CB  CG   sing N N 91  
GLN CB  HB2  sing N N 92  
GLN CB  HB3  sing N N 93  
GLN CG  CD   sing N N 94  
GLN CG  HG2  sing N N 95  
GLN CG  HG3  sing N N 96  
GLN CD  OE1  doub N N 97  
GLN CD  NE2  sing N N 98  
GLN NE2 HE21 sing N N 99  
GLN NE2 HE22 sing N N 100 
GLN OXT HXT  sing N N 101 
GLU N   CA   sing N N 102 
GLU N   H    sing N N 103 
GLU N   H2   sing N N 104 
GLU CA  C    sing N N 105 
GLU CA  CB   sing N N 106 
GLU CA  HA   sing N N 107 
GLU C   O    doub N N 108 
GLU C   OXT  sing N N 109 
GLU CB  CG   sing N N 110 
GLU CB  HB2  sing N N 111 
GLU CB  HB3  sing N N 112 
GLU CG  CD   sing N N 113 
GLU CG  HG2  sing N N 114 
GLU CG  HG3  sing N N 115 
GLU CD  OE1  doub N N 116 
GLU CD  OE2  sing N N 117 
GLU OE2 HE2  sing N N 118 
GLU OXT HXT  sing N N 119 
GLY N   CA   sing N N 120 
GLY N   H    sing N N 121 
GLY N   H2   sing N N 122 
GLY CA  C    sing N N 123 
GLY CA  HA2  sing N N 124 
GLY CA  HA3  sing N N 125 
GLY C   O    doub N N 126 
GLY C   OXT  sing N N 127 
GLY OXT HXT  sing N N 128 
HIS N   CA   sing N N 129 
HIS N   H    sing N N 130 
HIS N   H2   sing N N 131 
HIS CA  C    sing N N 132 
HIS CA  CB   sing N N 133 
HIS CA  HA   sing N N 134 
HIS C   O    doub N N 135 
HIS C   OXT  sing N N 136 
HIS CB  CG   sing N N 137 
HIS CB  HB2  sing N N 138 
HIS CB  HB3  sing N N 139 
HIS CG  ND1  sing Y N 140 
HIS CG  CD2  doub Y N 141 
HIS ND1 CE1  doub Y N 142 
HIS ND1 HD1  sing N N 143 
HIS CD2 NE2  sing Y N 144 
HIS CD2 HD2  sing N N 145 
HIS CE1 NE2  sing Y N 146 
HIS CE1 HE1  sing N N 147 
HIS NE2 HE2  sing N N 148 
HIS OXT HXT  sing N N 149 
HOH O   H1   sing N N 150 
HOH O   H2   sing N N 151 
ILE N   CA   sing N N 152 
ILE N   H    sing N N 153 
ILE N   H2   sing N N 154 
ILE CA  C    sing N N 155 
ILE CA  CB   sing N N 156 
ILE CA  HA   sing N N 157 
ILE C   O    doub N N 158 
ILE C   OXT  sing N N 159 
ILE CB  CG1  sing N N 160 
ILE CB  CG2  sing N N 161 
ILE CB  HB   sing N N 162 
ILE CG1 CD1  sing N N 163 
ILE CG1 HG12 sing N N 164 
ILE CG1 HG13 sing N N 165 
ILE CG2 HG21 sing N N 166 
ILE CG2 HG22 sing N N 167 
ILE CG2 HG23 sing N N 168 
ILE CD1 HD11 sing N N 169 
ILE CD1 HD12 sing N N 170 
ILE CD1 HD13 sing N N 171 
ILE OXT HXT  sing N N 172 
LEU N   CA   sing N N 173 
LEU N   H    sing N N 174 
LEU N   H2   sing N N 175 
LEU CA  C    sing N N 176 
LEU CA  CB   sing N N 177 
LEU CA  HA   sing N N 178 
LEU C   O    doub N N 179 
LEU C   OXT  sing N N 180 
LEU CB  CG   sing N N 181 
LEU CB  HB2  sing N N 182 
LEU CB  HB3  sing N N 183 
LEU CG  CD1  sing N N 184 
LEU CG  CD2  sing N N 185 
LEU CG  HG   sing N N 186 
LEU CD1 HD11 sing N N 187 
LEU CD1 HD12 sing N N 188 
LEU CD1 HD13 sing N N 189 
LEU CD2 HD21 sing N N 190 
LEU CD2 HD22 sing N N 191 
LEU CD2 HD23 sing N N 192 
LEU OXT HXT  sing N N 193 
LYS N   CA   sing N N 194 
LYS N   H    sing N N 195 
LYS N   H2   sing N N 196 
LYS CA  C    sing N N 197 
LYS CA  CB   sing N N 198 
LYS CA  HA   sing N N 199 
LYS C   O    doub N N 200 
LYS C   OXT  sing N N 201 
LYS CB  CG   sing N N 202 
LYS CB  HB2  sing N N 203 
LYS CB  HB3  sing N N 204 
LYS CG  CD   sing N N 205 
LYS CG  HG2  sing N N 206 
LYS CG  HG3  sing N N 207 
LYS CD  CE   sing N N 208 
LYS CD  HD2  sing N N 209 
LYS CD  HD3  sing N N 210 
LYS CE  NZ   sing N N 211 
LYS CE  HE2  sing N N 212 
LYS CE  HE3  sing N N 213 
LYS NZ  HZ1  sing N N 214 
LYS NZ  HZ2  sing N N 215 
LYS NZ  HZ3  sing N N 216 
LYS OXT HXT  sing N N 217 
MET N   CA   sing N N 218 
MET N   H    sing N N 219 
MET N   H2   sing N N 220 
MET CA  C    sing N N 221 
MET CA  CB   sing N N 222 
MET CA  HA   sing N N 223 
MET C   O    doub N N 224 
MET C   OXT  sing N N 225 
MET CB  CG   sing N N 226 
MET CB  HB2  sing N N 227 
MET CB  HB3  sing N N 228 
MET CG  SD   sing N N 229 
MET CG  HG2  sing N N 230 
MET CG  HG3  sing N N 231 
MET SD  CE   sing N N 232 
MET CE  HE1  sing N N 233 
MET CE  HE2  sing N N 234 
MET CE  HE3  sing N N 235 
MET OXT HXT  sing N N 236 
PHE N   CA   sing N N 237 
PHE N   H    sing N N 238 
PHE N   H2   sing N N 239 
PHE CA  C    sing N N 240 
PHE CA  CB   sing N N 241 
PHE CA  HA   sing N N 242 
PHE C   O    doub N N 243 
PHE C   OXT  sing N N 244 
PHE CB  CG   sing N N 245 
PHE CB  HB2  sing N N 246 
PHE CB  HB3  sing N N 247 
PHE CG  CD1  doub Y N 248 
PHE CG  CD2  sing Y N 249 
PHE CD1 CE1  sing Y N 250 
PHE CD1 HD1  sing N N 251 
PHE CD2 CE2  doub Y N 252 
PHE CD2 HD2  sing N N 253 
PHE CE1 CZ   doub Y N 254 
PHE CE1 HE1  sing N N 255 
PHE CE2 CZ   sing Y N 256 
PHE CE2 HE2  sing N N 257 
PHE CZ  HZ   sing N N 258 
PHE OXT HXT  sing N N 259 
PRO N   CA   sing N N 260 
PRO N   CD   sing N N 261 
PRO N   H    sing N N 262 
PRO CA  C    sing N N 263 
PRO CA  CB   sing N N 264 
PRO CA  HA   sing N N 265 
PRO C   O    doub N N 266 
PRO C   OXT  sing N N 267 
PRO CB  CG   sing N N 268 
PRO CB  HB2  sing N N 269 
PRO CB  HB3  sing N N 270 
PRO CG  CD   sing N N 271 
PRO CG  HG2  sing N N 272 
PRO CG  HG3  sing N N 273 
PRO CD  HD2  sing N N 274 
PRO CD  HD3  sing N N 275 
PRO OXT HXT  sing N N 276 
SER N   CA   sing N N 277 
SER N   H    sing N N 278 
SER N   H2   sing N N 279 
SER CA  C    sing N N 280 
SER CA  CB   sing N N 281 
SER CA  HA   sing N N 282 
SER C   O    doub N N 283 
SER C   OXT  sing N N 284 
SER CB  OG   sing N N 285 
SER CB  HB2  sing N N 286 
SER CB  HB3  sing N N 287 
SER OG  HG   sing N N 288 
SER OXT HXT  sing N N 289 
THR N   CA   sing N N 290 
THR N   H    sing N N 291 
THR N   H2   sing N N 292 
THR CA  C    sing N N 293 
THR CA  CB   sing N N 294 
THR CA  HA   sing N N 295 
THR C   O    doub N N 296 
THR C   OXT  sing N N 297 
THR CB  OG1  sing N N 298 
THR CB  CG2  sing N N 299 
THR CB  HB   sing N N 300 
THR OG1 HG1  sing N N 301 
THR CG2 HG21 sing N N 302 
THR CG2 HG22 sing N N 303 
THR CG2 HG23 sing N N 304 
THR OXT HXT  sing N N 305 
TRP N   CA   sing N N 306 
TRP N   H    sing N N 307 
TRP N   H2   sing N N 308 
TRP CA  C    sing N N 309 
TRP CA  CB   sing N N 310 
TRP CA  HA   sing N N 311 
TRP C   O    doub N N 312 
TRP C   OXT  sing N N 313 
TRP CB  CG   sing N N 314 
TRP CB  HB2  sing N N 315 
TRP CB  HB3  sing N N 316 
TRP CG  CD1  doub Y N 317 
TRP CG  CD2  sing Y N 318 
TRP CD1 NE1  sing Y N 319 
TRP CD1 HD1  sing N N 320 
TRP CD2 CE2  doub Y N 321 
TRP CD2 CE3  sing Y N 322 
TRP NE1 CE2  sing Y N 323 
TRP NE1 HE1  sing N N 324 
TRP CE2 CZ2  sing Y N 325 
TRP CE3 CZ3  doub Y N 326 
TRP CE3 HE3  sing N N 327 
TRP CZ2 CH2  doub Y N 328 
TRP CZ2 HZ2  sing N N 329 
TRP CZ3 CH2  sing Y N 330 
TRP CZ3 HZ3  sing N N 331 
TRP CH2 HH2  sing N N 332 
TRP OXT HXT  sing N N 333 
TYR N   CA   sing N N 334 
TYR N   H    sing N N 335 
TYR N   H2   sing N N 336 
TYR CA  C    sing N N 337 
TYR CA  CB   sing N N 338 
TYR CA  HA   sing N N 339 
TYR C   O    doub N N 340 
TYR C   OXT  sing N N 341 
TYR CB  CG   sing N N 342 
TYR CB  HB2  sing N N 343 
TYR CB  HB3  sing N N 344 
TYR CG  CD1  doub Y N 345 
TYR CG  CD2  sing Y N 346 
TYR CD1 CE1  sing Y N 347 
TYR CD1 HD1  sing N N 348 
TYR CD2 CE2  doub Y N 349 
TYR CD2 HD2  sing N N 350 
TYR CE1 CZ   doub Y N 351 
TYR CE1 HE1  sing N N 352 
TYR CE2 CZ   sing Y N 353 
TYR CE2 HE2  sing N N 354 
TYR CZ  OH   sing N N 355 
TYR OH  HH   sing N N 356 
TYR OXT HXT  sing N N 357 
VAL N   CA   sing N N 358 
VAL N   H    sing N N 359 
VAL N   H2   sing N N 360 
VAL CA  C    sing N N 361 
VAL CA  CB   sing N N 362 
VAL CA  HA   sing N N 363 
VAL C   O    doub N N 364 
VAL C   OXT  sing N N 365 
VAL CB  CG1  sing N N 366 
VAL CB  CG2  sing N N 367 
VAL CB  HB   sing N N 368 
VAL CG1 HG11 sing N N 369 
VAL CG1 HG12 sing N N 370 
VAL CG1 HG13 sing N N 371 
VAL CG2 HG21 sing N N 372 
VAL CG2 HG22 sing N N 373 
VAL CG2 HG23 sing N N 374 
VAL OXT HXT  sing N N 375 
# 
_atom_sites.entry_id                    2B0A 
_atom_sites.fract_transf_matrix[1][1]   0.00929327 
_atom_sites.fract_transf_matrix[1][2]   -0.01313076 
_atom_sites.fract_transf_matrix[1][3]   -0.00694960 
_atom_sites.fract_transf_matrix[2][1]   -0.01155425 
_atom_sites.fract_transf_matrix[2][2]   -0.00687925 
_atom_sites.fract_transf_matrix[2][3]   -0.00245293 
_atom_sites.fract_transf_matrix[3][1]   0.00596042 
_atom_sites.fract_transf_matrix[3][2]   -0.00115575 
_atom_sites.fract_transf_matrix[3][3]   -0.02483461 
_atom_sites.fract_transf_vector[1]      0.335952 
_atom_sites.fract_transf_vector[2]      0.647867 
_atom_sites.fract_transf_vector[3]      0.193199 
# 
loop_
_atom_type.symbol 
C 
N 
O 
S 
# 
loop_
_atom_site.group_PDB 
_atom_site.id 
_atom_site.type_symbol 
_atom_site.label_atom_id 
_atom_site.label_alt_id 
_atom_site.label_comp_id 
_atom_site.label_asym_id 
_atom_site.label_entity_id 
_atom_site.label_seq_id 
_atom_site.pdbx_PDB_ins_code 
_atom_site.Cartn_x 
_atom_site.Cartn_y 
_atom_site.Cartn_z 
_atom_site.occupancy 
_atom_site.B_iso_or_equiv 
_atom_site.pdbx_formal_charge 
_atom_site.auth_seq_id 
_atom_site.auth_comp_id 
_atom_site.auth_asym_id 
_atom_site.auth_atom_id 
_atom_site.pdbx_PDB_model_num 
ATOM   1    N N   . GLU A 1 1   ? 21.015  -2.438  -0.768  1.00 51.17 ? 1   GLU A N   1 
ATOM   2    C CA  . GLU A 1 1   ? 20.745  -1.979  -2.160  1.00 46.06 ? 1   GLU A CA  1 
ATOM   3    C C   . GLU A 1 1   ? 19.223  -1.830  -2.379  1.00 34.68 ? 1   GLU A C   1 
ATOM   4    O O   . GLU A 1 1   ? 18.674  -0.788  -2.040  1.00 36.74 ? 1   GLU A O   1 
ATOM   5    C CB  . GLU A 1 1   ? 21.395  -2.934  -3.171  1.00 59.38 ? 1   GLU A CB  1 
ATOM   6    C CG  . GLU A 1 1   ? 21.183  -2.575  -4.637  1.00 60.59 ? 1   GLU A CG  1 
ATOM   7    C CD  . GLU A 1 1   ? 21.509  -1.134  -4.936  1.00 66.80 ? 1   GLU A CD  1 
ATOM   8    O OE1 . GLU A 1 1   ? 21.273  -0.702  -6.085  1.00 69.97 ? 1   GLU A OE1 1 
ATOM   9    O OE2 . GLU A 1 1   ? 22.004  -0.435  -4.023  1.00 69.20 ? 1   GLU A OE2 1 
ATOM   10   N N   . ILE A 1 2   ? 18.559  -2.857  -2.917  1.00 35.16 ? 2   ILE A N   1 
ATOM   11   C CA  . ILE A 1 2   ? 17.092  -2.831  -3.091  1.00 32.54 ? 2   ILE A CA  1 
ATOM   12   C C   . ILE A 1 2   ? 16.398  -3.799  -2.140  1.00 25.43 ? 2   ILE A C   1 
ATOM   13   O O   . ILE A 1 2   ? 16.716  -4.988  -2.091  1.00 33.77 ? 2   ILE A O   1 
ATOM   14   C CB  . ILE A 1 2   ? 16.688  -3.188  -4.534  1.00 32.95 ? 2   ILE A CB  1 
ATOM   15   C CG1 . ILE A 1 2   ? 17.338  -2.220  -5.510  1.00 35.88 ? 2   ILE A CG1 1 
ATOM   16   C CG2 . ILE A 1 2   ? 15.140  -3.188  -4.699  1.00 31.95 ? 2   ILE A CG2 1 
ATOM   17   C CD1 . ILE A 1 2   ? 16.934  -2.438  -6.930  1.00 41.14 ? 2   ILE A CD1 1 
ATOM   18   N N   . LEU A 1 3   ? 15.419  -3.287  -1.384  1.00 25.00 ? 3   LEU A N   1 
ATOM   19   C CA  . LEU A 1 3   ? 14.621  -4.100  -0.481  1.00 26.33 ? 3   LEU A CA  1 
ATOM   20   C C   . LEU A 1 3   ? 13.171  -4.187  -1.016  1.00 25.00 ? 3   LEU A C   1 
ATOM   21   O O   . LEU A 1 3   ? 12.556  -3.145  -1.263  1.00 24.19 ? 3   LEU A O   1 
ATOM   22   C CB  . LEU A 1 3   ? 14.664  -3.475  0.918   1.00 30.11 ? 3   LEU A CB  1 
ATOM   23   C CG  . LEU A 1 3   ? 14.133  -4.273  2.088   1.00 34.41 ? 3   LEU A CG  1 
ATOM   24   C CD1 . LEU A 1 3   ? 14.882  -5.579  2.257   1.00 40.98 ? 3   LEU A CD1 1 
ATOM   25   C CD2 . LEU A 1 3   ? 14.261  -3.409  3.349   1.00 35.49 ? 3   LEU A CD2 1 
ATOM   26   N N   . ASP A 1 4   ? 12.665  -5.400  -1.228  1.00 26.56 ? 4   ASP A N   1 
ATOM   27   C CA  . ASP A 1 4   ? 11.299  -5.573  -1.757  1.00 24.29 ? 4   ASP A CA  1 
ATOM   28   C C   . ASP A 1 4   ? 10.302  -5.525  -0.590  1.00 21.59 ? 4   ASP A C   1 
ATOM   29   O O   . ASP A 1 4   ? 10.401  -6.289  0.365   1.00 24.26 ? 4   ASP A O   1 
ATOM   30   C CB  . ASP A 1 4   ? 11.203  -6.900  -2.522  1.00 23.62 ? 4   ASP A CB  1 
ATOM   31   C CG  . ASP A 1 4   ? 9.880   -7.079  -3.307  1.00 24.58 ? 4   ASP A CG  1 
ATOM   32   O OD1 . ASP A 1 4   ? 9.065   -6.132  -3.424  1.00 26.08 ? 4   ASP A OD1 1 
ATOM   33   O OD2 . ASP A 1 4   ? 9.704   -8.222  -3.811  1.00 27.42 ? 4   ASP A OD2 1 
ATOM   34   N N   . LEU A 1 5   ? 9.322   -4.634  -0.701  1.00 22.37 ? 5   LEU A N   1 
ATOM   35   C CA  . LEU A 1 5   ? 8.337   -4.400  0.347   1.00 21.94 ? 5   LEU A CA  1 
ATOM   36   C C   . LEU A 1 5   ? 6.990   -4.978  -0.026  1.00 19.39 ? 5   LEU A C   1 
ATOM   37   O O   . LEU A 1 5   ? 6.025   -4.825  0.703   1.00 20.44 ? 5   LEU A O   1 
ATOM   38   C CB  . LEU A 1 5   ? 8.205   -2.901  0.564   1.00 22.21 ? 5   LEU A CB  1 
ATOM   39   C CG  . LEU A 1 5   ? 9.499   -2.080  0.724   1.00 23.67 ? 5   LEU A CG  1 
ATOM   40   C CD1 . LEU A 1 5   ? 9.201   -0.610  0.951   1.00 28.05 ? 5   LEU A CD1 1 
ATOM   41   C CD2 . LEU A 1 5   ? 10.416  -2.661  1.786   1.00 25.08 ? 5   LEU A CD2 1 
ATOM   42   N N   . THR A 1 6   ? 6.929   -5.709  -1.119  1.00 19.18 ? 6   THR A N   1 
ATOM   43   C CA  . THR A 1 6   ? 5.687   -6.257  -1.647  1.00 20.22 ? 6   THR A CA  1 
ATOM   44   C C   . THR A 1 6   ? 5.431   -7.661  -1.115  1.00 22.78 ? 6   THR A C   1 
ATOM   45   O O   . THR A 1 6   ? 6.359   -8.470  -1.018  1.00 22.05 ? 6   THR A O   1 
ATOM   46   C CB  . THR A 1 6   ? 5.773   -6.360  -3.178  1.00 19.71 ? 6   THR A CB  1 
ATOM   47   O OG1 . THR A 1 6   ? 6.379   -5.163  -3.721  1.00 24.95 ? 6   THR A OG1 1 
ATOM   48   C CG2 . THR A 1 6   ? 4.433   -6.624  -3.819  1.00 21.04 ? 6   THR A CG2 1 
ATOM   49   N N   . GLN A 1 7   ? 4.180   -7.973  -0.780  1.00 18.42 ? 7   GLN A N   1 
ATOM   50   C CA  . GLN A 1 7   ? 3.793   -9.358  -0.550  1.00 20.78 ? 7   GLN A CA  1 
ATOM   51   C C   . GLN A 1 7   ? 3.672   -10.144 -1.869  1.00 22.77 ? 7   GLN A C   1 
ATOM   52   O O   . GLN A 1 7   ? 3.180   -9.625  -2.870  1.00 21.55 ? 7   GLN A O   1 
ATOM   53   C CB  . GLN A 1 7   ? 2.468   -9.442  0.217   1.00 23.57 ? 7   GLN A CB  1 
ATOM   54   C CG  . GLN A 1 7   ? 2.429   -8.762  1.567   1.00 21.69 ? 7   GLN A CG  1 
ATOM   55   C CD  . GLN A 1 7   ? 3.258   -9.487  2.628   1.00 23.86 ? 7   GLN A CD  1 
ATOM   56   O OE1 . GLN A 1 7   ? 4.062   -10.379 2.328   1.00 24.86 ? 7   GLN A OE1 1 
ATOM   57   N NE2 . GLN A 1 7   ? 3.072   -9.098  3.891   1.00 25.88 ? 7   GLN A NE2 1 
ATOM   58   N N   . THR A 1 8   ? 4.066   -11.423 -1.851  1.00 21.30 ? 8   THR A N   1 
ATOM   59   C CA  . THR A 1 8   ? 3.810   -12.306 -2.962  1.00 23.42 ? 8   THR A CA  1 
ATOM   60   C C   . THR A 1 8   ? 2.325   -12.405 -3.158  1.00 27.03 ? 8   THR A C   1 
ATOM   61   O O   . THR A 1 8   ? 1.556   -12.550 -2.186  1.00 23.24 ? 8   THR A O   1 
ATOM   62   C CB  . THR A 1 8   ? 4.415   -13.711 -2.691  1.00 27.92 ? 8   THR A CB  1 
ATOM   63   O OG1 . THR A 1 8   ? 5.825   -13.565 -2.530  1.00 28.90 ? 8   THR A OG1 1 
ATOM   64   C CG2 . THR A 1 8   ? 4.113   -14.674 -3.827  1.00 31.98 ? 8   THR A CG2 1 
ATOM   65   N N   . LEU A 1 9   ? 1.901   -12.342 -4.404  1.00 24.27 ? 9   LEU A N   1 
ATOM   66   C CA  . LEU A 1 9   ? 0.492   -12.437 -4.753  1.00 24.45 ? 9   LEU A CA  1 
ATOM   67   C C   . LEU A 1 9   ? 0.001   -13.836 -4.439  1.00 29.45 ? 9   LEU A C   1 
ATOM   68   O O   . LEU A 1 9   ? 0.502   -14.831 -4.971  1.00 29.66 ? 9   LEU A O   1 
ATOM   69   C CB  . LEU A 1 9   ? 0.239   -12.102 -6.236  1.00 29.17 ? 9   LEU A CB  1 
ATOM   70   C CG  . LEU A 1 9   ? -1.202  -11.774 -6.642  1.00 32.62 ? 9   LEU A CG  1 
ATOM   71   C CD1 . LEU A 1 9   ? -1.673  -10.474 -6.062  1.00 40.73 ? 9   LEU A CD1 1 
ATOM   72   C CD2 . LEU A 1 9   ? -1.288  -11.735 -8.158  1.00 37.48 ? 9   LEU A CD2 1 
ATOM   73   N N   . ILE A 1 10  ? -0.998  -13.893 -3.569  1.00 23.88 ? 10  ILE A N   1 
ATOM   74   C CA  . ILE A 1 10  ? -1.592  -15.140 -3.132  1.00 24.21 ? 10  ILE A CA  1 
ATOM   75   C C   . ILE A 1 10  ? -3.094  -14.924 -3.024  1.00 25.02 ? 10  ILE A C   1 
ATOM   76   O O   . ILE A 1 10  ? -3.588  -13.794 -3.042  1.00 23.53 ? 10  ILE A O   1 
ATOM   77   C CB  . ILE A 1 10  ? -1.021  -15.606 -1.785  1.00 26.75 ? 10  ILE A CB  1 
ATOM   78   C CG1 . ILE A 1 10  ? -1.199  -14.520 -0.719  1.00 24.78 ? 10  ILE A CG1 1 
ATOM   79   C CG2 . ILE A 1 10  ? 0.461   -16.002 -1.924  1.00 29.06 ? 10  ILE A CG2 1 
ATOM   80   C CD1 . ILE A 1 10  ? -0.949  -15.012 0.687   1.00 28.04 ? 10  ILE A CD1 1 
ATOM   81   N N   . ASN A 1 11  ? -3.817  -16.028 -2.894  1.00 24.93 ? 11  ASN A N   1 
ATOM   82   C CA  . ASN A 1 11  ? -5.275  -15.990 -2.802  1.00 23.68 ? 11  ASN A CA  1 
ATOM   83   C C   . ASN A 1 11  ? -5.628  -15.716 -1.348  1.00 25.37 ? 11  ASN A C   1 
ATOM   84   O O   . ASN A 1 11  ? -6.111  -16.613 -0.616  1.00 25.02 ? 11  ASN A O   1 
ATOM   85   C CB  . ASN A 1 11  ? -5.902  -17.304 -3.283  1.00 24.27 ? 11  ASN A CB  1 
ATOM   86   C CG  . ASN A 1 11  ? -7.396  -17.238 -3.322  1.00 26.81 ? 11  ASN A CG  1 
ATOM   87   O OD1 . ASN A 1 11  ? -7.978  -16.166 -3.382  1.00 24.86 ? 11  ASN A OD1 1 
ATOM   88   N ND2 . ASN A 1 11  ? -8.043  -18.412 -3.306  1.00 27.80 ? 11  ASN A ND2 1 
ATOM   89   N N   . PHE A 1 12  ? -5.411  -14.474 -0.946  1.00 22.75 ? 12  PHE A N   1 
ATOM   90   C CA  . PHE A 1 12  ? -5.639  -14.028 0.425   1.00 21.38 ? 12  PHE A CA  1 
ATOM   91   C C   . PHE A 1 12  ? -6.392  -12.692 0.355   1.00 21.17 ? 12  PHE A C   1 
ATOM   92   O O   . PHE A 1 12  ? -5.887  -11.655 0.757   1.00 21.99 ? 12  PHE A O   1 
ATOM   93   C CB  . PHE A 1 12  ? -4.323  -13.923 1.171   1.00 22.15 ? 12  PHE A CB  1 
ATOM   94   C CG  . PHE A 1 12  ? -4.470  -13.643 2.638   1.00 22.29 ? 12  PHE A CG  1 
ATOM   95   C CD1 . PHE A 1 12  ? -5.140  -14.532 3.471   1.00 23.40 ? 12  PHE A CD1 1 
ATOM   96   C CD2 . PHE A 1 12  ? -3.941  -12.489 3.197   1.00 24.15 ? 12  PHE A CD2 1 
ATOM   97   C CE1 . PHE A 1 12  ? -5.252  -14.258 4.831   1.00 25.34 ? 12  PHE A CE1 1 
ATOM   98   C CE2 . PHE A 1 12  ? -4.076  -12.210 4.543   1.00 24.43 ? 12  PHE A CE2 1 
ATOM   99   C CZ  . PHE A 1 12  ? -4.726  -13.106 5.358   1.00 25.07 ? 12  PHE A CZ  1 
ATOM   100  N N   . PRO A 1 13  ? -7.610  -12.715 -0.198  1.00 23.66 ? 13  PRO A N   1 
ATOM   101  C CA  . PRO A 1 13  ? -8.373  -11.490 -0.283  1.00 24.93 ? 13  PRO A CA  1 
ATOM   102  C C   . PRO A 1 13  ? -8.986  -11.077 1.046   1.00 26.55 ? 13  PRO A C   1 
ATOM   103  O O   . PRO A 1 13  ? -9.148  -11.918 1.949   1.00 25.22 ? 13  PRO A O   1 
ATOM   104  C CB  . PRO A 1 13  ? -9.470  -11.848 -1.260  1.00 26.25 ? 13  PRO A CB  1 
ATOM   105  C CG  . PRO A 1 13  ? -9.690  -13.292 -1.049  1.00 25.99 ? 13  PRO A CG  1 
ATOM   106  C CD  . PRO A 1 13  ? -8.356  -13.880 -0.720  1.00 23.91 ? 13  PRO A CD  1 
ATOM   107  N N   . ARG A 1 14  ? -9.325  -9.806  1.174   1.00 28.40 ? 14  ARG A N   1 
ATOM   108  C CA  A ARG A 1 14  ? -10.122 -9.364  2.295   0.50 30.79 ? 14  ARG A CA  1 
ATOM   109  C CA  B ARG A 1 14  ? -10.118 -9.380  2.307   0.50 30.46 ? 14  ARG A CA  1 
ATOM   110  C C   . ARG A 1 14  ? -11.416 -10.159 2.225   1.00 23.76 ? 14  ARG A C   1 
ATOM   111  O O   . ARG A 1 14  ? -11.962 -10.342 1.156   0.50 18.67 ? 14  ARG A O   1 
ATOM   112  C CB  A ARG A 1 14  ? -10.399 -7.859  2.202   0.50 34.84 ? 14  ARG A CB  1 
ATOM   113  C CB  B ARG A 1 14  ? -10.384 -7.868  2.283   0.50 33.20 ? 14  ARG A CB  1 
ATOM   114  C CG  A ARG A 1 14  ? -11.208 -7.282  3.375   0.50 41.48 ? 14  ARG A CG  1 
ATOM   115  C CG  B ARG A 1 14  ? -10.939 -7.296  3.612   0.50 39.04 ? 14  ARG A CG  1 
ATOM   116  C CD  A ARG A 1 14  ? -10.355 -7.063  4.619   0.50 42.05 ? 14  ARG A CD  1 
ATOM   117  C CD  B ARG A 1 14  ? -12.461 -7.455  3.755   0.50 37.37 ? 14  ARG A CD  1 
ATOM   118  N NE  A ARG A 1 14  ? -11.033 -6.230  5.612   0.50 40.56 ? 14  ARG A NE  1 
ATOM   119  N NE  B ARG A 1 14  ? -13.014 -6.626  4.829   0.50 38.33 ? 14  ARG A NE  1 
ATOM   120  C CZ  A ARG A 1 14  ? -10.645 -5.009  5.977   0.50 44.93 ? 14  ARG A CZ  1 
ATOM   121  C CZ  B ARG A 1 14  ? -14.243 -6.741  5.337   0.50 42.26 ? 14  ARG A CZ  1 
ATOM   122  N NH1 A ARG A 1 14  ? -11.341 -4.343  6.886   0.50 46.35 ? 14  ARG A NH1 1 
ATOM   123  N NH1 B ARG A 1 14  ? -15.093 -7.659  4.892   0.50 35.88 ? 14  ARG A NH1 1 
ATOM   124  N NH2 A ARG A 1 14  ? -9.562  -4.448  5.450   0.50 45.62 ? 14  ARG A NH2 1 
ATOM   125  N NH2 B ARG A 1 14  ? -14.633 -5.924  6.309   0.50 47.52 ? 14  ARG A NH2 1 
ATOM   126  N N   . PRO A 1 15  ? -11.899 -10.665 3.375   1.00 29.53 ? 15  PRO A N   1 
ATOM   127  C CA  . PRO A 1 15  ? -13.180 -11.370 3.339   1.00 29.93 ? 15  PRO A CA  1 
ATOM   128  C C   . PRO A 1 15  ? -14.234 -10.521 2.631   1.00 28.39 ? 15  PRO A C   1 
ATOM   129  O O   . PRO A 1 15  ? -14.307 -9.307  2.866   1.00 33.48 ? 15  PRO A O   1 
ATOM   130  C CB  . PRO A 1 15  ? -13.519 -11.540 4.815   1.00 30.73 ? 15  PRO A CB  1 
ATOM   131  C CG  . PRO A 1 15  ? -12.200 -11.518 5.511   1.00 37.67 ? 15  PRO A CG  1 
ATOM   132  C CD  . PRO A 1 15  ? -11.330 -10.607 4.733   1.00 34.93 ? 15  PRO A CD  1 
ATOM   133  N N   . GLY A 1 16  ? -14.985 -11.137 1.729   1.00 26.56 ? 16  GLY A N   1 
ATOM   134  C CA  . GLY A 1 16  ? -15.975 -10.446 0.934   1.00 27.39 ? 16  GLY A CA  1 
ATOM   135  C C   . GLY A 1 16  ? -15.508 -10.138 -0.472  1.00 30.38 ? 16  GLY A C   1 
ATOM   136  O O   . GLY A 1 16  ? -16.326 -9.878  -1.359  1.00 30.64 ? 16  GLY A O   1 
ATOM   137  N N   . ASP A 1 17  ? -14.184 -10.155 -0.671  1.00 27.24 ? 17  ASP A N   1 
ATOM   138  C CA  . ASP A 1 17  ? -13.575 -9.691  -1.913  1.00 29.74 ? 17  ASP A CA  1 
ATOM   139  C C   . ASP A 1 17  ? -13.343 -10.859 -2.873  1.00 23.68 ? 17  ASP A C   1 
ATOM   140  O O   . ASP A 1 17  ? -13.352 -12.027 -2.453  1.00 27.33 ? 17  ASP A O   1 
ATOM   141  C CB  . ASP A 1 17  ? -12.235 -8.980  -1.649  1.00 30.46 ? 17  ASP A CB  1 
ATOM   142  C CG  . ASP A 1 17  ? -12.389 -7.512  -1.279  1.00 40.06 ? 17  ASP A CG  1 
ATOM   143  O OD1 . ASP A 1 17  ? -13.493 -7.108  -0.882  1.00 41.66 ? 17  ASP A OD1 1 
ATOM   144  O OD2 . ASP A 1 17  ? -11.387 -6.757  -1.368  1.00 40.56 ? 17  ASP A OD2 1 
ATOM   145  N N   . PRO A 1 18  ? -13.126 -10.552 -4.171  1.00 29.87 ? 18  PRO A N   1 
ATOM   146  C CA  . PRO A 1 18  ? -12.841 -11.579 -5.171  1.00 32.33 ? 18  PRO A CA  1 
ATOM   147  C C   . PRO A 1 18  ? -11.602 -12.399 -4.862  1.00 25.71 ? 18  PRO A C   1 
ATOM   148  O O   . PRO A 1 18  ? -10.597 -11.879 -4.353  1.00 28.45 ? 18  PRO A O   1 
ATOM   149  C CB  . PRO A 1 18  ? -12.631 -10.768 -6.454  1.00 34.03 ? 18  PRO A CB  1 
ATOM   150  C CG  . PRO A 1 18  ? -13.371 -9.532  -6.238  1.00 34.41 ? 18  PRO A CG  1 
ATOM   151  C CD  . PRO A 1 18  ? -13.198 -9.213  -4.784  1.00 31.35 ? 18  PRO A CD  1 
ATOM   152  N N   . GLU A 1 19  ? -11.700 -13.689 -5.114  1.00 29.44 ? 19  GLU A N   1 
ATOM   153  C CA  . GLU A 1 19  ? -10.572 -14.585 -4.948  1.00 28.60 ? 19  GLU A CA  1 
ATOM   154  C C   . GLU A 1 19  ? -9.616  -14.373 -6.121  1.00 30.13 ? 19  GLU A C   1 
ATOM   155  O O   . GLU A 1 19  ? -10.024 -13.942 -7.198  1.00 34.34 ? 19  GLU A O   1 
ATOM   156  C CB  . GLU A 1 19  ? -11.012 -16.029 -4.887  1.00 35.35 ? 19  GLU A CB  1 
ATOM   157  C CG  . GLU A 1 19  ? -11.789 -16.359 -3.609  1.00 36.36 ? 19  GLU A CG  1 
ATOM   158  C CD  . GLU A 1 19  ? -11.932 -17.843 -3.351  1.00 47.77 ? 19  GLU A CD  1 
ATOM   159  O OE1 . GLU A 1 19  ? -11.164 -18.650 -3.923  1.00 47.89 ? 19  GLU A OE1 1 
ATOM   160  O OE2 . GLU A 1 19  ? -12.819 -18.198 -2.547  1.00 58.18 ? 19  GLU A OE2 1 
ATOM   161  N N   . LEU A 1 20  ? -8.351  -14.682 -5.894  1.00 24.78 ? 20  LEU A N   1 
ATOM   162  C CA  . LEU A 1 20  ? -7.362  -14.782 -6.976  1.00 24.38 ? 20  LEU A CA  1 
ATOM   163  C C   . LEU A 1 20  ? -7.573  -16.090 -7.687  1.00 25.76 ? 20  LEU A C   1 
ATOM   164  O O   . LEU A 1 20  ? -7.599  -17.157 -7.046  1.00 26.19 ? 20  LEU A O   1 
ATOM   165  C CB  . LEU A 1 20  ? -5.965  -14.834 -6.376  1.00 23.59 ? 20  LEU A CB  1 
ATOM   166  C CG  . LEU A 1 20  ? -4.810  -15.037 -7.362  1.00 23.13 ? 20  LEU A CG  1 
ATOM   167  C CD1 . LEU A 1 20  ? -4.686  -13.869 -8.382  1.00 21.60 ? 20  LEU A CD1 1 
ATOM   168  C CD2 . LEU A 1 20  ? -3.541  -15.146 -6.559  1.00 25.49 ? 20  LEU A CD2 1 
ATOM   169  N N   . ARG A 1 21  ? -7.678  -16.042 -9.004  1.00 23.57 ? 21  ARG A N   1 
ATOM   170  C CA  A ARG A 1 21  ? -7.752  -17.246 -9.818  0.50 26.51 ? 21  ARG A CA  1 
ATOM   171  C CA  B ARG A 1 21  ? -7.759  -17.245 -9.823  0.50 24.86 ? 21  ARG A CA  1 
ATOM   172  C C   . ARG A 1 21  ? -6.770  -17.081 -10.964 1.00 24.55 ? 21  ARG A C   1 
ATOM   173  O O   . ARG A 1 21  ? -6.781  -16.066 -11.649 1.00 24.39 ? 21  ARG A O   1 
ATOM   174  C CB  A ARG A 1 21  ? -9.171  -17.450 -10.344 0.50 32.98 ? 21  ARG A CB  1 
ATOM   175  C CB  B ARG A 1 21  ? -9.171  -17.419 -10.368 0.50 30.04 ? 21  ARG A CB  1 
ATOM   176  C CG  A ARG A 1 21  ? -9.413  -18.818 -10.966 0.50 39.56 ? 21  ARG A CG  1 
ATOM   177  C CG  B ARG A 1 21  ? -9.421  -18.750 -11.062 0.50 36.62 ? 21  ARG A CG  1 
ATOM   178  C CD  A ARG A 1 21  ? -10.903 -19.105 -11.082 0.50 43.46 ? 21  ARG A CD  1 
ATOM   179  C CD  B ARG A 1 21  ? -10.785 -18.745 -11.724 0.50 37.91 ? 21  ARG A CD  1 
ATOM   180  N NE  A ARG A 1 21  ? -11.184 -20.286 -11.897 0.50 47.81 ? 21  ARG A NE  1 
ATOM   181  N NE  B ARG A 1 21  ? -10.995 -19.890 -12.598 0.50 42.37 ? 21  ARG A NE  1 
ATOM   182  C CZ  A ARG A 1 21  ? -11.009 -21.542 -11.497 0.50 50.93 ? 21  ARG A CZ  1 
ATOM   183  C CZ  B ARG A 1 21  ? -12.062 -20.035 -13.376 0.50 42.18 ? 21  ARG A CZ  1 
ATOM   184  N NH1 A ARG A 1 21  ? -10.537 -21.810 -10.284 0.50 52.68 ? 21  ARG A NH1 1 
ATOM   185  N NH1 B ARG A 1 21  ? -13.006 -19.104 -13.380 0.50 37.32 ? 21  ARG A NH1 1 
ATOM   186  N NH2 A ARG A 1 21  ? -11.303 -22.540 -12.318 0.50 53.18 ? 21  ARG A NH2 1 
ATOM   187  N NH2 B ARG A 1 21  ? -12.184 -21.110 -14.148 0.50 43.69 ? 21  ARG A NH2 1 
ATOM   188  N N   . ILE A 1 22  ? -5.885  -18.051 -11.144 1.00 23.30 ? 22  ILE A N   1 
ATOM   189  C CA  . ILE A 1 22  ? -4.976  -18.059 -12.297 1.00 24.44 ? 22  ILE A CA  1 
ATOM   190  C C   . ILE A 1 22  ? -5.219  -19.338 -13.073 1.00 23.97 ? 22  ILE A C   1 
ATOM   191  O O   . ILE A 1 22  ? -5.010  -20.420 -12.536 1.00 31.09 ? 22  ILE A O   1 
ATOM   192  C CB  . ILE A 1 22  ? -3.519  -17.928 -11.860 1.00 29.00 ? 22  ILE A CB  1 
ATOM   193  C CG1 . ILE A 1 22  ? -3.324  -16.567 -11.181 1.00 27.76 ? 22  ILE A CG1 1 
ATOM   194  C CG2 . ILE A 1 22  ? -2.554  -18.059 -13.066 1.00 31.16 ? 22  ILE A CG2 1 
ATOM   195  C CD1 . ILE A 1 22  ? -1.993  -16.393 -10.470 1.00 32.47 ? 22  ILE A CD1 1 
ATOM   196  N N   . ILE A 1 23  ? -5.762  -19.180 -14.271 1.00 24.14 ? 23  ILE A N   1 
ATOM   197  C CA  . ILE A 1 23  ? -6.196  -20.271 -15.148 1.00 26.79 ? 23  ILE A CA  1 
ATOM   198  C C   . ILE A 1 23  ? -5.083  -20.502 -16.176 1.00 24.14 ? 23  ILE A C   1 
ATOM   199  O O   . ILE A 1 23  ? -4.764  -19.595 -16.951 1.00 24.70 ? 23  ILE A O   1 
ATOM   200  C CB  . ILE A 1 23  ? -7.503  -19.899 -15.900 1.00 30.44 ? 23  ILE A CB  1 
ATOM   201  C CG1 . ILE A 1 23  ? -8.603  -19.447 -14.912 1.00 35.23 ? 23  ILE A CG1 1 
ATOM   202  C CG2 . ILE A 1 23  ? -7.951  -21.081 -16.748 1.00 34.52 ? 23  ILE A CG2 1 
ATOM   203  C CD1 . ILE A 1 23  ? -9.790  -18.727 -15.560 1.00 44.92 ? 23  ILE A CD1 1 
ATOM   204  N N   . GLU A 1 24  ? -4.495  -21.687 -16.208 1.00 28.43 ? 24  GLU A N   1 
ATOM   205  C CA  . GLU A 1 24  ? -3.399  -21.970 -17.117 1.00 28.66 ? 24  GLU A CA  1 
ATOM   206  C C   . GLU A 1 24  ? -3.877  -22.892 -18.241 1.00 28.82 ? 24  GLU A C   1 
ATOM   207  O O   . GLU A 1 24  ? -4.597  -23.856 -17.978 1.00 31.87 ? 24  GLU A O   1 
ATOM   208  C CB  . GLU A 1 24  ? -2.277  -22.617 -16.306 1.00 35.19 ? 24  GLU A CB  1 
ATOM   209  C CG  . GLU A 1 24  ? -1.061  -23.023 -17.062 1.00 42.01 ? 24  GLU A CG  1 
ATOM   210  C CD  . GLU A 1 24  ? -0.019  -23.616 -16.135 1.00 43.95 ? 24  GLU A CD  1 
ATOM   211  O OE1 . GLU A 1 24  ? 0.458   -22.887 -15.236 1.00 50.49 ? 24  GLU A OE1 1 
ATOM   212  O OE2 . GLU A 1 24  ? 0.304   -24.815 -16.286 1.00 47.06 ? 24  GLU A OE2 1 
ATOM   213  N N   . LYS A 1 25  ? -3.486  -22.594 -19.475 1.00 27.53 ? 25  LYS A N   1 
ATOM   214  C CA  . LYS A 1 25  ? -3.841  -23.419 -20.654 1.00 27.72 ? 25  LYS A CA  1 
ATOM   215  C C   . LYS A 1 25  ? -2.571  -23.773 -21.415 1.00 31.23 ? 25  LYS A C   1 
ATOM   216  O O   . LYS A 1 25  ? -1.616  -22.988 -21.440 1.00 31.16 ? 25  LYS A O   1 
ATOM   217  C CB  . LYS A 1 25  ? -4.758  -22.656 -21.587 1.00 32.91 ? 25  LYS A CB  1 
ATOM   218  C CG  . LYS A 1 25  ? -6.051  -22.159 -20.963 1.00 49.29 ? 25  LYS A CG  1 
ATOM   219  C CD  . LYS A 1 25  ? -7.106  -23.244 -20.892 1.00 53.54 ? 25  LYS A CD  1 
ATOM   220  C CE  . LYS A 1 25  ? -8.466  -22.663 -20.541 1.00 51.93 ? 25  LYS A CE  1 
ATOM   221  N NZ  . LYS A 1 25  ? -9.460  -23.738 -20.305 1.00 55.72 ? 25  LYS A NZ  1 
ATOM   222  N N   . LYS A 1 26  ? -2.573  -24.947 -22.044 1.00 35.80 ? 26  LYS A N   1 
ATOM   223  C CA  . LYS A 1 26  ? -1.494  -25.355 -22.940 1.00 39.65 ? 26  LYS A CA  1 
ATOM   224  C C   . LYS A 1 26  ? -2.006  -25.204 -24.366 1.00 37.44 ? 26  LYS A C   1 
ATOM   225  O O   . LYS A 1 26  ? -3.031  -25.775 -24.716 1.00 37.26 ? 26  LYS A O   1 
ATOM   226  C CB  . LYS A 1 26  ? -1.095  -26.810 -22.697 1.00 46.13 ? 26  LYS A CB  1 
ATOM   227  C CG  . LYS A 1 26  ? -0.472  -27.076 -21.346 1.00 56.12 ? 26  LYS A CG  1 
ATOM   228  C CD  . LYS A 1 26  ? -0.168  -28.559 -21.150 1.00 58.56 ? 26  LYS A CD  1 
ATOM   229  C CE  . LYS A 1 26  ? -1.436  -29.375 -20.876 1.00 63.78 ? 26  LYS A CE  1 
ATOM   230  N NZ  . LYS A 1 26  ? -1.163  -30.844 -20.778 1.00 65.85 ? 26  LYS A NZ  1 
ATOM   231  N N   . ILE A 1 27  ? -1.315  -24.405 -25.168 1.00 33.64 ? 27  ILE A N   1 
ATOM   232  C CA  . ILE A 1 27  ? -1.708  -24.165 -26.559 1.00 40.86 ? 27  ILE A CA  1 
ATOM   233  C C   . ILE A 1 27  ? -0.488  -24.114 -27.487 1.00 39.89 ? 27  ILE A C   1 
ATOM   234  O O   . ILE A 1 27  ? 0.392   -23.260 -27.346 1.00 35.32 ? 27  ILE A O   1 
ATOM   235  C CB  . ILE A 1 27  ? -2.515  -22.855 -26.696 1.00 40.49 ? 27  ILE A CB  1 
ATOM   236  C CG1 . ILE A 1 27  ? -3.681  -22.860 -25.705 1.00 38.81 ? 27  ILE A CG1 1 
ATOM   237  C CG2 . ILE A 1 27  ? -3.043  -22.693 -28.123 1.00 41.28 ? 27  ILE A CG2 1 
ATOM   238  C CD1 . ILE A 1 27  ? -4.513  -21.565 -25.706 1.00 43.91 ? 27  ILE A CD1 1 
ATOM   239  N N   . ASP A 1 28  ? -0.453  -25.031 -28.450 1.00 41.14 ? 28  ASP A N   1 
ATOM   240  C CA  . ASP A 1 28  ? 0.635   -25.090 -29.422 1.00 41.82 ? 28  ASP A CA  1 
ATOM   241  C C   . ASP A 1 28  ? 2.028   -25.044 -28.780 1.00 35.78 ? 28  ASP A C   1 
ATOM   242  O O   . ASP A 1 28  ? 2.926   -24.365 -29.280 1.00 39.45 ? 28  ASP A O   1 
ATOM   243  C CB  . ASP A 1 28  ? 0.488   -23.956 -30.444 1.00 40.02 ? 28  ASP A CB  1 
ATOM   244  C CG  . ASP A 1 28  ? 1.376   -24.141 -31.667 1.00 46.62 ? 28  ASP A CG  1 
ATOM   245  O OD1 . ASP A 1 28  ? 1.752   -25.292 -31.974 1.00 48.85 ? 28  ASP A OD1 1 
ATOM   246  O OD2 . ASP A 1 28  ? 1.681   -23.124 -32.324 1.00 52.08 ? 28  ASP A OD2 1 
ATOM   247  N N   . GLY A 1 29  ? 2.202   -25.768 -27.679 1.00 37.79 ? 29  GLY A N   1 
ATOM   248  C CA  . GLY A 1 29  ? 3.501   -25.853 -27.000 1.00 38.48 ? 29  GLY A CA  1 
ATOM   249  C C   . GLY A 1 29  ? 3.819   -24.702 -26.050 1.00 36.69 ? 29  GLY A C   1 
ATOM   250  O O   . GLY A 1 29  ? 4.801   -24.756 -25.303 1.00 38.89 ? 29  GLY A O   1 
ATOM   251  N N   . PHE A 1 30  ? 3.016   -23.646 -26.104 1.00 34.38 ? 30  PHE A N   1 
ATOM   252  C CA  . PHE A 1 30  ? 3.133   -22.549 -25.143 1.00 30.18 ? 30  PHE A CA  1 
ATOM   253  C C   . PHE A 1 30  ? 2.225   -22.807 -23.949 1.00 33.21 ? 30  PHE A C   1 
ATOM   254  O O   . PHE A 1 30  ? 1.178   -23.441 -24.064 1.00 33.81 ? 30  PHE A O   1 
ATOM   255  C CB  . PHE A 1 30  ? 2.702   -21.236 -25.768 1.00 34.00 ? 30  PHE A CB  1 
ATOM   256  C CG  . PHE A 1 30  ? 3.640   -20.705 -26.818 1.00 37.55 ? 30  PHE A CG  1 
ATOM   257  C CD1 . PHE A 1 30  ? 4.815   -20.067 -26.463 1.00 39.40 ? 30  PHE A CD1 1 
ATOM   258  C CD2 . PHE A 1 30  ? 3.313   -20.796 -28.159 1.00 42.30 ? 30  PHE A CD2 1 
ATOM   259  C CE1 . PHE A 1 30  ? 5.662   -19.544 -27.425 1.00 44.39 ? 30  PHE A CE1 1 
ATOM   260  C CE2 . PHE A 1 30  ? 4.158   -20.273 -29.134 1.00 41.15 ? 30  PHE A CE2 1 
ATOM   261  C CZ  . PHE A 1 30  ? 5.332   -19.645 -28.763 1.00 42.67 ? 30  PHE A CZ  1 
ATOM   262  N N   . ILE A 1 31  ? 2.634   -22.293 -22.796 1.00 27.59 ? 31  ILE A N   1 
ATOM   263  C CA  . ILE A 1 31  ? 1.765   -22.243 -21.621 1.00 28.42 ? 31  ILE A CA  1 
ATOM   264  C C   . ILE A 1 31  ? 1.368   -20.778 -21.433 1.00 28.85 ? 31  ILE A C   1 
ATOM   265  O O   . ILE A 1 31  ? 2.210   -19.908 -21.431 1.00 27.07 ? 31  ILE A O   1 
ATOM   266  C CB  . ILE A 1 31  ? 2.455   -22.771 -20.367 1.00 28.27 ? 31  ILE A CB  1 
ATOM   267  C CG1 . ILE A 1 31  ? 2.762   -24.265 -20.550 1.00 35.80 ? 31  ILE A CG1 1 
ATOM   268  C CG2 . ILE A 1 31  ? 1.583   -22.533 -19.140 1.00 28.32 ? 31  ILE A CG2 1 
ATOM   269  C CD1 . ILE A 1 31  ? 3.534   -24.875 -19.417 1.00 39.75 ? 31  ILE A CD1 1 
ATOM   270  N N   . VAL A 1 32  ? 0.068   -20.524 -21.315 1.00 26.04 ? 32  VAL A N   1 
ATOM   271  C CA  . VAL A 1 32  ? -0.462  -19.169 -21.165 1.00 30.20 ? 32  VAL A CA  1 
ATOM   272  C C   . VAL A 1 32  ? -1.477  -19.167 -20.031 1.00 26.60 ? 32  VAL A C   1 
ATOM   273  O O   . VAL A 1 32  ? -2.021  -20.199 -19.661 1.00 28.40 ? 32  VAL A O   1 
ATOM   274  C CB  . VAL A 1 32  ? -1.130  -18.683 -22.443 1.00 35.39 ? 32  VAL A CB  1 
ATOM   275  C CG1 . VAL A 1 32  ? -0.073  -18.485 -23.555 1.00 33.39 ? 32  VAL A CG1 1 
ATOM   276  C CG2 . VAL A 1 32  ? -2.199  -19.684 -22.880 1.00 32.98 ? 32  VAL A CG2 1 
ATOM   277  N N   . SER A 1 33  ? -1.705  -18.007 -19.439 1.00 24.06 ? 33  SER A N   1 
ATOM   278  C CA  . SER A 1 33  ? -2.542  -17.898 -18.256 1.00 23.39 ? 33  SER A CA  1 
ATOM   279  C C   . SER A 1 33  ? -3.519  -16.724 -18.352 1.00 22.16 ? 33  SER A C   1 
ATOM   280  O O   . SER A 1 33  ? -3.294  -15.721 -19.057 1.00 24.02 ? 33  SER A O   1 
ATOM   281  C CB  . SER A 1 33  ? -1.696  -17.719 -16.992 1.00 24.35 ? 33  SER A CB  1 
ATOM   282  O OG  . SER A 1 33  ? -0.916  -18.856 -16.742 1.00 30.47 ? 33  SER A OG  1 
ATOM   283  N N   . GLU A 1 34  ? -4.618  -16.866 -17.634 1.00 23.07 ? 34  GLU A N   1 
ATOM   284  C CA  . GLU A 1 34  ? -5.548  -15.782 -17.364 1.00 26.79 ? 34  GLU A CA  1 
ATOM   285  C C   . GLU A 1 34  ? -5.524  -15.513 -15.857 1.00 24.87 ? 34  GLU A C   1 
ATOM   286  O O   . GLU A 1 34  ? -5.584  -16.440 -15.048 1.00 24.99 ? 34  GLU A O   1 
ATOM   287  C CB  . GLU A 1 34  ? -6.953  -16.120 -17.877 1.00 30.31 ? 34  GLU A CB  1 
ATOM   288  C CG  . GLU A 1 34  ? -8.004  -15.086 -17.518 1.00 37.45 ? 34  GLU A CG  1 
ATOM   289  C CD  . GLU A 1 34  ? -9.295  -15.269 -18.284 1.00 42.67 ? 34  GLU A CD  1 
ATOM   290  O OE1 . GLU A 1 34  ? -9.855  -16.386 -18.241 1.00 61.08 ? 34  GLU A OE1 1 
ATOM   291  O OE2 . GLU A 1 34  ? -9.759  -14.296 -18.918 1.00 56.23 ? 34  GLU A OE2 1 
ATOM   292  N N   . ILE A 1 35  ? -5.393  -14.245 -15.493 1.00 22.45 ? 35  ILE A N   1 
ATOM   293  C CA  . ILE A 1 35  ? -5.321  -13.800 -14.125 1.00 22.45 ? 35  ILE A CA  1 
ATOM   294  C C   . ILE A 1 35  ? -6.627  -13.066 -13.780 1.00 23.79 ? 35  ILE A C   1 
ATOM   295  O O   . ILE A 1 35  ? -7.036  -12.196 -14.510 1.00 23.33 ? 35  ILE A O   1 
ATOM   296  C CB  . ILE A 1 35  ? -4.153  -12.806 -13.948 1.00 23.96 ? 35  ILE A CB  1 
ATOM   297  C CG1 . ILE A 1 35  ? -2.807  -13.452 -14.324 1.00 24.22 ? 35  ILE A CG1 1 
ATOM   298  C CG2 . ILE A 1 35  ? -4.111  -12.263 -12.500 1.00 27.67 ? 35  ILE A CG2 1 
ATOM   299  C CD1 . ILE A 1 35  ? -1.648  -12.459 -14.515 1.00 26.48 ? 35  ILE A CD1 1 
ATOM   300  N N   . ILE A 1 36  ? -7.309  -13.484 -12.712 1.00 23.20 ? 36  ILE A N   1 
ATOM   301  C CA  . ILE A 1 36  ? -8.526  -12.852 -12.249 1.00 24.33 ? 36  ILE A CA  1 
ATOM   302  C C   . ILE A 1 36  ? -8.255  -12.450 -10.818 1.00 23.84 ? 36  ILE A C   1 
ATOM   303  O O   . ILE A 1 36  ? -7.871  -13.272 -9.995  1.00 24.72 ? 36  ILE A O   1 
ATOM   304  C CB  . ILE A 1 36  ? -9.704  -13.832 -12.289 1.00 27.50 ? 36  ILE A CB  1 
ATOM   305  C CG1 . ILE A 1 36  ? -9.947  -14.315 -13.718 1.00 31.87 ? 36  ILE A CG1 1 
ATOM   306  C CG2 . ILE A 1 36  ? -10.936 -13.165 -11.652 1.00 30.52 ? 36  ILE A CG2 1 
ATOM   307  C CD1 . ILE A 1 36  ? -11.113 -15.230 -13.837 1.00 34.74 ? 36  ILE A CD1 1 
ATOM   308  N N   . MET A 1 37  ? -8.362  -11.159 -10.536 1.00 23.32 ? 37  MET A N   1 
ATOM   309  C CA  . MET A 1 37  ? -8.014  -10.645 -9.218  1.00 24.48 ? 37  MET A CA  1 
ATOM   310  C C   . MET A 1 37  ? -8.831  -9.395  -8.890  1.00 26.05 ? 37  MET A C   1 
ATOM   311  O O   . MET A 1 37  ? -9.159  -8.615  -9.766  1.00 26.88 ? 37  MET A O   1 
ATOM   312  C CB  . MET A 1 37  ? -6.516  -10.334 -9.119  1.00 26.48 ? 37  MET A CB  1 
ATOM   313  C CG  . MET A 1 37  ? -5.972  -9.303  -10.104 1.00 25.32 ? 37  MET A CG  1 
ATOM   314  S SD  . MET A 1 37  ? -4.127  -9.066  -10.072 1.00 27.77 ? 37  MET A SD  1 
ATOM   315  C CE  . MET A 1 37  ? -3.904  -8.438  -8.419  1.00 38.58 ? 37  MET A CE  1 
ATOM   316  N N   . GLY A 1 38  ? -9.159  -9.192  -7.623  1.00 23.59 ? 38  GLY A N   1 
ATOM   317  C CA  . GLY A 1 38  ? -9.690  -7.904  -7.231  1.00 21.24 ? 38  GLY A CA  1 
ATOM   318  C C   . GLY A 1 38  ? -8.593  -6.850  -7.205  1.00 23.43 ? 38  GLY A C   1 
ATOM   319  O O   . GLY A 1 38  ? -7.427  -7.156  -6.965  1.00 23.68 ? 38  GLY A O   1 
ATOM   320  N N   . SER A 1 39  ? -8.973  -5.602  -7.420  1.00 22.25 ? 39  SER A N   1 
ATOM   321  C CA  . SER A 1 39  ? -8.042  -4.462  -7.439  1.00 23.24 ? 39  SER A CA  1 
ATOM   322  C C   . SER A 1 39  ? -7.377  -4.210  -6.073  1.00 22.13 ? 39  SER A C   1 
ATOM   323  O O   . SER A 1 39  ? -6.361  -3.556  -6.018  1.00 28.34 ? 39  SER A O   1 
ATOM   324  C CB  . SER A 1 39  ? -8.771  -3.196  -7.939  1.00 23.43 ? 39  SER A CB  1 
ATOM   325  O OG  . SER A 1 39  ? -9.916  -2.897  -7.177  1.00 26.77 ? 39  SER A OG  1 
ATOM   326  N N   . HIS A 1 40  ? -7.968  -4.697  -4.996  1.00 21.77 ? 40  HIS A N   1 
ATOM   327  C CA  . HIS A 1 40  ? -7.415  -4.526  -3.650  1.00 21.15 ? 40  HIS A CA  1 
ATOM   328  C C   . HIS A 1 40  ? -6.671  -5.724  -3.091  1.00 22.68 ? 40  HIS A C   1 
ATOM   329  O O   . HIS A 1 40  ? -6.351  -5.743  -1.923  1.00 27.66 ? 40  HIS A O   1 
ATOM   330  C CB  . HIS A 1 40  ? -8.497  -4.094  -2.659  1.00 26.97 ? 40  HIS A CB  1 
ATOM   331  C CG  . HIS A 1 40  ? -9.112  -2.782  -3.019  1.00 23.03 ? 40  HIS A CG  1 
ATOM   332  N ND1 . HIS A 1 40  ? -8.904  -1.632  -2.296  1.00 30.92 ? 40  HIS A ND1 1 
ATOM   333  C CD2 . HIS A 1 40  ? -9.891  -2.436  -4.066  1.00 28.54 ? 40  HIS A CD2 1 
ATOM   334  C CE1 . HIS A 1 40  ? -9.532  -0.631  -2.883  1.00 31.82 ? 40  HIS A CE1 1 
ATOM   335  N NE2 . HIS A 1 40  ? -10.144 -1.095  -3.957  1.00 30.88 ? 40  HIS A NE2 1 
ATOM   336  N N   . LEU A 1 41  ? -6.384  -6.706  -3.943  1.00 20.70 ? 41  LEU A N   1 
ATOM   337  C CA  . LEU A 1 41  ? -5.728  -7.924  -3.528  1.00 22.63 ? 41  LEU A CA  1 
ATOM   338  C C   . LEU A 1 41  ? -4.259  -7.656  -3.207  1.00 20.04 ? 41  LEU A C   1 
ATOM   339  O O   . LEU A 1 41  ? -3.491  -7.054  -3.976  1.00 20.18 ? 41  LEU A O   1 
ATOM   340  C CB  . LEU A 1 41  ? -5.818  -8.958  -4.635  1.00 22.11 ? 41  LEU A CB  1 
ATOM   341  C CG  . LEU A 1 41  ? -5.226  -10.316 -4.319  1.00 22.77 ? 41  LEU A CG  1 
ATOM   342  C CD1 . LEU A 1 41  ? -6.014  -10.988 -3.184  1.00 25.65 ? 41  LEU A CD1 1 
ATOM   343  C CD2 . LEU A 1 41  ? -5.239  -11.185 -5.561  1.00 26.65 ? 41  LEU A CD2 1 
ATOM   344  N N   . CYS A 1 42  ? -3.844  -8.124  -2.045  1.00 20.35 ? 42  CYS A N   1 
ATOM   345  C CA  . CYS A 1 42  ? -2.444  -8.136  -1.612  1.00 20.58 ? 42  CYS A CA  1 
ATOM   346  C C   . CYS A 1 42  ? -1.884  -6.693  -1.599  1.00 17.47 ? 42  CYS A C   1 
ATOM   347  O O   . CYS A 1 42  ? -2.627  -5.768  -1.220  1.00 20.21 ? 42  CYS A O   1 
ATOM   348  C CB  . CYS A 1 42  ? -1.618  -9.158  -2.407  1.00 18.15 ? 42  CYS A CB  1 
ATOM   349  S SG  . CYS A 1 42  ? -2.124  -10.878 -2.003  1.00 22.52 ? 42  CYS A SG  1 
ATOM   350  N N   . THR A 1 43  ? -0.646  -6.474  -2.046  1.00 17.62 ? 43  THR A N   1 
ATOM   351  C CA  . THR A 1 43  ? -0.063  -5.142  -1.925  1.00 17.76 ? 43  THR A CA  1 
ATOM   352  C C   . THR A 1 43  ? -0.667  -4.281  -3.040  1.00 17.02 ? 43  THR A C   1 
ATOM   353  O O   . THR A 1 43  ? -0.521  -4.605  -4.221  1.00 17.93 ? 43  THR A O   1 
ATOM   354  C CB  . THR A 1 43  ? 1.470   -5.166  -1.963  1.00 18.61 ? 43  THR A CB  1 
ATOM   355  O OG1 . THR A 1 43  ? 1.989   -6.131  -1.038  1.00 19.00 ? 43  THR A OG1 1 
ATOM   356  C CG2 . THR A 1 43  ? 2.062   -3.815  -1.710  1.00 18.62 ? 43  THR A CG2 1 
ATOM   357  N N   . HIS A 1 44  ? -1.338  -3.199  -2.660  1.00 17.07 ? 44  HIS A N   1 
ATOM   358  C CA  . HIS A 1 44  ? -2.084  -2.385  -3.612  1.00 16.39 ? 44  HIS A CA  1 
ATOM   359  C C   . HIS A 1 44  ? -2.096  -0.919  -3.195  1.00 19.31 ? 44  HIS A C   1 
ATOM   360  O O   . HIS A 1 44  ? -1.941  -0.597  -2.016  1.00 18.78 ? 44  HIS A O   1 
ATOM   361  C CB  . HIS A 1 44  ? -3.517  -2.904  -3.751  1.00 17.38 ? 44  HIS A CB  1 
ATOM   362  C CG  . HIS A 1 44  ? -4.350  -2.718  -2.521  1.00 19.23 ? 44  HIS A CG  1 
ATOM   363  N ND1 . HIS A 1 44  ? -4.347  -3.619  -1.478  1.00 19.38 ? 44  HIS A ND1 1 
ATOM   364  C CD2 . HIS A 1 44  ? -5.210  -1.735  -2.166  1.00 24.37 ? 44  HIS A CD2 1 
ATOM   365  C CE1 . HIS A 1 44  ? -5.171  -3.200  -0.534  1.00 21.89 ? 44  HIS A CE1 1 
ATOM   366  N NE2 . HIS A 1 44  ? -5.708  -2.059  -0.927  1.00 24.02 ? 44  HIS A NE2 1 
ATOM   367  N N   . ILE A 1 45  ? -2.279  -0.033  -4.168  1.00 16.86 ? 45  ILE A N   1 
ATOM   368  C CA  . ILE A 1 45  ? -2.473  1.385   -3.888  1.00 17.80 ? 45  ILE A CA  1 
ATOM   369  C C   . ILE A 1 45  ? -3.926  1.796   -4.096  1.00 17.22 ? 45  ILE A C   1 
ATOM   370  O O   . ILE A 1 45  ? -4.543  1.444   -5.103  1.00 19.07 ? 45  ILE A O   1 
ATOM   371  C CB  . ILE A 1 45  ? -1.548  2.240   -4.775  1.00 18.40 ? 45  ILE A CB  1 
ATOM   372  C CG1 . ILE A 1 45  ? -1.647  3.716   -4.380  1.00 19.18 ? 45  ILE A CG1 1 
ATOM   373  C CG2 . ILE A 1 45  ? -1.897  2.053   -6.244  1.00 19.26 ? 45  ILE A CG2 1 
ATOM   374  C CD1 . ILE A 1 45  ? -0.514  4.567   -4.911  1.00 20.10 ? 45  ILE A CD1 1 
ATOM   375  N N   . ASP A 1 46  ? -4.468  2.542   -3.139  1.00 18.90 ? 46  ASP A N   1 
ATOM   376  C CA  . ASP A 1 46  ? -5.802  3.114   -3.277  1.00 19.51 ? 46  ASP A CA  1 
ATOM   377  C C   . ASP A 1 46  ? -5.749  4.476   -3.963  1.00 19.35 ? 46  ASP A C   1 
ATOM   378  O O   . ASP A 1 46  ? -4.925  5.322   -3.621  1.00 20.54 ? 46  ASP A O   1 
ATOM   379  C CB  . ASP A 1 46  ? -6.475  3.241   -1.909  1.00 21.17 ? 46  ASP A CB  1 
ATOM   380  C CG  . ASP A 1 46  ? -6.781  1.896   -1.283  1.00 30.09 ? 46  ASP A CG  1 
ATOM   381  O OD1 . ASP A 1 46  ? -6.877  0.899   -2.029  1.00 27.29 ? 46  ASP A OD1 1 
ATOM   382  O OD2 . ASP A 1 46  ? -6.941  1.737   -0.054  1.00 31.88 ? 46  ASP A OD2 1 
ATOM   383  N N   . TYR A 1 47  ? -6.634  4.677   -4.934  1.00 20.30 ? 47  TYR A N   1 
ATOM   384  C CA  . TYR A 1 47  ? -6.843  5.997   -5.517  1.00 19.67 ? 47  TYR A CA  1 
ATOM   385  C C   . TYR A 1 47  ? -8.151  6.612   -5.032  1.00 19.93 ? 47  TYR A C   1 
ATOM   386  O O   . TYR A 1 47  ? -8.969  5.941   -4.405  1.00 21.17 ? 47  TYR A O   1 
ATOM   387  C CB  . TYR A 1 47  ? -6.836  5.915   -7.046  1.00 21.06 ? 47  TYR A CB  1 
ATOM   388  C CG  . TYR A 1 47  ? -5.565  5.332   -7.622  1.00 20.22 ? 47  TYR A CG  1 
ATOM   389  C CD1 . TYR A 1 47  ? -4.357  6.008   -7.516  1.00 22.58 ? 47  TYR A CD1 1 
ATOM   390  C CD2 . TYR A 1 47  ? -5.573  4.105   -8.272  1.00 21.25 ? 47  TYR A CD2 1 
ATOM   391  C CE1 . TYR A 1 47  ? -3.193  5.480   -8.040  1.00 20.90 ? 47  TYR A CE1 1 
ATOM   392  C CE2 . TYR A 1 47  ? -4.415  3.568   -8.800  1.00 22.27 ? 47  TYR A CE2 1 
ATOM   393  C CZ  . TYR A 1 47  ? -3.227  4.259   -8.681  1.00 19.62 ? 47  TYR A CZ  1 
ATOM   394  O OH  . TYR A 1 47  ? -2.070  3.731   -9.205  1.00 20.77 ? 47  TYR A OH  1 
ATOM   395  N N   . PRO A 1 48  ? -8.341  7.894   -5.326  1.00 21.69 ? 48  PRO A N   1 
ATOM   396  C CA  . PRO A 1 48  ? -9.489  8.642   -4.806  1.00 24.11 ? 48  PRO A CA  1 
ATOM   397  C C   . PRO A 1 48  ? -10.811 8.077   -5.312  1.00 23.56 ? 48  PRO A C   1 
ATOM   398  O O   . PRO A 1 48  ? -11.841 8.235   -4.655  1.00 25.09 ? 48  PRO A O   1 
ATOM   399  C CB  . PRO A 1 48  ? -9.270  10.048  -5.368  1.00 25.08 ? 48  PRO A CB  1 
ATOM   400  C CG  . PRO A 1 48  ? -7.795  10.154  -5.532  1.00 26.52 ? 48  PRO A CG  1 
ATOM   401  C CD  . PRO A 1 48  ? -7.324  8.781   -5.917  1.00 22.45 ? 48  PRO A CD  1 
ATOM   402  N N   . LYS A 1 49  ? -10.776 7.423   -6.468  1.00 21.43 ? 49  LYS A N   1 
ATOM   403  C CA  . LYS A 1 49  ? -11.957 6.758   -7.010  1.00 23.07 ? 49  LYS A CA  1 
ATOM   404  C C   . LYS A 1 49  ? -12.519 5.688   -6.057  1.00 24.94 ? 49  LYS A C   1 
ATOM   405  O O   . LYS A 1 49  ? -13.714 5.416   -6.050  1.00 25.30 ? 49  LYS A O   1 
ATOM   406  C CB  . LYS A 1 49  ? -11.644 6.157   -8.397  1.00 24.88 ? 49  LYS A CB  1 
ATOM   407  C CG  . LYS A 1 49  ? -12.785 5.438   -9.050  1.00 26.89 ? 49  LYS A CG  1 
ATOM   408  C CD  . LYS A 1 49  ? -12.484 5.196   -10.523 1.00 31.64 ? 49  LYS A CD  1 
ATOM   409  C CE  . LYS A 1 49  ? -13.607 4.426   -11.160 1.00 37.86 ? 49  LYS A CE  1 
ATOM   410  N NZ  . LYS A 1 49  ? -13.492 4.427   -12.627 1.00 38.51 ? 49  LYS A NZ  1 
ATOM   411  N N   . HIS A 1 50  ? -11.657 5.111   -5.222  1.00 21.55 ? 50  HIS A N   1 
ATOM   412  C CA  . HIS A 1 50  ? -12.076 4.077   -4.279  1.00 24.04 ? 50  HIS A CA  1 
ATOM   413  C C   . HIS A 1 50  ? -13.125 4.596   -3.302  1.00 23.19 ? 50  HIS A C   1 
ATOM   414  O O   . HIS A 1 50  ? -13.943 3.815   -2.839  1.00 26.94 ? 50  HIS A O   1 
ATOM   415  C CB  . HIS A 1 50  ? -10.865 3.537   -3.539  1.00 24.07 ? 50  HIS A CB  1 
ATOM   416  C CG  . HIS A 1 50  ? -11.185 2.481   -2.523  1.00 24.88 ? 50  HIS A CG  1 
ATOM   417  N ND1 . HIS A 1 50  ? -12.014 1.404   -2.784  1.00 29.43 ? 50  HIS A ND1 1 
ATOM   418  C CD2 . HIS A 1 50  ? -10.742 2.317   -1.256  1.00 30.14 ? 50  HIS A CD2 1 
ATOM   419  C CE1 . HIS A 1 50  ? -12.090 0.640   -1.705  1.00 28.67 ? 50  HIS A CE1 1 
ATOM   420  N NE2 . HIS A 1 50  ? -11.317 1.162   -0.770  1.00 32.49 ? 50  HIS A NE2 1 
ATOM   421  N N   . VAL A 1 51  ? -13.085 5.905   -2.997  1.00 23.94 ? 51  VAL A N   1 
ATOM   422  C CA  . VAL A 1 51  ? -14.078 6.524   -2.097  1.00 25.49 ? 51  VAL A CA  1 
ATOM   423  C C   . VAL A 1 51  ? -14.971 7.500   -2.870  1.00 30.72 ? 51  VAL A C   1 
ATOM   424  O O   . VAL A 1 51  ? -15.550 8.449   -2.307  1.00 32.21 ? 51  VAL A O   1 
ATOM   425  C CB  . VAL A 1 51  ? -13.407 7.227   -0.913  1.00 26.35 ? 51  VAL A CB  1 
ATOM   426  C CG1 . VAL A 1 51  ? -12.702 6.215   -0.043  1.00 29.79 ? 51  VAL A CG1 1 
ATOM   427  C CG2 . VAL A 1 51  ? -12.477 8.361   -1.388  1.00 27.83 ? 51  VAL A CG2 1 
ATOM   428  N N   . GLY A 1 52  ? -15.070 7.272   -4.171  1.00 27.45 ? 52  GLY A N   1 
ATOM   429  C CA  . GLY A 1 52  ? -16.044 7.971   -5.010  1.00 33.03 ? 52  GLY A CA  1 
ATOM   430  C C   . GLY A 1 52  ? -15.628 9.354   -5.476  1.00 37.02 ? 52  GLY A C   1 
ATOM   431  O O   . GLY A 1 52  ? -16.469 10.153  -5.896  1.00 41.25 ? 52  GLY A O   1 
ATOM   432  N N   . LEU A 1 53  ? -14.336 9.641   -5.436  1.00 29.43 ? 53  LEU A N   1 
ATOM   433  C CA  . LEU A 1 53  ? -13.812 10.928  -5.867  1.00 33.49 ? 53  LEU A CA  1 
ATOM   434  C C   . LEU A 1 53  ? -13.082 10.793  -7.200  1.00 31.63 ? 53  LEU A C   1 
ATOM   435  O O   . LEU A 1 53  ? -12.892 9.701   -7.705  1.00 34.24 ? 53  LEU A O   1 
ATOM   436  C CB  . LEU A 1 53  ? -12.879 11.494  -4.799  1.00 32.85 ? 53  LEU A CB  1 
ATOM   437  C CG  . LEU A 1 53  ? -13.492 11.669  -3.409  1.00 35.76 ? 53  LEU A CG  1 
ATOM   438  C CD1 . LEU A 1 53  ? -12.445 12.164  -2.431  1.00 38.49 ? 53  LEU A CD1 1 
ATOM   439  C CD2 . LEU A 1 53  ? -14.673 12.640  -3.440  1.00 39.42 ? 53  LEU A CD2 1 
ATOM   440  N N   . GLU A 1 54  ? -12.665 11.912  -7.769  1.00 35.95 ? 54  GLU A N   1 
ATOM   441  C CA  . GLU A 1 54  ? -11.988 11.898  -9.045  1.00 35.95 ? 54  GLU A CA  1 
ATOM   442  C C   . GLU A 1 54  ? -10.493 11.684  -8.834  1.00 32.16 ? 54  GLU A C   1 
ATOM   443  O O   . GLU A 1 54  ? -9.911  12.287  -7.943  1.00 33.43 ? 54  GLU A O   1 
ATOM   444  C CB  . GLU A 1 54  ? -12.234 13.223  -9.772  1.00 42.85 ? 54  GLU A CB  1 
ATOM   445  C CG  . GLU A 1 54  ? -11.709 13.238  -11.204 1.00 53.73 ? 54  GLU A CG  1 
ATOM   446  C CD  . GLU A 1 54  ? -12.163 14.457  -11.998 1.00 61.49 ? 54  GLU A CD  1 
ATOM   447  O OE1 . GLU A 1 54  ? -13.079 15.173  -11.528 1.00 68.65 ? 54  GLU A OE1 1 
ATOM   448  O OE2 . GLU A 1 54  ? -11.601 14.696  -13.094 1.00 65.92 ? 54  GLU A OE2 1 
ATOM   449  N N   . ASN A 1 55  ? -9.883  10.813  -9.633  1.00 30.72 ? 55  ASN A N   1 
ATOM   450  C CA  . ASN A 1 55  ? -8.428  10.641  -9.580  1.00 30.46 ? 55  ASN A CA  1 
ATOM   451  C C   . ASN A 1 55  ? -7.741  11.860  -10.173 1.00 30.12 ? 55  ASN A C   1 
ATOM   452  O O   . ASN A 1 55  ? -8.284  12.486  -11.082 1.00 39.11 ? 55  ASN A O   1 
ATOM   453  C CB  . ASN A 1 55  ? -7.976  9.390   -10.337 1.00 29.41 ? 55  ASN A CB  1 
ATOM   454  C CG  . ASN A 1 55  ? -8.417  8.107   -9.663  1.00 28.65 ? 55  ASN A CG  1 
ATOM   455  O OD1 . ASN A 1 55  ? -8.877  8.124   -8.528  1.00 25.13 ? 55  ASN A OD1 1 
ATOM   456  N ND2 . ASN A 1 55  ? -8.305  6.986   -10.385 1.00 28.09 ? 55  ASN A ND2 1 
ATOM   457  N N   . ARG A 1 56  ? -6.551  12.169  -9.684  1.00 33.18 ? 56  ARG A N   1 
ATOM   458  C CA  . ARG A 1 56  ? -5.740  13.232  -10.257 1.00 38.11 ? 56  ARG A CA  1 
ATOM   459  C C   . ARG A 1 56  ? -4.365  12.682  -10.627 1.00 39.67 ? 56  ARG A C   1 
ATOM   460  O O   . ARG A 1 56  ? -4.111  11.482  -10.520 1.00 38.10 ? 56  ARG A O   1 
ATOM   461  C CB  . ARG A 1 56  ? -5.549  14.369  -9.254  1.00 40.26 ? 56  ARG A CB  1 
ATOM   462  C CG  . ARG A 1 56  ? -6.757  14.773  -8.463  1.00 48.95 ? 56  ARG A CG  1 
ATOM   463  C CD  . ARG A 1 56  ? -6.422  16.048  -7.703  1.00 58.60 ? 56  ARG A CD  1 
ATOM   464  N NE  . ARG A 1 56  ? -6.813  15.999  -6.299  1.00 67.01 ? 56  ARG A NE  1 
ATOM   465  C CZ  . ARG A 1 56  ? -6.423  16.888  -5.390  1.00 70.14 ? 56  ARG A CZ  1 
ATOM   466  N NH1 . ARG A 1 56  ? -5.632  17.900  -5.743  1.00 71.38 ? 56  ARG A NH1 1 
ATOM   467  N NH2 . ARG A 1 56  ? -6.823  16.765  -4.126  1.00 67.29 ? 56  ARG A NH2 1 
ATOM   468  N N   . ILE A 1 57  ? -3.450  13.553  -11.024 1.00 40.18 ? 57  ILE A N   1 
ATOM   469  C CA  . ILE A 1 57  ? -2.105  13.074  -11.354 1.00 44.78 ? 57  ILE A CA  1 
ATOM   470  C C   . ILE A 1 57  ? -1.065  13.606  -10.374 1.00 49.00 ? 57  ILE A C   1 
ATOM   471  O O   . ILE A 1 57  ? -0.248  14.461  -10.723 1.00 54.80 ? 57  ILE A O   1 
ATOM   472  C CB  . ILE A 1 57  ? -1.735  13.420  -12.825 1.00 45.65 ? 57  ILE A CB  1 
ATOM   473  C CG1 . ILE A 1 57  ? -0.289  13.030  -13.120 1.00 48.02 ? 57  ILE A CG1 1 
ATOM   474  C CG2 . ILE A 1 57  ? -1.991  14.907  -13.136 1.00 56.73 ? 57  ILE A CG2 1 
ATOM   475  C CD1 . ILE A 1 57  ? 0.194   13.481  -14.460 1.00 51.75 ? 57  ILE A CD1 1 
ATOM   476  N N   . PRO A 1 58  ? -1.086  13.110  -9.126  1.00 38.43 ? 58  PRO A N   1 
ATOM   477  C CA  . PRO A 1 58  ? -0.061  13.600  -8.219  1.00 37.48 ? 58  PRO A CA  1 
ATOM   478  C C   . PRO A 1 58  ? 1.352   13.150  -8.593  1.00 36.52 ? 58  PRO A C   1 
ATOM   479  O O   . PRO A 1 58  ? 2.318   13.829  -8.260  1.00 41.39 ? 58  PRO A O   1 
ATOM   480  C CB  . PRO A 1 58  ? -0.473  13.005  -6.874  1.00 33.04 ? 58  PRO A CB  1 
ATOM   481  C CG  . PRO A 1 58  ? -1.289  11.827  -7.208  1.00 36.51 ? 58  PRO A CG  1 
ATOM   482  C CD  . PRO A 1 58  ? -1.993  12.154  -8.468  1.00 33.16 ? 58  PRO A CD  1 
ATOM   483  N N   . PHE A 1 59  ? 1.476   11.998  -9.251  1.00 27.50 ? 59  PHE A N   1 
ATOM   484  C CA  . PHE A 1 59  ? 2.774   11.473  -9.642  1.00 27.67 ? 59  PHE A CA  1 
ATOM   485  C C   . PHE A 1 59  ? 2.860   11.311  -11.163 1.00 28.20 ? 59  PHE A C   1 
ATOM   486  O O   . PHE A 1 59  ? 1.967   10.746  -11.772 1.00 30.15 ? 59  PHE A O   1 
ATOM   487  C CB  . PHE A 1 59  ? 2.993   10.111  -8.980  1.00 29.55 ? 59  PHE A CB  1 
ATOM   488  C CG  . PHE A 1 59  ? 3.230   10.179  -7.493  1.00 28.28 ? 59  PHE A CG  1 
ATOM   489  C CD1 . PHE A 1 59  ? 4.497   10.460  -6.985  1.00 25.62 ? 59  PHE A CD1 1 
ATOM   490  C CD2 . PHE A 1 59  ? 2.198   9.938   -6.597  1.00 26.83 ? 59  PHE A CD2 1 
ATOM   491  C CE1 . PHE A 1 59  ? 4.720   10.514  -5.635  1.00 26.85 ? 59  PHE A CE1 1 
ATOM   492  C CE2 . PHE A 1 59  ? 2.436   9.981   -5.226  1.00 25.95 ? 59  PHE A CE2 1 
ATOM   493  C CZ  . PHE A 1 59  ? 3.702   10.257  -4.761  1.00 27.83 ? 59  PHE A CZ  1 
ATOM   494  N N   . LYS A 1 60  ? 3.959   11.783  -11.761 1.00 31.49 ? 60  LYS A N   1 
ATOM   495  C CA  . LYS A 1 60  ? 4.177   11.669  -13.199 1.00 28.97 ? 60  LYS A CA  1 
ATOM   496  C C   . LYS A 1 60  ? 4.143   10.203  -13.590 1.00 28.05 ? 60  LYS A C   1 
ATOM   497  O O   . LYS A 1 60  ? 4.737   9.362   -12.929 1.00 27.94 ? 60  LYS A O   1 
ATOM   498  C CB  . LYS A 1 60  ? 5.499   12.309  -13.612 1.00 35.68 ? 60  LYS A CB  1 
ATOM   499  C CG  . LYS A 1 60  ? 5.791   12.201  -15.101 1.00 40.07 ? 60  LYS A CG  1 
ATOM   500  C CD  . LYS A 1 60  ? 7.071   12.939  -15.478 1.00 45.48 ? 60  LYS A CD  1 
ATOM   501  C CE  . LYS A 1 60  ? 7.612   12.497  -16.843 1.00 46.49 ? 60  LYS A CE  1 
ATOM   502  N NZ  . LYS A 1 60  ? 6.554   12.497  -17.898 1.00 51.56 ? 60  LYS A NZ  1 
ATOM   503  N N   . ASP A 1 61  ? 3.362   9.916   -14.624 1.00 30.49 ? 61  ASP A N   1 
ATOM   504  C CA  . ASP A 1 61  ? 3.193   8.553   -15.142 1.00 32.59 ? 61  ASP A CA  1 
ATOM   505  C C   . ASP A 1 61  ? 2.556   7.622   -14.137 1.00 28.03 ? 61  ASP A C   1 
ATOM   506  O O   . ASP A 1 61  ? 2.414   6.433   -14.434 1.00 30.74 ? 61  ASP A O   1 
ATOM   507  C CB  . ASP A 1 61  ? 4.519   7.961   -15.635 1.00 30.90 ? 61  ASP A CB  1 
ATOM   508  C CG  . ASP A 1 61  ? 5.121   8.755   -16.763 1.00 37.44 ? 61  ASP A CG  1 
ATOM   509  O OD1 . ASP A 1 61  ? 4.362   9.138   -17.677 1.00 40.49 ? 61  ASP A OD1 1 
ATOM   510  O OD2 . ASP A 1 61  ? 6.349   8.991   -16.733 1.00 40.47 ? 61  ASP A OD2 1 
ATOM   511  N N   . GLY A 1 62  ? 2.121   8.131   -12.978 1.00 28.72 ? 62  GLY A N   1 
ATOM   512  C CA  . GLY A 1 62  ? 1.546   7.260   -11.944 1.00 24.52 ? 62  GLY A CA  1 
ATOM   513  C C   . GLY A 1 62  ? 2.589   6.457   -11.162 1.00 24.23 ? 62  GLY A C   1 
ATOM   514  O O   . GLY A 1 62  ? 2.263   5.534   -10.405 1.00 24.70 ? 62  GLY A O   1 
ATOM   515  N N   . ILE A 1 63  ? 3.853   6.819   -11.324 1.00 21.03 ? 63  ILE A N   1 
ATOM   516  C CA  . ILE A 1 63  ? 4.974   6.188   -10.664 1.00 22.88 ? 63  ILE A CA  1 
ATOM   517  C C   . ILE A 1 63  ? 5.162   6.849   -9.310  1.00 24.22 ? 63  ILE A C   1 
ATOM   518  O O   . ILE A 1 63  ? 5.457   8.050   -9.222  1.00 23.71 ? 63  ILE A O   1 
ATOM   519  C CB  . ILE A 1 63  ? 6.259   6.255   -11.509 1.00 23.43 ? 63  ILE A CB  1 
ATOM   520  C CG1 . ILE A 1 63  ? 6.049   5.452   -12.806 1.00 26.14 ? 63  ILE A CG1 1 
ATOM   521  C CG2 . ILE A 1 63  ? 7.435   5.739   -10.755 1.00 25.42 ? 63  ILE A CG2 1 
ATOM   522  C CD1 . ILE A 1 63  ? 7.052   5.751   -13.867 1.00 30.63 ? 63  ILE A CD1 1 
ATOM   523  N N   . ILE A 1 64  ? 4.946   6.081   -8.262  1.00 22.41 ? 64  ILE A N   1 
ATOM   524  C CA  . ILE A 1 64  ? 5.102   6.599   -6.900  1.00 19.92 ? 64  ILE A CA  1 
ATOM   525  C C   . ILE A 1 64  ? 6.583   6.597   -6.592  1.00 22.60 ? 64  ILE A C   1 
ATOM   526  O O   . ILE A 1 64  ? 7.261   5.557   -6.624  1.00 25.84 ? 64  ILE A O   1 
ATOM   527  C CB  . ILE A 1 64  ? 4.389   5.703   -5.872  1.00 19.53 ? 64  ILE A CB  1 
ATOM   528  C CG1 . ILE A 1 64  ? 2.954   5.413   -6.291  1.00 27.19 ? 64  ILE A CG1 1 
ATOM   529  C CG2 . ILE A 1 64  ? 4.418   6.378   -4.524  1.00 24.85 ? 64  ILE A CG2 1 
ATOM   530  C CD1 . ILE A 1 64  ? 2.087   6.619   -6.509  1.00 29.97 ? 64  ILE A CD1 1 
ATOM   531  N N   . LYS A 1 65  ? 7.121   7.787   -6.308  1.00 24.25 ? 65  LYS A N   1 
ATOM   532  C CA  . LYS A 1 65  ? 8.546   7.911   -6.045  1.00 24.77 ? 65  LYS A CA  1 
ATOM   533  C C   . LYS A 1 65  ? 8.827   9.053   -5.102  1.00 25.13 ? 65  LYS A C   1 
ATOM   534  O O   . LYS A 1 65  ? 8.035   9.979   -4.997  1.00 28.46 ? 65  LYS A O   1 
ATOM   535  C CB  . LYS A 1 65  ? 9.316   8.168   -7.333  1.00 26.58 ? 65  LYS A CB  1 
ATOM   536  C CG  . LYS A 1 65  ? 8.996   9.492   -7.988  1.00 29.05 ? 65  LYS A CG  1 
ATOM   537  C CD  . LYS A 1 65  ? 9.810   9.733   -9.269  1.00 33.92 ? 65  LYS A CD  1 
ATOM   538  C CE  . LYS A 1 65  ? 9.544   11.152  -9.800  1.00 37.04 ? 65  LYS A CE  1 
ATOM   539  N NZ  . LYS A 1 65  ? 9.881   11.346  -11.258 1.00 44.35 ? 65  LYS A NZ  1 
ATOM   540  N N   . GLY A 1 66  ? 9.972   8.940   -4.454  1.00 26.73 ? 66  GLY A N   1 
ATOM   541  C CA  . GLY A 1 66  ? 10.554  10.068  -3.712  1.00 27.51 ? 66  GLY A CA  1 
ATOM   542  C C   . GLY A 1 66  ? 11.241  9.621   -2.459  1.00 28.42 ? 66  GLY A C   1 
ATOM   543  O O   . GLY A 1 66  ? 11.419  8.438   -2.196  1.00 24.67 ? 66  GLY A O   1 
ATOM   544  N N   . LYS A 1 67  ? 11.650  10.600  -1.653  1.00 28.40 ? 67  LYS A N   1 
ATOM   545  C CA  . LYS A 1 67  ? 12.249  10.272  -0.390  1.00 28.33 ? 67  LYS A CA  1 
ATOM   546  C C   . LYS A 1 67  ? 11.219  9.623   0.519   1.00 22.71 ? 67  LYS A C   1 
ATOM   547  O O   . LYS A 1 67  ? 10.103  10.115  0.660   1.00 25.92 ? 67  LYS A O   1 
ATOM   548  C CB  . LYS A 1 67  ? 12.822  11.502  0.330   1.00 35.83 ? 67  LYS A CB  1 
ATOM   549  C CG  . LYS A 1 67  ? 13.541  11.079  1.609   1.00 38.51 ? 67  LYS A CG  1 
ATOM   550  C CD  . LYS A 1 67  ? 13.935  12.250  2.494   1.00 47.96 ? 67  LYS A CD  1 
ATOM   551  C CE  . LYS A 1 67  ? 14.066  11.779  3.939   1.00 54.52 ? 67  LYS A CE  1 
ATOM   552  N NZ  . LYS A 1 67  ? 14.407  10.321  4.010   1.00 62.36 ? 67  LYS A NZ  1 
ATOM   553  N N   . GLY A 1 68  ? 11.644  8.523   1.109   1.00 24.39 ? 68  GLY A N   1 
ATOM   554  C CA  . GLY A 1 68  ? 10.835  7.786   2.017   1.00 27.15 ? 68  GLY A CA  1 
ATOM   555  C C   . GLY A 1 68  ? 11.378  7.884   3.431   1.00 29.51 ? 68  GLY A C   1 
ATOM   556  O O   . GLY A 1 68  ? 12.574  8.123   3.666   1.00 28.67 ? 68  GLY A O   1 
ATOM   557  N N   . TYR A 1 69  ? 10.493  7.660   4.381   1.00 27.16 ? 69  TYR A N   1 
ATOM   558  C CA  . TYR A 1 69  ? 10.878  7.512   5.757   1.00 28.09 ? 69  TYR A CA  1 
ATOM   559  C C   . TYR A 1 69  ? 9.891   6.551   6.373   1.00 28.29 ? 69  TYR A C   1 
ATOM   560  O O   . TYR A 1 69  ? 8.712   6.545   5.988   1.00 26.67 ? 69  TYR A O   1 
ATOM   561  C CB  . TYR A 1 69  ? 10.837  8.866   6.472   1.00 30.24 ? 69  TYR A CB  1 
ATOM   562  C CG  . TYR A 1 69  ? 11.725  8.918   7.693   1.00 37.36 ? 69  TYR A CG  1 
ATOM   563  C CD1 . TYR A 1 69  ? 13.035  9.337   7.582   1.00 35.87 ? 69  TYR A CD1 1 
ATOM   564  C CD2 . TYR A 1 69  ? 11.260  8.529   8.937   1.00 33.26 ? 69  TYR A CD2 1 
ATOM   565  C CE1 . TYR A 1 69  ? 13.863  9.393   8.684   1.00 45.04 ? 69  TYR A CE1 1 
ATOM   566  C CE2 . TYR A 1 69  ? 12.083  8.590   10.058  1.00 35.41 ? 69  TYR A CE2 1 
ATOM   567  C CZ  . TYR A 1 69  ? 13.386  9.009   9.910   1.00 39.82 ? 69  TYR A CZ  1 
ATOM   568  O OH  . TYR A 1 69  ? 14.239  9.070   11.004  1.00 44.99 ? 69  TYR A OH  1 
ATOM   569  N N   . CYS A 1 70  ? 10.371  5.731   7.294   1.00 25.16 ? 70  CYS A N   1 
ATOM   570  C CA  . CYS A 1 70  ? 9.553   4.759   7.969   1.00 25.06 ? 70  CYS A CA  1 
ATOM   571  C C   . CYS A 1 70  ? 9.573   5.026   9.478   1.00 29.88 ? 70  CYS A C   1 
ATOM   572  O O   . CYS A 1 70  ? 10.646  5.189   10.077  1.00 28.83 ? 70  CYS A O   1 
ATOM   573  C CB  . CYS A 1 70  ? 9.984   3.330   7.637   1.00 27.84 ? 70  CYS A CB  1 
ATOM   574  S SG  . CYS A 1 70  ? 8.954   2.099   8.373   1.00 29.46 ? 70  CYS A SG  1 
ATOM   575  N N   . ILE A 1 71  ? 8.377   5.105   10.051  1.00 26.60 ? 71  ILE A N   1 
ATOM   576  C CA  . ILE A 1 71  ? 8.174   5.247   11.505  1.00 28.76 ? 71  ILE A CA  1 
ATOM   577  C C   . ILE A 1 71  ? 7.412   4.061   12.074  1.00 30.68 ? 71  ILE A C   1 
ATOM   578  O O   . ILE A 1 71  ? 6.586   3.425   11.389  1.00 29.60 ? 71  ILE A O   1 
ATOM   579  C CB  . ILE A 1 71  ? 7.435   6.533   11.840  1.00 29.38 ? 71  ILE A CB  1 
ATOM   580  C CG1 . ILE A 1 71  ? 6.068   6.563   11.143  1.00 28.88 ? 71  ILE A CG1 1 
ATOM   581  C CG2 . ILE A 1 71  ? 8.282   7.736   11.426  1.00 29.49 ? 71  ILE A CG2 1 
ATOM   582  C CD1 . ILE A 1 71  ? 5.219   7.733   11.521  1.00 31.58 ? 71  ILE A CD1 1 
ATOM   583  N N   . SER A 1 72  ? 7.682   3.767   13.340  1.00 30.47 ? 72  SER A N   1 
ATOM   584  C CA  . SER A 1 72  ? 6.996   2.753   14.077  1.00 28.27 ? 72  SER A CA  1 
ATOM   585  C C   . SER A 1 72  ? 5.791   3.386   14.726  1.00 33.95 ? 72  SER A C   1 
ATOM   586  O O   . SER A 1 72  ? 5.890   4.448   15.352  1.00 36.27 ? 72  SER A O   1 
ATOM   587  C CB  . SER A 1 72  ? 7.935   2.153   15.125  1.00 42.06 ? 72  SER A CB  1 
ATOM   588  O OG  . SER A 1 72  ? 7.337   1.050   15.762  1.00 54.62 ? 72  SER A OG  1 
ATOM   589  N N   . LEU A 1 73  ? 4.659   2.727   14.594  1.00 32.58 ? 73  LEU A N   1 
ATOM   590  C CA  . LEU A 1 73  ? 3.408   3.272   15.038  1.00 42.48 ? 73  LEU A CA  1 
ATOM   591  C C   . LEU A 1 73  ? 3.414   3.423   16.548  1.00 46.38 ? 73  LEU A C   1 
ATOM   592  O O   . LEU A 1 73  ? 2.889   4.404   17.080  1.00 54.83 ? 73  LEU A O   1 
ATOM   593  C CB  . LEU A 1 73  ? 2.254   2.377   14.584  1.00 37.12 ? 73  LEU A CB  1 
ATOM   594  C CG  . LEU A 1 73  ? 0.861   2.923   14.851  1.00 39.12 ? 73  LEU A CG  1 
ATOM   595  C CD1 . LEU A 1 73  ? 0.724   4.299   14.236  1.00 42.37 ? 73  LEU A CD1 1 
ATOM   596  C CD2 . LEU A 1 73  ? -0.171  1.976   14.317  1.00 39.66 ? 73  LEU A CD2 1 
ATOM   597  N N   . ASP A 1 74  ? 4.027   2.475   17.243  1.00 49.36 ? 74  ASP A N   1 
ATOM   598  C CA  . ASP A 1 74  ? 3.996   2.515   18.700  1.00 55.87 ? 74  ASP A CA  1 
ATOM   599  C C   . ASP A 1 74  ? 5.013   3.506   19.272  1.00 56.24 ? 74  ASP A C   1 
ATOM   600  O O   . ASP A 1 74  ? 4.753   4.136   20.294  1.00 64.82 ? 74  ASP A O   1 
ATOM   601  C CB  . ASP A 1 74  ? 4.143   1.110   19.305  1.00 60.22 ? 74  ASP A CB  1 
ATOM   602  C CG  . ASP A 1 74  ? 5.418   0.409   18.885  1.00 63.79 ? 74  ASP A CG  1 
ATOM   603  O OD1 . ASP A 1 74  ? 6.397   1.095   18.520  1.00 68.48 ? 74  ASP A OD1 1 
ATOM   604  O OD2 . ASP A 1 74  ? 5.441   -0.842  18.940  1.00 69.80 ? 74  ASP A OD2 1 
ATOM   605  N N   . ASP A 1 75  ? 6.149   3.668   18.600  1.00 58.52 ? 75  ASP A N   1 
ATOM   606  C CA  . ASP A 1 75  ? 7.176   4.619   19.038  1.00 52.94 ? 75  ASP A CA  1 
ATOM   607  C C   . ASP A 1 75  ? 6.820   6.082   18.805  1.00 57.20 ? 75  ASP A C   1 
ATOM   608  O O   . ASP A 1 75  ? 7.336   6.948   19.504  1.00 56.66 ? 75  ASP A O   1 
ATOM   609  C CB  . ASP A 1 75  ? 8.493   4.363   18.312  1.00 59.72 ? 75  ASP A CB  1 
ATOM   610  C CG  . ASP A 1 75  ? 9.222   3.154   18.828  1.00 64.82 ? 75  ASP A CG  1 
ATOM   611  O OD1 . ASP A 1 75  ? 8.708   2.501   19.765  1.00 66.20 ? 75  ASP A OD1 1 
ATOM   612  O OD2 . ASP A 1 75  ? 10.316  2.865   18.289  1.00 67.63 ? 75  ASP A OD2 1 
ATOM   613  N N   . PHE A 1 76  ? 5.951   6.355   17.829  1.00 47.87 ? 76  PHE A N   1 
ATOM   614  C CA  . PHE A 1 76  ? 5.738   7.720   17.312  1.00 48.31 ? 76  PHE A CA  1 
ATOM   615  C C   . PHE A 1 76  ? 4.582   8.484   17.988  1.00 51.46 ? 76  PHE A C   1 
ATOM   616  O O   . PHE A 1 76  ? 3.496   8.593   17.420  1.00 65.77 ? 76  PHE A O   1 
ATOM   617  C CB  . PHE A 1 76  ? 5.481   7.640   15.798  1.00 40.34 ? 76  PHE A CB  1 
ATOM   618  C CG  . PHE A 1 76  ? 5.759   8.917   15.063  1.00 35.58 ? 76  PHE A CG  1 
ATOM   619  C CD1 . PHE A 1 76  ? 7.051   9.220   14.648  1.00 37.98 ? 76  PHE A CD1 1 
ATOM   620  C CD2 . PHE A 1 76  ? 4.745   9.811   14.757  1.00 33.09 ? 76  PHE A CD2 1 
ATOM   621  C CE1 . PHE A 1 76  ? 7.324   10.392  13.951  1.00 34.88 ? 76  PHE A CE1 1 
ATOM   622  C CE2 . PHE A 1 76  ? 5.024   10.975  14.065  1.00 39.15 ? 76  PHE A CE2 1 
ATOM   623  C CZ  . PHE A 1 76  ? 6.321   11.257  13.660  1.00 37.17 ? 76  PHE A CZ  1 
ATOM   624  N N   . PRO A 1 77  ? 4.816   9.055   19.185  1.00 59.00 ? 77  PRO A N   1 
ATOM   625  C CA  . PRO A 1 77  ? 3.690   9.600   19.948  1.00 57.76 ? 77  PRO A CA  1 
ATOM   626  C C   . PRO A 1 77  ? 3.400   11.076  19.662  1.00 60.90 ? 77  PRO A C   1 
ATOM   627  O O   . PRO A 1 77  ? 2.389   11.395  19.039  1.00 71.27 ? 77  PRO A O   1 
ATOM   628  C CB  . PRO A 1 77  ? 4.143   9.418   21.403  1.00 59.99 ? 77  PRO A CB  1 
ATOM   629  C CG  . PRO A 1 77  ? 5.663   9.337   21.347  1.00 58.56 ? 77  PRO A CG  1 
ATOM   630  C CD  . PRO A 1 77  ? 6.085   9.271   19.896  1.00 59.95 ? 77  PRO A CD  1 
ATOM   631  N N   . GLY A 1 78  ? 4.275   11.964  20.124  1.00 53.41 ? 78  GLY A N   1 
ATOM   632  C CA  . GLY A 1 78  ? 4.117   13.393  19.886  1.00 51.03 ? 78  GLY A CA  1 
ATOM   633  C C   . GLY A 1 78  ? 5.342   13.916  19.171  1.00 47.94 ? 78  GLY A C   1 
ATOM   634  O O   . GLY A 1 78  ? 6.133   14.672  19.736  1.00 44.49 ? 78  GLY A O   1 
ATOM   635  N N   . ASN A 1 79  ? 5.501   13.512  17.915  1.00 36.54 ? 79  ASN A N   1 
ATOM   636  C CA  . ASN A 1 79  ? 6.706   13.824  17.156  1.00 33.94 ? 79  ASN A CA  1 
ATOM   637  C C   . ASN A 1 79  ? 6.410   14.686  15.933  1.00 33.52 ? 79  ASN A C   1 
ATOM   638  O O   . ASN A 1 79  ? 5.327   14.607  15.354  1.00 38.21 ? 79  ASN A O   1 
ATOM   639  C CB  . ASN A 1 79  ? 7.421   12.539  16.734  1.00 32.45 ? 79  ASN A CB  1 
ATOM   640  C CG  . ASN A 1 79  ? 8.013   11.787  17.910  1.00 34.75 ? 79  ASN A CG  1 
ATOM   641  O OD1 . ASN A 1 79  ? 7.486   11.837  19.021  1.00 49.15 ? 79  ASN A OD1 1 
ATOM   642  N ND2 . ASN A 1 79  ? 9.114   11.085  17.670  1.00 40.41 ? 79  ASN A ND2 1 
ATOM   643  N N   . LYS A 1 80  ? 7.380   15.507  15.547  1.00 29.96 ? 80  LYS A N   1 
ATOM   644  C CA  . LYS A 1 80  ? 7.514   15.937  14.159  1.00 33.30 ? 80  LYS A CA  1 
ATOM   645  C C   . LYS A 1 80  ? 7.571   14.740  13.216  1.00 30.86 ? 80  LYS A C   1 
ATOM   646  O O   . LYS A 1 80  ? 8.450   13.887  13.333  1.00 31.04 ? 80  LYS A O   1 
ATOM   647  C CB  . LYS A 1 80  ? 8.761   16.806  13.985  1.00 31.55 ? 80  LYS A CB  1 
ATOM   648  C CG  . LYS A 1 80  ? 8.589   17.947  12.995  1.00 36.89 ? 80  LYS A CG  1 
ATOM   649  C CD  . LYS A 1 80  ? 9.925   18.573  12.636  1.00 44.22 ? 80  LYS A CD  1 
ATOM   650  C CE  . LYS A 1 80  ? 9.844   20.091  12.642  1.00 49.84 ? 80  LYS A CE  1 
ATOM   651  N NZ  . LYS A 1 80  ? 11.171  20.718  12.891  1.00 35.24 ? 80  LYS A NZ  1 
ATOM   652  N N   . LEU A 1 81  ? 6.628   14.685  12.281  1.00 29.09 ? 81  LEU A N   1 
ATOM   653  C CA  . LEU A 1 81  ? 6.766   13.836  11.103  1.00 27.38 ? 81  LEU A CA  1 
ATOM   654  C C   . LEU A 1 81  ? 8.093   14.086  10.395  1.00 34.98 ? 81  LEU A C   1 
ATOM   655  O O   . LEU A 1 81  ? 8.600   15.208  10.384  1.00 37.11 ? 81  LEU A O   1 
ATOM   656  C CB  . LEU A 1 81  ? 5.602   14.068  10.137  1.00 29.98 ? 81  LEU A CB  1 
ATOM   657  C CG  . LEU A 1 81  ? 4.227   13.587  10.603  1.00 31.20 ? 81  LEU A CG  1 
ATOM   658  C CD1 . LEU A 1 81  ? 3.134   14.116  9.689   1.00 32.82 ? 81  LEU A CD1 1 
ATOM   659  C CD2 . LEU A 1 81  ? 4.184   12.068  10.675  1.00 32.45 ? 81  LEU A CD2 1 
ATOM   660  N N   . PRO A 1 82  ? 8.651   13.033  9.806   1.00 33.95 ? 82  PRO A N   1 
ATOM   661  C CA  . PRO A 1 82  ? 9.857   13.157  9.007   1.00 33.68 ? 82  PRO A CA  1 
ATOM   662  C C   . PRO A 1 82  ? 9.611   13.953  7.736   1.00 36.58 ? 82  PRO A C   1 
ATOM   663  O O   . PRO A 1 82  ? 8.488   14.030  7.241   1.00 31.53 ? 82  PRO A O   1 
ATOM   664  C CB  . PRO A 1 82  ? 10.228  11.707  8.664   1.00 37.86 ? 82  PRO A CB  1 
ATOM   665  C CG  . PRO A 1 82  ? 9.282   10.816  9.408   1.00 42.06 ? 82  PRO A CG  1 
ATOM   666  C CD  . PRO A 1 82  ? 8.159   11.644  9.917   1.00 36.10 ? 82  PRO A CD  1 
ATOM   667  N N   . ALA A 1 83  ? 10.657  14.543  7.190   1.00 34.39 ? 83  ALA A N   1 
ATOM   668  C CA  . ALA A 1 83  ? 10.506  15.256  5.935   1.00 36.70 ? 83  ALA A CA  1 
ATOM   669  C C   . ALA A 1 83  ? 10.646  14.211  4.833   1.00 38.91 ? 83  ALA A C   1 
ATOM   670  O O   . ALA A 1 83  ? 11.723  13.656  4.622   1.00 44.38 ? 83  ALA A O   1 
ATOM   671  C CB  . ALA A 1 83  ? 11.554  16.336  5.796   1.00 40.31 ? 83  ALA A CB  1 
ATOM   672  N N   . CYS A 1 84  ? 9.547   13.928  4.150   1.00 37.53 ? 84  CYS A N   1 
ATOM   673  C CA  . CYS A 1 84  ? 9.548   12.850  3.158   1.00 31.65 ? 84  CYS A CA  1 
ATOM   674  C C   . CYS A 1 84  ? 8.367   12.982  2.242   1.00 33.31 ? 84  CYS A C   1 
ATOM   675  O O   . CYS A 1 84  ? 7.372   13.634  2.537   1.00 34.43 ? 84  CYS A O   1 
ATOM   676  C CB  . CYS A 1 84  ? 9.507   11.489  3.834   1.00 28.15 ? 84  CYS A CB  1 
ATOM   677  S SG  . CYS A 1 84  ? 7.995   11.156  4.736   1.00 30.68 ? 84  CYS A SG  1 
ATOM   678  N N   . ASP A 1 85  ? 8.493   12.328  1.101   1.00 27.33 ? 85  ASP A N   1 
ATOM   679  C CA  . ASP A 1 85  ? 7.416   12.281  0.124   1.00 29.79 ? 85  ASP A CA  1 
ATOM   680  C C   . ASP A 1 85  ? 6.479   11.092  0.406   1.00 22.96 ? 85  ASP A C   1 
ATOM   681  O O   . ASP A 1 85  ? 5.277   11.182  0.214   1.00 26.51 ? 85  ASP A O   1 
ATOM   682  C CB  . ASP A 1 85  ? 8.010   12.145  -1.268  1.00 29.21 ? 85  ASP A CB  1 
ATOM   683  C CG  . ASP A 1 85  ? 8.776   13.385  -1.710  1.00 37.47 ? 85  ASP A CG  1 
ATOM   684  O OD1 . ASP A 1 85  ? 8.206   14.482  -1.617  1.00 40.58 ? 85  ASP A OD1 1 
ATOM   685  O OD2 . ASP A 1 85  ? 9.938   13.251  -2.149  1.00 42.93 ? 85  ASP A OD2 1 
ATOM   686  N N   . ILE A 1 86  ? 7.096   10.011  0.846   1.00 22.64 ? 86  ILE A N   1 
ATOM   687  C CA  . ILE A 1 86  ? 6.403   8.768   1.113   1.00 23.93 ? 86  ILE A CA  1 
ATOM   688  C C   . ILE A 1 86  ? 6.684   8.415   2.549   1.00 22.60 ? 86  ILE A C   1 
ATOM   689  O O   . ILE A 1 86  ? 7.837   8.144   2.933   1.00 27.25 ? 86  ILE A O   1 
ATOM   690  C CB  . ILE A 1 86  ? 6.891   7.605   0.203   1.00 27.44 ? 86  ILE A CB  1 
ATOM   691  C CG1 . ILE A 1 86  ? 7.025   8.055   -1.267  1.00 34.16 ? 86  ILE A CG1 1 
ATOM   692  C CG2 . ILE A 1 86  ? 5.991   6.402   0.401   1.00 25.65 ? 86  ILE A CG2 1 
ATOM   693  C CD1 . ILE A 1 86  ? 5.762   8.438   -1.914  1.00 33.38 ? 86  ILE A CD1 1 
ATOM   694  N N   . LEU A 1 87  ? 5.609   8.316   3.323   1.00 21.25 ? 87  LEU A N   1 
ATOM   695  C CA  . LEU A 1 87  ? 5.695   7.896   4.706   1.00 22.67 ? 87  LEU A CA  1 
ATOM   696  C C   . LEU A 1 87  ? 5.236   6.472   4.856   1.00 22.68 ? 87  LEU A C   1 
ATOM   697  O O   . LEU A 1 87  ? 4.081   6.160   4.527   1.00 23.61 ? 87  LEU A O   1 
ATOM   698  C CB  . LEU A 1 87  ? 4.784   8.745   5.583   1.00 25.65 ? 87  LEU A CB  1 
ATOM   699  C CG  . LEU A 1 87  ? 4.889   8.356   7.063   1.00 21.24 ? 87  LEU A CG  1 
ATOM   700  C CD1 . LEU A 1 87  ? 6.210   8.772   7.672   1.00 25.54 ? 87  LEU A CD1 1 
ATOM   701  C CD2 . LEU A 1 87  ? 3.736   8.991   7.790   1.00 27.78 ? 87  LEU A CD2 1 
ATOM   702  N N   . LEU A 1 88  ? 6.118   5.611   5.347   1.00 20.19 ? 88  LEU A N   1 
ATOM   703  C CA  . LEU A 1 88  ? 5.758   4.257   5.664   1.00 21.53 ? 88  LEU A CA  1 
ATOM   704  C C   . LEU A 1 88  ? 5.541   4.101   7.159   1.00 23.68 ? 88  LEU A C   1 
ATOM   705  O O   . LEU A 1 88  ? 6.324   4.656   7.958   1.00 24.85 ? 88  LEU A O   1 
ATOM   706  C CB  . LEU A 1 88  ? 6.808   3.269   5.152   1.00 24.56 ? 88  LEU A CB  1 
ATOM   707  C CG  . LEU A 1 88  ? 7.115   3.402   3.658   1.00 20.85 ? 88  LEU A CG  1 
ATOM   708  C CD1 . LEU A 1 88  ? 8.073   2.286   3.310   1.00 23.99 ? 88  LEU A CD1 1 
ATOM   709  C CD2 . LEU A 1 88  ? 5.884   3.309   2.785   1.00 20.88 ? 88  LEU A CD2 1 
ATOM   710  N N   . ILE A 1 89  ? 4.513   3.354   7.534   1.00 23.42 ? 89  ILE A N   1 
ATOM   711  C CA  . ILE A 1 89  ? 4.134   3.131   8.922   1.00 23.19 ? 89  ILE A CA  1 
ATOM   712  C C   . ILE A 1 89  ? 4.222   1.656   9.214   1.00 22.83 ? 89  ILE A C   1 
ATOM   713  O O   . ILE A 1 89  ? 3.582   0.808   8.567   1.00 22.62 ? 89  ILE A O   1 
ATOM   714  C CB  . ILE A 1 89  ? 2.725   3.624   9.211   1.00 20.91 ? 89  ILE A CB  1 
ATOM   715  C CG1 . ILE A 1 89  ? 2.598   5.117   8.907   1.00 26.53 ? 89  ILE A CG1 1 
ATOM   716  C CG2 . ILE A 1 89  ? 2.307   3.246   10.651  1.00 28.93 ? 89  ILE A CG2 1 
ATOM   717  C CD1 . ILE A 1 89  ? 1.231   5.620   9.105   1.00 28.46 ? 89  ILE A CD1 1 
ATOM   718  N N   . TYR A 1 90  ? 5.090   1.322   10.166  1.00 24.12 ? 90  TYR A N   1 
ATOM   719  C CA  . TYR A 1 90  ? 5.308   -0.030  10.544  1.00 24.93 ? 90  TYR A CA  1 
ATOM   720  C C   . TYR A 1 90  ? 4.488   -0.327  11.776  1.00 26.60 ? 90  TYR A C   1 
ATOM   721  O O   . TYR A 1 90  ? 4.680   0.304   12.837  1.00 27.13 ? 90  TYR A O   1 
ATOM   722  C CB  . TYR A 1 90  ? 6.784   -0.303  10.827  1.00 26.08 ? 90  TYR A CB  1 
ATOM   723  C CG  . TYR A 1 90  ? 7.000   -1.715  11.274  1.00 27.20 ? 90  TYR A CG  1 
ATOM   724  C CD1 . TYR A 1 90  ? 6.747   -2.784  10.416  1.00 29.33 ? 90  TYR A CD1 1 
ATOM   725  C CD2 . TYR A 1 90  ? 7.449   -1.997  12.560  1.00 33.71 ? 90  TYR A CD2 1 
ATOM   726  C CE1 . TYR A 1 90  ? 6.919   -4.074  10.826  1.00 27.82 ? 90  TYR A CE1 1 
ATOM   727  C CE2 . TYR A 1 90  ? 7.628   -3.285  12.963  1.00 29.07 ? 90  TYR A CE2 1 
ATOM   728  C CZ  . TYR A 1 90  ? 7.374   -4.320  12.095  1.00 30.88 ? 90  TYR A CZ  1 
ATOM   729  O OH  . TYR A 1 90  ? 7.548   -5.612  12.499  1.00 33.55 ? 90  TYR A OH  1 
ATOM   730  N N   . THR A 1 91  ? 3.588   -1.279  11.643  1.00 25.28 ? 91  THR A N   1 
ATOM   731  C CA  . THR A 1 91  ? 2.651   -1.650  12.686  1.00 24.77 ? 91  THR A CA  1 
ATOM   732  C C   . THR A 1 91  ? 3.028   -2.967  13.334  1.00 26.82 ? 91  THR A C   1 
ATOM   733  O O   . THR A 1 91  ? 2.557   -3.296  14.423  1.00 31.18 ? 91  THR A O   1 
ATOM   734  C CB  . THR A 1 91  ? 1.202   -1.796  12.122  1.00 23.82 ? 91  THR A CB  1 
ATOM   735  O OG1 . THR A 1 91  ? 1.109   -2.928  11.227  1.00 23.16 ? 91  THR A OG1 1 
ATOM   736  C CG2 . THR A 1 91  ? 0.771   -0.515  11.439  1.00 25.37 ? 91  THR A CG2 1 
ATOM   737  N N   . GLY A 1 92  ? 3.800   -3.767  12.615  1.00 27.28 ? 92  GLY A N   1 
ATOM   738  C CA  . GLY A 1 92  ? 4.046   -5.149  12.977  1.00 27.92 ? 92  GLY A CA  1 
ATOM   739  C C   . GLY A 1 92  ? 2.956   -6.115  12.584  1.00 25.44 ? 92  GLY A C   1 
ATOM   740  O O   . GLY A 1 92  ? 3.075   -7.318  12.789  1.00 27.28 ? 92  GLY A O   1 
ATOM   741  N N   . PHE A 1 93  ? 1.841   -5.626  12.036  1.00 25.08 ? 93  PHE A N   1 
ATOM   742  C CA  . PHE A 1 93  ? 0.754   -6.496  11.702  1.00 22.92 ? 93  PHE A CA  1 
ATOM   743  C C   . PHE A 1 93  ? 1.096   -7.474  10.541  1.00 21.83 ? 93  PHE A C   1 
ATOM   744  O O   . PHE A 1 93  ? 0.462   -8.501  10.380  1.00 24.24 ? 93  PHE A O   1 
ATOM   745  C CB  . PHE A 1 93  ? -0.521  -5.711  11.381  1.00 24.00 ? 93  PHE A CB  1 
ATOM   746  C CG  . PHE A 1 93  ? -1.085  -4.930  12.540  1.00 25.16 ? 93  PHE A CG  1 
ATOM   747  C CD1 . PHE A 1 93  ? -0.662  -5.169  13.846  1.00 30.37 ? 93  PHE A CD1 1 
ATOM   748  C CD2 . PHE A 1 93  ? -2.067  -3.982  12.318  1.00 27.24 ? 93  PHE A CD2 1 
ATOM   749  C CE1 . PHE A 1 93  ? -1.209  -4.447  14.890  1.00 36.57 ? 93  PHE A CE1 1 
ATOM   750  C CE2 . PHE A 1 93  ? -2.620  -3.267  13.358  1.00 29.04 ? 93  PHE A CE2 1 
ATOM   751  C CZ  . PHE A 1 93  ? -2.183  -3.491  14.636  1.00 31.67 ? 93  PHE A CZ  1 
ATOM   752  N N   . SER A 1 94  ? 2.111   -7.124  9.765   1.00 24.92 ? 94  SER A N   1 
ATOM   753  C CA  . SER A 1 94  ? 2.596   -7.970  8.674   1.00 22.88 ? 94  SER A CA  1 
ATOM   754  C C   . SER A 1 94  ? 3.054   -9.313  9.220   1.00 24.67 ? 94  SER A C   1 
ATOM   755  O O   . SER A 1 94  ? 3.174   -10.250 8.485   1.00 27.14 ? 94  SER A O   1 
ATOM   756  C CB  . SER A 1 94  ? 3.738   -7.278  7.926   1.00 28.10 ? 94  SER A CB  1 
ATOM   757  O OG  . SER A 1 94  ? 4.714   -6.662  8.783   1.00 26.73 ? 94  SER A OG  1 
ATOM   758  N N   . LYS A 1 95  ? 3.351   -9.367  10.512  1.00 28.06 ? 95  LYS A N   1 
ATOM   759  C CA  . LYS A 1 95  ? 3.692   -10.640 11.133  1.00 30.14 ? 95  LYS A CA  1 
ATOM   760  C C   . LYS A 1 95  ? 2.584   -11.669 10.895  1.00 29.36 ? 95  LYS A C   1 
ATOM   761  O O   . LYS A 1 95  ? 2.851   -12.859 10.749  1.00 33.13 ? 95  LYS A O   1 
ATOM   762  C CB  . LYS A 1 95  ? 3.929   -10.432 12.648  1.00 31.35 ? 95  LYS A CB  1 
ATOM   763  C CG  . LYS A 1 95  ? 4.463   -11.614 13.390  1.00 41.53 ? 95  LYS A CG  1 
ATOM   764  C CD  . LYS A 1 95  ? 4.400   -11.334 14.885  1.00 37.60 ? 95  LYS A CD  1 
ATOM   765  C CE  . LYS A 1 95  ? 3.316   -12.139 15.598  1.00 54.63 ? 95  LYS A CE  1 
ATOM   766  N NZ  . LYS A 1 95  ? 3.872   -13.390 16.196  1.00 56.42 ? 95  LYS A NZ  1 
ATOM   767  N N   . TYR A 1 96  ? 1.335   -11.196 10.802  1.00 26.78 ? 96  TYR A N   1 
ATOM   768  C CA  . TYR A 1 96  ? 0.173   -12.035 10.650  1.00 23.38 ? 96  TYR A CA  1 
ATOM   769  C C   . TYR A 1 96  ? -0.324  -12.244 9.196   1.00 23.32 ? 96  TYR A C   1 
ATOM   770  O O   . TYR A 1 96  ? -1.400  -12.761 8.992   1.00 24.41 ? 96  TYR A O   1 
ATOM   771  C CB  . TYR A 1 96  ? -0.984  -11.462 11.450  1.00 29.72 ? 96  TYR A CB  1 
ATOM   772  C CG  . TYR A 1 96  ? -0.697  -11.447 12.918  1.00 33.90 ? 96  TYR A CG  1 
ATOM   773  C CD1 . TYR A 1 96  ? -1.018  -12.545 13.706  1.00 36.65 ? 96  TYR A CD1 1 
ATOM   774  C CD2 . TYR A 1 96  ? -0.072  -10.365 13.504  1.00 32.50 ? 96  TYR A CD2 1 
ATOM   775  C CE1 . TYR A 1 96  ? -0.744  -12.543 15.050  1.00 37.76 ? 96  TYR A CE1 1 
ATOM   776  C CE2 . TYR A 1 96  ? 0.209   -10.352 14.858  1.00 38.60 ? 96  TYR A CE2 1 
ATOM   777  C CZ  . TYR A 1 96  ? -0.131  -11.438 15.619  1.00 38.05 ? 96  TYR A CZ  1 
ATOM   778  O OH  . TYR A 1 96  ? 0.156   -11.420 16.965  1.00 43.08 ? 96  TYR A OH  1 
ATOM   779  N N   . TRP A 1 97  ? 0.473   -11.802 8.226   1.00 25.40 ? 97  TRP A N   1 
ATOM   780  C CA  . TRP A 1 97  ? 0.107   -11.920 6.819   1.00 25.43 ? 97  TRP A CA  1 
ATOM   781  C C   . TRP A 1 97  ? -0.191  -13.374 6.519   1.00 24.50 ? 97  TRP A C   1 
ATOM   782  O O   . TRP A 1 97  ? 0.588   -14.264 6.924   1.00 27.62 ? 97  TRP A O   1 
ATOM   783  C CB  . TRP A 1 97  ? 1.253   -11.446 5.935   1.00 25.85 ? 97  TRP A CB  1 
ATOM   784  C CG  . TRP A 1 97  ? 0.957   -11.644 4.492   1.00 25.04 ? 97  TRP A CG  1 
ATOM   785  C CD1 . TRP A 1 97  ? 1.534   -12.553 3.644   1.00 25.77 ? 97  TRP A CD1 1 
ATOM   786  C CD2 . TRP A 1 97  ? -0.015  -10.934 3.725   1.00 25.32 ? 97  TRP A CD2 1 
ATOM   787  N NE1 . TRP A 1 97  ? 0.963   -12.442 2.396   1.00 25.34 ? 97  TRP A NE1 1 
ATOM   788  C CE2 . TRP A 1 97  ? 0.029   -11.441 2.420   1.00 22.68 ? 97  TRP A CE2 1 
ATOM   789  C CE3 . TRP A 1 97  ? -0.906  -9.891  4.008   1.00 23.15 ? 97  TRP A CE3 1 
ATOM   790  C CZ2 . TRP A 1 97  ? -0.815  -10.980 1.409   1.00 24.18 ? 97  TRP A CZ2 1 
ATOM   791  C CZ3 . TRP A 1 97  ? -1.754  -9.443  2.992   1.00 24.76 ? 97  TRP A CZ3 1 
ATOM   792  C CH2 . TRP A 1 97  ? -1.689  -9.977  1.709   1.00 21.76 ? 97  TRP A CH2 1 
ATOM   793  N N   . GLY A 1 98  ? -1.266  -13.614 5.775   1.00 27.42 ? 98  GLY A N   1 
ATOM   794  C CA  . GLY A 1 98  ? -1.653  -14.932 5.350   1.00 24.90 ? 98  GLY A CA  1 
ATOM   795  C C   . GLY A 1 98  ? -2.511  -15.675 6.330   1.00 27.21 ? 98  GLY A C   1 
ATOM   796  O O   . GLY A 1 98  ? -2.965  -16.769 6.042   1.00 31.02 ? 98  GLY A O   1 
ATOM   797  N N   . ARG A 1 99  ? -2.748  -15.059 7.480   1.00 26.30 ? 99  ARG A N   1 
ATOM   798  C CA  . ARG A 1 99  ? -3.598  -15.647 8.499   1.00 27.12 ? 99  ARG A CA  1 
ATOM   799  C C   . ARG A 1 99  ? -4.857  -14.809 8.629   1.00 27.85 ? 99  ARG A C   1 
ATOM   800  O O   . ARG A 1 99  ? -4.821  -13.579 8.552   1.00 29.96 ? 99  ARG A O   1 
ATOM   801  C CB  . ARG A 1 99  ? -2.840  -15.662 9.822   1.00 27.33 ? 99  ARG A CB  1 
ATOM   802  C CG  . ARG A 1 99  ? -1.593  -16.486 9.758   1.00 32.73 ? 99  ARG A CG  1 
ATOM   803  C CD  . ARG A 1 99  ? -0.685  -16.195 10.884  1.00 31.61 ? 99  ARG A CD  1 
ATOM   804  N NE  . ARG A 1 99  ? -1.322  -16.538 12.141  1.00 30.68 ? 99  ARG A NE  1 
ATOM   805  C CZ  . ARG A 1 99  ? -0.730  -16.398 13.318  1.00 30.61 ? 99  ARG A CZ  1 
ATOM   806  N NH1 . ARG A 1 99  ? 0.496   -15.915 13.375  1.00 36.14 ? 99  ARG A NH1 1 
ATOM   807  N NH2 . ARG A 1 99  ? -1.390  -16.714 14.422  1.00 35.77 ? 99  ARG A NH2 1 
ATOM   808  N N   . ASP A 1 100 ? -5.990  -15.462 8.812   1.00 31.36 ? 100 ASP A N   1 
ATOM   809  C CA  . ASP A 1 100 ? -7.259  -14.752 8.881   1.00 30.40 ? 100 ASP A CA  1 
ATOM   810  C C   . ASP A 1 100 ? -7.275  -13.586 9.885   1.00 29.01 ? 100 ASP A C   1 
ATOM   811  O O   . ASP A 1 100 ? -7.938  -12.574 9.635   1.00 32.75 ? 100 ASP A O   1 
ATOM   812  C CB  . ASP A 1 100 ? -8.386  -15.725 9.203   1.00 38.73 ? 100 ASP A CB  1 
ATOM   813  C CG  . ASP A 1 100 ? -8.611  -16.737 8.100   1.00 41.01 ? 100 ASP A CG  1 
ATOM   814  O OD1 . ASP A 1 100 ? -8.206  -16.474 6.937   1.00 39.62 ? 100 ASP A OD1 1 
ATOM   815  O OD2 . ASP A 1 100 ? -9.195  -17.799 8.404   1.00 47.09 ? 100 ASP A OD2 1 
ATOM   816  N N   A GLU A 1 101 ? -6.531  -13.766 10.979  0.50 34.77 ? 101 GLU A N   1 
ATOM   817  N N   B GLU A 1 101 ? -6.559  -13.687 11.001  0.50 33.79 ? 101 GLU A N   1 
ATOM   818  C CA  A GLU A 1 101 ? -6.407  -12.785 12.048  0.50 33.43 ? 101 GLU A CA  1 
ATOM   819  C CA  B GLU A 1 101 ? -6.629  -12.623 12.008  0.50 32.92 ? 101 GLU A CA  1 
ATOM   820  C C   A GLU A 1 101 ? -6.001  -11.423 11.497  0.50 33.33 ? 101 GLU A C   1 
ATOM   821  C C   B GLU A 1 101 ? -5.904  -11.367 11.554  0.50 27.02 ? 101 GLU A C   1 
ATOM   822  O O   A GLU A 1 101 ? -6.393  -10.380 12.023  0.50 32.70 ? 101 GLU A O   1 
ATOM   823  O O   B GLU A 1 101 ? -5.917  -10.340 12.238  0.50 25.58 ? 101 GLU A O   1 
ATOM   824  C CB  A GLU A 1 101 ? -5.371  -13.259 13.082  0.50 36.28 ? 101 GLU A CB  1 
ATOM   825  C CB  B GLU A 1 101 ? -6.066  -13.087 13.343  0.50 34.08 ? 101 GLU A CB  1 
ATOM   826  C CG  A GLU A 1 101 ? -5.807  -14.461 13.932  0.50 42.34 ? 101 GLU A CG  1 
ATOM   827  C CG  B GLU A 1 101 ? -4.565  -13.052 13.441  0.50 31.41 ? 101 GLU A CG  1 
ATOM   828  C CD  A GLU A 1 101 ? -5.417  -15.810 13.336  0.50 40.46 ? 101 GLU A CD  1 
ATOM   829  C CD  B GLU A 1 101 ? -4.068  -13.937 14.559  0.50 35.95 ? 101 GLU A CD  1 
ATOM   830  O OE1 A GLU A 1 101 ? -5.807  -16.120 12.189  0.50 34.05 ? 101 GLU A OE1 1 
ATOM   831  O OE1 B GLU A 1 101 ? -4.126  -15.169 14.384  0.50 41.97 ? 101 GLU A OE1 1 
ATOM   832  O OE2 A GLU A 1 101 ? -4.727  -16.582 14.038  0.50 51.78 ? 101 GLU A OE2 1 
ATOM   833  O OE2 B GLU A 1 101 ? -3.637  -13.406 15.605  0.50 42.86 ? 101 GLU A OE2 1 
ATOM   834  N N   . TYR A 1 102 ? -5.238  -11.456 10.407  1.00 26.33 ? 102 TYR A N   1 
ATOM   835  C CA  . TYR A 1 102 ? -4.637  -10.267 9.842   1.00 25.52 ? 102 TYR A CA  1 
ATOM   836  C C   . TYR A 1 102 ? -5.679  -9.210  9.534   1.00 24.78 ? 102 TYR A C   1 
ATOM   837  O O   . TYR A 1 102 ? -5.431  -8.028  9.730   1.00 27.19 ? 102 TYR A O   1 
ATOM   838  C CB  . TYR A 1 102 ? -3.908  -10.652 8.566   1.00 23.87 ? 102 TYR A CB  1 
ATOM   839  C CG  . TYR A 1 102 ? -3.264  -9.500  7.816   1.00 23.77 ? 102 TYR A CG  1 
ATOM   840  C CD1 . TYR A 1 102 ? -2.065  -8.956  8.247   1.00 23.66 ? 102 TYR A CD1 1 
ATOM   841  C CD2 . TYR A 1 102 ? -3.861  -8.998  6.648   1.00 22.92 ? 102 TYR A CD2 1 
ATOM   842  C CE1 . TYR A 1 102 ? -1.445  -7.925  7.538   1.00 22.17 ? 102 TYR A CE1 1 
ATOM   843  C CE2 . TYR A 1 102 ? -3.267  -7.989  5.962   1.00 20.56 ? 102 TYR A CE2 1 
ATOM   844  C CZ  . TYR A 1 102 ? -2.076  -7.466  6.388   1.00 19.85 ? 102 TYR A CZ  1 
ATOM   845  O OH  . TYR A 1 102 ? -1.421  -6.468  5.713   1.00 22.13 ? 102 TYR A OH  1 
ATOM   846  N N   . PHE A 1 103 ? -6.835  -9.604  9.032   1.00 25.80 ? 103 PHE A N   1 
ATOM   847  C CA  . PHE A 1 103 ? -7.842  -8.647  8.617   1.00 28.34 ? 103 PHE A CA  1 
ATOM   848  C C   . PHE A 1 103 ? -8.635  -8.071  9.800   1.00 32.45 ? 103 PHE A C   1 
ATOM   849  O O   . PHE A 1 103 ? -9.456  -7.197  9.622   1.00 32.04 ? 103 PHE A O   1 
ATOM   850  C CB  . PHE A 1 103 ? -8.737  -9.303  7.568   1.00 29.23 ? 103 PHE A CB  1 
ATOM   851  C CG  . PHE A 1 103 ? -8.032  -9.548  6.255   1.00 26.56 ? 103 PHE A CG  1 
ATOM   852  C CD1 . PHE A 1 103 ? -7.596  -8.474  5.493   1.00 27.42 ? 103 PHE A CD1 1 
ATOM   853  C CD2 . PHE A 1 103 ? -7.829  -10.829 5.774   1.00 28.63 ? 103 PHE A CD2 1 
ATOM   854  C CE1 . PHE A 1 103 ? -6.958  -8.685  4.303   1.00 32.51 ? 103 PHE A CE1 1 
ATOM   855  C CE2 . PHE A 1 103 ? -7.187  -11.043 4.578   1.00 27.56 ? 103 PHE A CE2 1 
ATOM   856  C CZ  . PHE A 1 103 ? -6.758  -9.974  3.848   1.00 29.10 ? 103 PHE A CZ  1 
ATOM   857  N N   . GLU A 1 104 ? -8.339  -8.559  11.003  1.00 29.91 ? 104 GLU A N   1 
ATOM   858  C CA  . GLU A 1 104 ? -8.953  -8.041  12.226  0.50 27.67 ? 104 GLU A CA  1 
ATOM   859  C C   . GLU A 1 104 ? -8.037  -7.040  12.918  1.00 37.28 ? 104 GLU A C   1 
ATOM   860  O O   . GLU A 1 104 ? -8.422  -6.405  13.899  1.00 35.77 ? 104 GLU A O   1 
ATOM   861  C CB  . GLU A 1 104 ? -9.280  -9.195  13.184  0.50 28.86 ? 104 GLU A CB  1 
ATOM   862  C CG  . GLU A 1 104 ? -10.063 -10.318 12.540  0.50 35.04 ? 104 GLU A CG  1 
ATOM   863  C CD  . GLU A 1 104 ? -11.296 -9.826  11.808  0.50 37.82 ? 104 GLU A CD  1 
ATOM   864  O OE1 . GLU A 1 104 ? -12.006 -8.961  12.361  0.50 46.67 ? 104 GLU A OE1 1 
ATOM   865  O OE2 . GLU A 1 104 ? -11.561 -10.306 10.682  0.50 50.20 ? 104 GLU A OE2 1 
ATOM   866  N N   . LYS A 1 105 ? -6.816  -6.890  12.408  1.00 30.87 ? 105 LYS A N   1 
ATOM   867  C CA  . LYS A 1 105 ? -5.847  -5.978  12.978  1.00 28.30 ? 105 LYS A CA  1 
ATOM   868  C C   . LYS A 1 105 ? -5.960  -4.604  12.292  1.00 37.54 ? 105 LYS A C   1 
ATOM   869  O O   . LYS A 1 105 ? -5.489  -4.431  11.175  1.00 29.31 ? 105 LYS A O   1 
ATOM   870  C CB  . LYS A 1 105 ? -4.426  -6.539  12.839  1.00 31.09 ? 105 LYS A CB  1 
ATOM   871  C CG  . LYS A 1 105 ? -4.208  -7.959  13.367  1.00 36.85 ? 105 LYS A CG  1 
ATOM   872  C CD  . LYS A 1 105 ? -3.524  -7.978  14.705  1.00 46.51 ? 105 LYS A CD  1 
ATOM   873  C CE  . LYS A 1 105 ? -3.455  -9.396  15.259  1.00 45.35 ? 105 LYS A CE  1 
ATOM   874  N NZ  . LYS A 1 105 ? -3.337  -9.389  16.737  1.00 50.54 ? 105 LYS A NZ  1 
ATOM   875  N N   . ILE A 1 106 ? -6.559  -3.630  12.977  1.00 32.80 ? 106 ILE A N   1 
ATOM   876  C CA  . ILE A 1 106 ? -6.855  -2.322  12.411  1.00 30.56 ? 106 ILE A CA  1 
ATOM   877  C C   . ILE A 1 106 ? -6.031  -1.283  13.116  1.00 32.70 ? 106 ILE A C   1 
ATOM   878  O O   . ILE A 1 106 ? -6.219  -1.036  14.300  1.00 36.16 ? 106 ILE A O   1 
ATOM   879  C CB  . ILE A 1 106 ? -8.334  -1.986  12.570  1.00 35.44 ? 106 ILE A CB  1 
ATOM   880  C CG1 . ILE A 1 106 ? -9.200  -3.164  12.127  1.00 38.51 ? 106 ILE A CG1 1 
ATOM   881  C CG2 . ILE A 1 106 ? -8.682  -0.741  11.800  1.00 40.20 ? 106 ILE A CG2 1 
ATOM   882  C CD1 . ILE A 1 106 ? -9.094  -3.524  10.680  1.00 40.32 ? 106 ILE A CD1 1 
ATOM   883  N N   . PRO A 1 107 ? -5.089  -0.661  12.411  1.00 29.36 ? 107 PRO A N   1 
ATOM   884  C CA  . PRO A 1 107 ? -4.251  0.305   13.079  1.00 28.68 ? 107 PRO A CA  1 
ATOM   885  C C   . PRO A 1 107 ? -5.005  1.538   13.559  1.00 29.71 ? 107 PRO A C   1 
ATOM   886  O O   . PRO A 1 107 ? -5.971  1.963   12.936  1.00 35.76 ? 107 PRO A O   1 
ATOM   887  C CB  . PRO A 1 107 ? -3.243  0.717   11.989  1.00 31.60 ? 107 PRO A CB  1 
ATOM   888  C CG  . PRO A 1 107 ? -3.334  -0.340  10.960  1.00 32.85 ? 107 PRO A CG  1 
ATOM   889  C CD  . PRO A 1 107 ? -4.722  -0.835  10.997  1.00 34.14 ? 107 PRO A CD  1 
ATOM   890  N N   . GLU A 1 108 ? -4.526  2.097   14.653  1.00 34.28 ? 108 GLU A N   1 
ATOM   891  C CA  . GLU A 1 108 ? -5.020  3.375   15.124  1.00 38.45 ? 108 GLU A CA  1 
ATOM   892  C C   . GLU A 1 108 ? -3.877  4.350   15.006  1.00 34.23 ? 108 GLU A C   1 
ATOM   893  O O   . GLU A 1 108 ? -2.866  4.242   15.698  1.00 38.65 ? 108 GLU A O   1 
ATOM   894  C CB  . GLU A 1 108 ? -5.532  3.275   16.557  1.00 48.50 ? 108 GLU A CB  1 
ATOM   895  C CG  . GLU A 1 108 ? -6.873  2.568   16.646  1.00 56.26 ? 108 GLU A CG  1 
ATOM   896  C CD  . GLU A 1 108 ? -7.166  2.032   18.031  1.00 58.21 ? 108 GLU A CD  1 
ATOM   897  O OE1 . GLU A 1 108 ? -6.751  2.674   19.020  1.00 68.36 ? 108 GLU A OE1 1 
ATOM   898  O OE2 . GLU A 1 108 ? -7.817  0.967   18.124  1.00 66.73 ? 108 GLU A OE2 1 
ATOM   899  N N   . ILE A 1 109 ? -4.050  5.288   14.085  1.00 33.86 ? 109 ILE A N   1 
ATOM   900  C CA  . ILE A 1 109 ? -3.044  6.271   13.773  1.00 33.41 ? 109 ILE A CA  1 
ATOM   901  C C   . ILE A 1 109 ? -3.469  7.617   14.346  1.00 33.05 ? 109 ILE A C   1 
ATOM   902  O O   . ILE A 1 109 ? -4.312  8.291   13.774  1.00 34.46 ? 109 ILE A O   1 
ATOM   903  C CB  . ILE A 1 109 ? -2.883  6.399   12.257  1.00 34.37 ? 109 ILE A CB  1 
ATOM   904  C CG1 . ILE A 1 109 ? -2.390  5.071   11.664  1.00 37.93 ? 109 ILE A CG1 1 
ATOM   905  C CG2 . ILE A 1 109 ? -1.889  7.489   11.919  1.00 34.38 ? 109 ILE A CG2 1 
ATOM   906  C CD1 . ILE A 1 109 ? -2.406  5.070   10.147  1.00 39.37 ? 109 ILE A CD1 1 
ATOM   907  N N   . PRO A 1 110 ? -2.859  8.025   15.464  1.00 34.46 ? 110 PRO A N   1 
ATOM   908  C CA  . PRO A 1 110 ? -3.341  9.247   16.104  1.00 39.90 ? 110 PRO A CA  1 
ATOM   909  C C   . PRO A 1 110 ? -2.875  10.531  15.432  1.00 34.65 ? 110 PRO A C   1 
ATOM   910  O O   . PRO A 1 110 ? -3.403  11.597  15.741  1.00 43.23 ? 110 PRO A O   1 
ATOM   911  C CB  . PRO A 1 110 ? -2.758  9.150   17.515  1.00 39.01 ? 110 PRO A CB  1 
ATOM   912  C CG  . PRO A 1 110 ? -1.515  8.350   17.367  1.00 44.09 ? 110 PRO A CG  1 
ATOM   913  C CD  . PRO A 1 110 ? -1.738  7.412   16.196  1.00 40.70 ? 110 PRO A CD  1 
ATOM   914  N N   . PHE A 1 111 ? -1.918  10.432  14.506  1.00 34.20 ? 111 PHE A N   1 
ATOM   915  C CA  . PHE A 1 111 ? -1.283  11.616  13.914  1.00 31.18 ? 111 PHE A CA  1 
ATOM   916  C C   . PHE A 1 111 ? -1.716  11.864  12.469  1.00 29.24 ? 111 PHE A C   1 
ATOM   917  O O   . PHE A 1 111 ? -1.029  12.537  11.718  1.00 29.26 ? 111 PHE A O   1 
ATOM   918  C CB  . PHE A 1 111 ? 0.248   11.525  14.021  1.00 33.78 ? 111 PHE A CB  1 
ATOM   919  C CG  . PHE A 1 111 ? 0.815   10.215  13.584  1.00 32.20 ? 111 PHE A CG  1 
ATOM   920  C CD1 . PHE A 1 111 ? 1.230   10.019  12.286  1.00 36.65 ? 111 PHE A CD1 1 
ATOM   921  C CD2 . PHE A 1 111 ? 0.933   9.175   14.486  1.00 34.33 ? 111 PHE A CD2 1 
ATOM   922  C CE1 . PHE A 1 111 ? 1.760   8.798   11.892  1.00 35.15 ? 111 PHE A CE1 1 
ATOM   923  C CE2 . PHE A 1 111 ? 1.461   7.968   14.102  1.00 34.12 ? 111 PHE A CE2 1 
ATOM   924  C CZ  . PHE A 1 111 ? 1.868   7.772   12.807  1.00 34.51 ? 111 PHE A CZ  1 
ATOM   925  N N   . LEU A 1 112 ? -2.876  11.338  12.105  1.00 28.02 ? 112 LEU A N   1 
ATOM   926  C CA  . LEU A 1 112 ? -3.434  11.568  10.793  1.00 31.58 ? 112 LEU A CA  1 
ATOM   927  C C   . LEU A 1 112 ? -3.584  13.069  10.505  1.00 32.37 ? 112 LEU A C   1 
ATOM   928  O O   . LEU A 1 112 ? -3.287  13.512  9.405   1.00 27.71 ? 112 LEU A O   1 
ATOM   929  C CB  . LEU A 1 112 ? -4.791  10.878  10.669  1.00 34.73 ? 112 LEU A CB  1 
ATOM   930  C CG  . LEU A 1 112 ? -5.243  10.515  9.262   1.00 42.84 ? 112 LEU A CG  1 
ATOM   931  C CD1 . LEU A 1 112 ? -4.271  9.540   8.613   1.00 36.27 ? 112 LEU A CD1 1 
ATOM   932  C CD2 . LEU A 1 112 ? -6.657  9.934   9.312   1.00 44.19 ? 112 LEU A CD2 1 
ATOM   933  N N   . ASP A 1 113 ? -4.004  13.853  11.499  1.00 33.03 ? 113 ASP A N   1 
ATOM   934  C CA  . ASP A 1 113 ? -4.064  15.315  11.363  1.00 29.42 ? 113 ASP A CA  1 
ATOM   935  C C   . ASP A 1 113 ? -2.774  15.906  10.830  1.00 25.91 ? 113 ASP A C   1 
ATOM   936  O O   . ASP A 1 113 ? -2.761  16.737  9.932   1.00 30.36 ? 113 ASP A O   1 
ATOM   937  C CB  . ASP A 1 113 ? -4.330  15.971  12.730  1.00 37.80 ? 113 ASP A CB  1 
ATOM   938  C CG  . ASP A 1 113 ? -5.743  15.767  13.227  1.00 53.96 ? 113 ASP A CG  1 
ATOM   939  O OD1 . ASP A 1 113 ? -6.570  15.199  12.489  1.00 60.46 ? 113 ASP A OD1 1 
ATOM   940  O OD2 . ASP A 1 113 ? -6.027  16.185  14.372  1.00 62.60 ? 113 ASP A OD2 1 
ATOM   941  N N   . ASP A 1 114 ? -1.673  15.473  11.419  1.00 27.51 ? 114 ASP A N   1 
ATOM   942  C CA  . ASP A 1 114 ? -0.370  15.968  11.058  1.00 29.28 ? 114 ASP A CA  1 
ATOM   943  C C   . ASP A 1 114 ? 0.040   15.566  9.649   1.00 24.72 ? 114 ASP A C   1 
ATOM   944  O O   . ASP A 1 114 ? 0.692   16.312  8.952   1.00 27.10 ? 114 ASP A O   1 
ATOM   945  C CB  . ASP A 1 114 ? 0.665   15.482  12.063  1.00 33.22 ? 114 ASP A CB  1 
ATOM   946  C CG  . ASP A 1 114 ? 0.445   16.067  13.446  1.00 43.50 ? 114 ASP A CG  1 
ATOM   947  O OD1 . ASP A 1 114 ? -0.111  17.186  13.536  1.00 39.72 ? 114 ASP A OD1 1 
ATOM   948  O OD2 . ASP A 1 114 ? 0.819   15.398  14.427  1.00 43.83 ? 114 ASP A OD2 1 
ATOM   949  N N   . ILE A 1 115 ? -0.323  14.355  9.251   1.00 25.68 ? 115 ILE A N   1 
ATOM   950  C CA  . ILE A 1 115 ? -0.077  13.909  7.889   1.00 24.68 ? 115 ILE A CA  1 
ATOM   951  C C   . ILE A 1 115 ? -0.823  14.822  6.904   1.00 24.49 ? 115 ILE A C   1 
ATOM   952  O O   . ILE A 1 115 ? -0.246  15.277  5.928   1.00 25.86 ? 115 ILE A O   1 
ATOM   953  C CB  . ILE A 1 115 ? -0.479  12.442  7.698   1.00 25.77 ? 115 ILE A CB  1 
ATOM   954  C CG1 . ILE A 1 115 ? 0.405   11.530  8.519   1.00 26.46 ? 115 ILE A CG1 1 
ATOM   955  C CG2 . ILE A 1 115 ? -0.338  12.031  6.238   1.00 27.04 ? 115 ILE A CG2 1 
ATOM   956  C CD1 . ILE A 1 115 ? -0.055  10.077  8.526   1.00 24.15 ? 115 ILE A CD1 1 
ATOM   957  N N   . ILE A 1 116 ? -2.074  15.143  7.210   1.00 25.74 ? 116 ILE A N   1 
ATOM   958  C CA  . ILE A 1 116 ? -2.885  15.986  6.325   1.00 26.35 ? 116 ILE A CA  1 
ATOM   959  C C   . ILE A 1 116 ? -2.289  17.393  6.187   1.00 34.35 ? 116 ILE A C   1 
ATOM   960  O O   . ILE A 1 116 ? -2.420  18.005  5.132   1.00 31.64 ? 116 ILE A O   1 
ATOM   961  C CB  . ILE A 1 116 ? -4.361  15.975  6.768   1.00 33.59 ? 116 ILE A CB  1 
ATOM   962  C CG1 . ILE A 1 116 ? -4.935  14.584  6.493   1.00 38.42 ? 116 ILE A CG1 1 
ATOM   963  C CG2 . ILE A 1 116 ? -5.186  17.033  6.015   1.00 32.96 ? 116 ILE A CG2 1 
ATOM   964  C CD1 . ILE A 1 116 ? -6.125  14.221  7.270   1.00 40.57 ? 116 ILE A CD1 1 
ATOM   965  N N   . LYS A 1 117 ? -1.612  17.895  7.223   1.00 30.50 ? 117 LYS A N   1 
ATOM   966  C CA  . LYS A 1 117 ? -0.947  19.206  7.150   1.00 31.54 ? 117 LYS A CA  1 
ATOM   967  C C   . LYS A 1 117 ? 0.464   19.213  6.546   1.00 39.59 ? 117 LYS A C   1 
ATOM   968  O O   . LYS A 1 117 ? 1.046   20.286  6.306   1.00 36.75 ? 117 LYS A O   1 
ATOM   969  C CB  . LYS A 1 117 ? -0.887  19.828  8.546   1.00 32.40 ? 117 LYS A CB  1 
ATOM   970  C CG  . LYS A 1 117 ? -2.260  20.151  9.098   1.00 36.17 ? 117 LYS A CG  1 
ATOM   971  C CD  . LYS A 1 117 ? -2.161  20.888  10.415  1.00 42.49 ? 117 LYS A CD  1 
ATOM   972  C CE  . LYS A 1 117 ? -3.454  21.609  10.740  1.00 46.00 ? 117 LYS A CE  1 
ATOM   973  N NZ  . LYS A 1 117 ? -3.258  22.524  11.914  1.00 49.13 ? 117 LYS A NZ  1 
ATOM   974  N N   . SER A 1 118 ? 1.015   18.030  6.296   1.00 29.66 ? 118 SER A N   1 
ATOM   975  C CA  . SER A 1 118 ? 2.382   17.882  5.808   0.50 19.71 ? 118 SER A CA  1 
ATOM   976  C C   . SER A 1 118 ? 2.353   17.911  4.284   1.00 23.71 ? 118 SER A C   1 
ATOM   977  O O   . SER A 1 118 ? 1.286   18.033  3.684   1.00 27.36 ? 118 SER A O   1 
ATOM   978  C CB  . SER A 1 118 ? 2.948   16.544  6.295   0.50 18.91 ? 118 SER A CB  1 
ATOM   979  O OG  . SER A 1 118 ? 2.413   15.486  5.486   0.50 19.65 ? 118 SER A OG  1 
ATOM   980  N N   . ASN A 1 119 ? 3.526   17.786  3.692   1.00 30.25 ? 119 ASN A N   1 
ATOM   981  C CA  . ASN A 1 119 ? 3.632   17.670  2.250   1.00 31.19 ? 119 ASN A CA  1 
ATOM   982  C C   . ASN A 1 119 ? 3.825   16.217  1.822   1.00 33.41 ? 119 ASN A C   1 
ATOM   983  O O   . ASN A 1 119 ? 4.285   15.934  0.724   1.00 31.75 ? 119 ASN A O   1 
ATOM   984  C CB  . ASN A 1 119 ? 4.753   18.564  1.746   1.00 38.36 ? 119 ASN A CB  1 
ATOM   985  C CG  . ASN A 1 119 ? 4.436   20.026  1.938   1.00 38.15 ? 119 ASN A CG  1 
ATOM   986  O OD1 . ASN A 1 119 ? 3.267   20.426  1.912   1.00 41.40 ? 119 ASN A OD1 1 
ATOM   987  N ND2 . ASN A 1 119 ? 5.464   20.832  2.116   1.00 44.85 ? 119 ASN A ND2 1 
ATOM   988  N N   . ILE A 1 120 ? 3.458   15.297  2.695   1.00 29.37 ? 120 ILE A N   1 
ATOM   989  C CA  . ILE A 1 120 ? 3.495   13.867  2.362   1.00 29.19 ? 120 ILE A CA  1 
ATOM   990  C C   . ILE A 1 120 ? 2.485   13.578  1.237   1.00 24.90 ? 120 ILE A C   1 
ATOM   991  O O   . ILE A 1 120 ? 1.350   14.047  1.248   1.00 26.07 ? 120 ILE A O   1 
ATOM   992  C CB  . ILE A 1 120 ? 3.213   13.022  3.598   1.00 26.56 ? 120 ILE A CB  1 
ATOM   993  C CG1 . ILE A 1 120 ? 4.374   13.128  4.580   1.00 29.36 ? 120 ILE A CG1 1 
ATOM   994  C CG2 . ILE A 1 120 ? 3.032   11.521  3.231   1.00 27.23 ? 120 ILE A CG2 1 
ATOM   995  C CD1 . ILE A 1 120 ? 4.044   12.645  5.975   1.00 29.49 ? 120 ILE A CD1 1 
ATOM   996  N N   . LYS A 1 121 ? 2.939   12.794  0.249   1.00 24.03 ? 121 LYS A N   1 
ATOM   997  C CA  . LYS A 1 121 ? 2.171   12.483  -0.965  1.00 24.51 ? 121 LYS A CA  1 
ATOM   998  C C   . LYS A 1 121 ? 1.511   11.086  -0.943  1.00 21.14 ? 121 LYS A C   1 
ATOM   999  O O   . LYS A 1 121 ? 0.545   10.826  -1.678  1.00 23.62 ? 121 LYS A O   1 
ATOM   1000 C CB  . LYS A 1 121 ? 3.081   12.580  -2.185  1.00 30.05 ? 121 LYS A CB  1 
ATOM   1001 C CG  . LYS A 1 121 ? 3.596   13.979  -2.491  1.00 29.96 ? 121 LYS A CG  1 
ATOM   1002 C CD  . LYS A 1 121 ? 4.611   13.914  -3.624  1.00 32.97 ? 121 LYS A CD  1 
ATOM   1003 C CE  . LYS A 1 121 ? 5.280   15.259  -3.868  1.00 34.94 ? 121 LYS A CE  1 
ATOM   1004 N NZ  . LYS A 1 121 ? 4.312   16.297  -4.329  1.00 50.95 ? 121 LYS A NZ  1 
ATOM   1005 N N   . CYS A 1 122 ? 2.041   10.203  -0.111  1.00 22.88 ? 122 CYS A N   1 
ATOM   1006 C CA  . CYS A 1 122 ? 1.537   8.848   -0.033  1.00 23.59 ? 122 CYS A CA  1 
ATOM   1007 C C   . CYS A 1 122 ? 1.926   8.284   1.304   1.00 19.76 ? 122 CYS A C   1 
ATOM   1008 O O   . CYS A 1 122 ? 3.058   8.511   1.755   1.00 23.41 ? 122 CYS A O   1 
ATOM   1009 C CB  . CYS A 1 122 ? 2.191   8.018   -1.152  1.00 22.29 ? 122 CYS A CB  1 
ATOM   1010 S SG  . CYS A 1 122 ? 1.616   6.320   -1.375  1.00 23.94 ? 122 CYS A SG  1 
ATOM   1011 N N   . VAL A 1 123 ? 1.020   7.493   1.882   1.00 19.51 ? 123 VAL A N   1 
ATOM   1012 C CA  . VAL A 1 123 ? 1.250   6.753   3.100   1.00 21.34 ? 123 VAL A CA  1 
ATOM   1013 C C   . VAL A 1 123 ? 1.121   5.265   2.817   1.00 21.53 ? 123 VAL A C   1 
ATOM   1014 O O   . VAL A 1 123 ? 0.139   4.831   2.230   1.00 22.53 ? 123 VAL A O   1 
ATOM   1015 C CB  . VAL A 1 123 ? 0.238   7.123   4.206   1.00 24.39 ? 123 VAL A CB  1 
ATOM   1016 C CG1 . VAL A 1 123 ? 0.423   6.233   5.452   1.00 28.45 ? 123 VAL A CG1 1 
ATOM   1017 C CG2 . VAL A 1 123 ? 0.354   8.606   4.558   1.00 26.37 ? 123 VAL A CG2 1 
ATOM   1018 N N   . GLY A 1 124 ? 2.102   4.490   3.249   1.00 20.60 ? 124 GLY A N   1 
ATOM   1019 C CA  . GLY A 1 124 ? 2.090   3.054   3.126   1.00 20.53 ? 124 GLY A CA  1 
ATOM   1020 C C   . GLY A 1 124 ? 2.143   2.394   4.471   1.00 23.12 ? 124 GLY A C   1 
ATOM   1021 O O   . GLY A 1 124 ? 2.698   2.950   5.440   1.00 24.66 ? 124 GLY A O   1 
ATOM   1022 N N   . ILE A 1 125 ? 1.568   1.217   4.585   1.00 20.61 ? 125 ILE A N   1 
ATOM   1023 C CA  . ILE A 1 125 ? 1.466   0.528   5.856   1.00 21.77 ? 125 ILE A CA  1 
ATOM   1024 C C   . ILE A 1 125 ? 1.507   -0.964  5.675   1.00 20.86 ? 125 ILE A C   1 
ATOM   1025 O O   . ILE A 1 125 ? 1.050   -1.499  4.655   1.00 20.02 ? 125 ILE A O   1 
ATOM   1026 C CB  . ILE A 1 125 ? 0.166   0.972   6.601   1.00 22.15 ? 125 ILE A CB  1 
ATOM   1027 C CG1 . ILE A 1 125 ? 0.204   0.612   8.098   1.00 22.32 ? 125 ILE A CG1 1 
ATOM   1028 C CG2 . ILE A 1 125 ? -1.107  0.425   5.934   1.00 22.25 ? 125 ILE A CG2 1 
ATOM   1029 C CD1 . ILE A 1 125 ? -0.796  1.394   8.903   1.00 24.21 ? 125 ILE A CD1 1 
ATOM   1030 N N   . ASP A 1 126 ? 2.090   -1.657  6.658   1.00 21.39 ? 126 ASP A N   1 
ATOM   1031 C CA  . ASP A 1 126 ? 2.140   -3.102  6.660   1.00 20.66 ? 126 ASP A CA  1 
ATOM   1032 C C   . ASP A 1 126 ? 0.920   -3.694  7.324   1.00 23.38 ? 126 ASP A C   1 
ATOM   1033 O O   . ASP A 1 126 ? 1.015   -4.512  8.235   1.00 25.09 ? 126 ASP A O   1 
ATOM   1034 C CB  . ASP A 1 126 ? 3.423   -3.606  7.336   1.00 22.40 ? 126 ASP A CB  1 
ATOM   1035 C CG  . ASP A 1 126 ? 3.416   -3.395  8.832   1.00 24.51 ? 126 ASP A CG  1 
ATOM   1036 O OD1 . ASP A 1 126 ? 2.913   -2.337  9.246   1.00 24.99 ? 126 ASP A OD1 1 
ATOM   1037 O OD2 . ASP A 1 126 ? 3.900   -4.302  9.565   1.00 26.94 ? 126 ASP A OD2 1 
ATOM   1038 N N   . ALA A 1 127 ? -0.256  -3.326  6.842   1.00 22.69 ? 127 ALA A N   1 
ATOM   1039 C CA  . ALA A 1 127 ? -1.515  -3.734  7.434   1.00 21.71 ? 127 ALA A CA  1 
ATOM   1040 C C   . ALA A 1 127 ? -2.584  -3.685  6.364   1.00 25.26 ? 127 ALA A C   1 
ATOM   1041 O O   . ALA A 1 127 ? -2.368  -3.106  5.299   1.00 21.95 ? 127 ALA A O   1 
ATOM   1042 C CB  . ALA A 1 127 ? -1.861  -2.776  8.566   1.00 23.62 ? 127 ALA A CB  1 
ATOM   1043 N N   . CYS A 1 128 ? -3.758  -4.224  6.638   1.00 22.65 ? 128 CYS A N   1 
ATOM   1044 C CA  . CYS A 1 128 ? -4.787  -4.293  5.616   1.00 24.24 ? 128 CYS A CA  1 
ATOM   1045 C C   . CYS A 1 128 ? -5.443  -2.931  5.346   1.00 22.50 ? 128 CYS A C   1 
ATOM   1046 O O   . CYS A 1 128 ? -6.125  -2.750  4.337   1.00 28.96 ? 128 CYS A O   1 
ATOM   1047 C CB  . CYS A 1 128 ? -5.824  -5.358  5.989   1.00 25.91 ? 128 CYS A CB  1 
ATOM   1048 S SG  . CYS A 1 128 ? -6.887  -4.959  7.375   1.00 29.70 ? 128 CYS A SG  1 
ATOM   1049 N N   . THR A 1 129 ? -5.257  -2.000  6.267   1.00 23.78 ? 129 THR A N   1 
ATOM   1050 C CA  . THR A 1 129 ? -5.969  -0.727  6.234   1.00 30.35 ? 129 THR A CA  1 
ATOM   1051 C C   . THR A 1 129 ? -5.249  0.331   7.050   1.00 26.75 ? 129 THR A C   1 
ATOM   1052 O O   . THR A 1 129 ? -4.419  0.024   7.896   1.00 24.92 ? 129 THR A O   1 
ATOM   1053 C CB  . THR A 1 129 ? -7.419  -0.922  6.764   1.00 35.90 ? 129 THR A CB  1 
ATOM   1054 O OG1 . THR A 1 129 ? -8.162  0.283   6.592   1.00 44.13 ? 129 THR A OG1 1 
ATOM   1055 C CG2 . THR A 1 129 ? -7.416  -1.296  8.231   1.00 31.57 ? 129 THR A CG2 1 
ATOM   1056 N N   . ILE A 1 130 ? -5.514  1.599   6.770   1.00 33.88 ? 130 ILE A N   1 
ATOM   1057 C CA  . ILE A 1 130 ? -5.022  2.668   7.621   1.00 36.03 ? 130 ILE A CA  1 
ATOM   1058 C C   . ILE A 1 130 ? -6.149  3.087   8.560   1.00 42.04 ? 130 ILE A C   1 
ATOM   1059 O O   . ILE A 1 130 ? -5.922  3.827   9.511   1.00 49.26 ? 130 ILE A O   1 
ATOM   1060 C CB  . ILE A 1 130 ? -4.496  3.878   6.808   1.00 36.79 ? 130 ILE A CB  1 
ATOM   1061 C CG1 . ILE A 1 130 ? -5.476  4.262   5.702   1.00 36.62 ? 130 ILE A CG1 1 
ATOM   1062 C CG2 . ILE A 1 130 ? -3.156  3.569   6.174   1.00 40.56 ? 130 ILE A CG2 1 
ATOM   1063 C CD1 . ILE A 1 130 ? -6.626  5.073   6.184   1.00 41.30 ? 130 ILE A CD1 1 
ATOM   1064 N N   . GLY A 1 131 ? -7.353  2.586   8.269   1.00 42.09 ? 131 GLY A N   1 
ATOM   1065 C CA  . GLY A 1 131 ? -8.554  2.833   9.060   1.00 48.05 ? 131 GLY A CA  1 
ATOM   1066 C C   . GLY A 1 131 ? -9.804  2.725   8.193   1.00 49.56 ? 131 GLY A C   1 
ATOM   1067 O O   . GLY A 1 131 ? -9.749  2.208   7.071   1.00 53.01 ? 131 GLY A O   1 
ATOM   1068 N N   . GLY A 1 132 ? -10.929 3.239   8.696   1.00 49.82 ? 132 GLY A N   1 
ATOM   1069 C CA  . GLY A 1 132 ? -12.226 3.089   8.023   1.00 45.19 ? 132 GLY A CA  1 
ATOM   1070 C C   . GLY A 1 132 ? -12.413 3.945   6.781   1.00 49.29 ? 132 GLY A C   1 
ATOM   1071 O O   . GLY A 1 132 ? -11.454 4.534   6.254   1.00 42.86 ? 132 GLY A O   1 
ATOM   1072 N N   . PHE A 1 133 ? -13.655 4.008   6.305   1.00 42.31 ? 133 PHE A N   1 
ATOM   1073 C CA  . PHE A 1 133 ? -14.004 4.821   5.147   1.00 40.53 ? 133 PHE A CA  1 
ATOM   1074 C C   . PHE A 1 133 ? -13.566 6.249   5.388   1.00 38.02 ? 133 PHE A C   1 
ATOM   1075 O O   . PHE A 1 133 ? -12.978 6.873   4.509   1.00 35.12 ? 133 PHE A O   1 
ATOM   1076 C CB  . PHE A 1 133 ? -15.515 4.798   4.876   1.00 43.90 ? 133 PHE A CB  1 
ATOM   1077 C CG  . PHE A 1 133 ? -15.941 5.634   3.691   1.00 44.28 ? 133 PHE A CG  1 
ATOM   1078 C CD1 . PHE A 1 133 ? -16.009 5.075   2.417   1.00 46.44 ? 133 PHE A CD1 1 
ATOM   1079 C CD2 . PHE A 1 133 ? -16.286 6.976   3.850   1.00 40.88 ? 133 PHE A CD2 1 
ATOM   1080 C CE1 . PHE A 1 133 ? -16.406 5.826   1.322   1.00 45.50 ? 133 PHE A CE1 1 
ATOM   1081 C CE2 . PHE A 1 133 ? -16.689 7.738   2.760   1.00 45.80 ? 133 PHE A CE2 1 
ATOM   1082 C CZ  . PHE A 1 133 ? -16.747 7.163   1.490   1.00 47.83 ? 133 PHE A CZ  1 
ATOM   1083 N N   . GLU A 1 134 ? -13.839 6.756   6.591   1.00 40.95 ? 134 GLU A N   1 
ATOM   1084 C CA  . GLU A 1 134 ? -13.578 8.157   6.902   1.00 38.09 ? 134 GLU A CA  1 
ATOM   1085 C C   . GLU A 1 134 ? -12.091 8.462   6.863   1.00 36.77 ? 134 GLU A C   1 
ATOM   1086 O O   . GLU A 1 134 ? -11.699 9.480   6.312   1.00 34.85 ? 134 GLU A O   1 
ATOM   1087 C CB  . GLU A 1 134 ? -14.177 8.564   8.262   1.00 44.18 ? 134 GLU A CB  1 
ATOM   1088 C CG  . GLU A 1 134 ? -15.713 8.405   8.395   1.00 51.78 ? 134 GLU A CG  1 
ATOM   1089 C CD  . GLU A 1 134 ? -16.519 9.091   7.289   1.00 56.82 ? 134 GLU A CD  1 
ATOM   1090 O OE1 . GLU A 1 134 ? -16.023 10.061  6.686   1.00 53.17 ? 134 GLU A OE1 1 
ATOM   1091 O OE2 . GLU A 1 134 ? -17.661 8.653   7.025   1.00 58.84 ? 134 GLU A OE2 1 
ATOM   1092 N N   . GLU A 1 135 ? -11.266 7.579   7.419   1.00 38.48 ? 135 GLU A N   1 
ATOM   1093 C CA  . GLU A 1 135 ? -9.797  7.744   7.364   1.00 38.13 ? 135 GLU A CA  1 
ATOM   1094 C C   . GLU A 1 135 ? -9.253  7.687   5.936   1.00 37.88 ? 135 GLU A C   1 
ATOM   1095 O O   . GLU A 1 135 ? -8.390  8.499   5.562   1.00 34.30 ? 135 GLU A O   1 
ATOM   1096 C CB  . GLU A 1 135 ? -9.091  6.689   8.206   1.00 40.68 ? 135 GLU A CB  1 
ATOM   1097 C CG  . GLU A 1 135 ? -9.239  6.867   9.707   1.00 38.95 ? 135 GLU A CG  1 
ATOM   1098 C CD  . GLU A 1 135 ? -10.612 6.476   10.207  1.00 50.83 ? 135 GLU A CD  1 
ATOM   1099 O OE1 . GLU A 1 135 ? -11.373 5.829   9.449   1.00 55.60 ? 135 GLU A OE1 1 
ATOM   1100 O OE2 . GLU A 1 135 ? -10.930 6.817   11.363  1.00 58.78 ? 135 GLU A OE2 1 
ATOM   1101 N N   . HIS A 1 136 ? -9.750  6.734   5.139   1.00 33.32 ? 136 HIS A N   1 
ATOM   1102 C CA  . HIS A 1 136 ? -9.381  6.672   3.735   1.00 33.36 ? 136 HIS A CA  1 
ATOM   1103 C C   . HIS A 1 136 ? -9.764  7.919   2.996   1.00 34.22 ? 136 HIS A C   1 
ATOM   1104 O O   . HIS A 1 136 ? -8.967  8.443   2.221   1.00 31.46 ? 136 HIS A O   1 
ATOM   1105 C CB  . HIS A 1 136 ? -10.034 5.485   3.033   1.00 33.63 ? 136 HIS A CB  1 
ATOM   1106 C CG  . HIS A 1 136 ? -9.311  4.201   3.245   1.00 30.24 ? 136 HIS A CG  1 
ATOM   1107 N ND1 . HIS A 1 136 ? -9.417  3.484   4.414   1.00 39.43 ? 136 HIS A ND1 1 
ATOM   1108 C CD2 . HIS A 1 136 ? -8.486  3.490   2.436   1.00 29.16 ? 136 HIS A CD2 1 
ATOM   1109 C CE1 . HIS A 1 136 ? -8.675  2.396   4.329   1.00 42.13 ? 136 HIS A CE1 1 
ATOM   1110 N NE2 . HIS A 1 136 ? -8.107  2.369   3.138   1.00 33.33 ? 136 HIS A NE2 1 
ATOM   1111 N N   . LYS A 1 137 ? -10.997 8.391   3.191   1.00 34.10 ? 137 LYS A N   1 
ATOM   1112 C CA  . LYS A 1 137 ? -11.434 9.557   2.461   1.00 31.25 ? 137 LYS A CA  1 
ATOM   1113 C C   . LYS A 1 137 ? -10.690 10.793  2.917   1.00 25.02 ? 137 LYS A C   1 
ATOM   1114 O O   . LYS A 1 137 ? -10.343 11.651  2.099   1.00 31.68 ? 137 LYS A O   1 
ATOM   1115 C CB  . LYS A 1 137 ? -12.951 9.753   2.572   1.00 40.87 ? 137 LYS A CB  1 
ATOM   1116 C CG  . LYS A 1 137 ? -13.485 10.787  1.591   1.00 43.97 ? 137 LYS A CG  1 
ATOM   1117 C CD  . LYS A 1 137 ? -14.970 10.636  1.365   1.00 38.80 ? 137 LYS A CD  1 
ATOM   1118 C CE  . LYS A 1 137 ? -15.505 11.807  0.578   1.00 48.69 ? 137 LYS A CE  1 
ATOM   1119 N NZ  . LYS A 1 137 ? -16.989 11.730  0.379   1.00 48.44 ? 137 LYS A NZ  1 
ATOM   1120 N N   . ARG A 1 138 ? -10.405 10.878  4.219   1.00 32.15 ? 138 ARG A N   1 
ATOM   1121 C CA  . ARG A 1 138 ? -9.638  12.005  4.743   1.00 33.61 ? 138 ARG A CA  1 
ATOM   1122 C C   . ARG A 1 138 ? -8.310  12.143  4.025   1.00 25.72 ? 138 ARG A C   1 
ATOM   1123 O O   . ARG A 1 138 ? -7.941  13.225  3.567   1.00 32.13 ? 138 ARG A O   1 
ATOM   1124 C CB  . ARG A 1 138 ? -9.383  11.865  6.242   1.00 38.49 ? 138 ARG A CB  1 
ATOM   1125 C CG  . ARG A 1 138 ? -10.510 12.373  7.105   1.00 43.49 ? 138 ARG A CG  1 
ATOM   1126 C CD  . ARG A 1 138 ? -10.046 12.549  8.540   1.00 39.67 ? 138 ARG A CD  1 
ATOM   1127 N NE  . ARG A 1 138 ? -9.215  13.732  8.687   1.00 35.99 ? 138 ARG A NE  1 
ATOM   1128 C CZ  . ARG A 1 138 ? -8.554  14.041  9.801   1.00 43.11 ? 138 ARG A CZ  1 
ATOM   1129 N NH1 . ARG A 1 138 ? -8.603  13.222  10.834  1.00 41.90 ? 138 ARG A NH1 1 
ATOM   1130 N NH2 . ARG A 1 138 ? -7.828  15.153  9.874   1.00 42.41 ? 138 ARG A NH2 1 
ATOM   1131 N N   . LEU A 1 139 ? -7.579  11.032  3.891   1.00 26.99 ? 139 LEU A N   1 
ATOM   1132 C CA  . LEU A 1 139 ? -6.347  11.093  3.134   1.00 25.58 ? 139 LEU A CA  1 
ATOM   1133 C C   . LEU A 1 139 ? -6.567  11.323  1.636   1.00 22.18 ? 139 LEU A C   1 
ATOM   1134 O O   . LEU A 1 139 ? -5.993  12.222  1.044   1.00 25.40 ? 139 LEU A O   1 
ATOM   1135 C CB  . LEU A 1 139 ? -5.545  9.805   3.323   1.00 24.96 ? 139 LEU A CB  1 
ATOM   1136 C CG  . LEU A 1 139 ? -4.927  9.646   4.697   1.00 26.60 ? 139 LEU A CG  1 
ATOM   1137 C CD1 . LEU A 1 139 ? -4.282  8.267   4.783   1.00 33.41 ? 139 LEU A CD1 1 
ATOM   1138 C CD2 . LEU A 1 139 ? -3.911  10.743  5.034   1.00 31.15 ? 139 LEU A CD2 1 
ATOM   1139 N N   . LEU A 1 140 ? -7.400  10.500  1.014   1.00 26.70 ? 140 LEU A N   1 
ATOM   1140 C CA  . LEU A 1 140 ? -7.597  10.565  -0.443  1.00 25.66 ? 140 LEU A CA  1 
ATOM   1141 C C   . LEU A 1 140 ? -8.191  11.908  -0.918  1.00 28.48 ? 140 LEU A C   1 
ATOM   1142 O O   . LEU A 1 140 ? -7.782  12.450  -1.947  1.00 30.31 ? 140 LEU A O   1 
ATOM   1143 C CB  . LEU A 1 140 ? -8.446  9.367   -0.894  1.00 25.73 ? 140 LEU A CB  1 
ATOM   1144 C CG  . LEU A 1 140 ? -7.787  7.977   -0.752  1.00 24.30 ? 140 LEU A CG  1 
ATOM   1145 C CD1 . LEU A 1 140 ? -8.766  6.868   -0.994  1.00 28.11 ? 140 LEU A CD1 1 
ATOM   1146 C CD2 . LEU A 1 140 ? -6.650  7.887   -1.736  1.00 28.72 ? 140 LEU A CD2 1 
ATOM   1147 N N   . SER A 1 141 ? -9.097  12.453  -0.114  1.00 28.26 ? 141 SER A N   1 
ATOM   1148 C CA  A SER A 1 141 ? -9.730  13.730  -0.438  0.50 32.45 ? 141 SER A CA  1 
ATOM   1149 C CA  B SER A 1 141 ? -9.738  13.741  -0.388  0.50 34.26 ? 141 SER A CA  1 
ATOM   1150 C C   . SER A 1 141 ? -8.730  14.875  -0.368  1.00 34.54 ? 141 SER A C   1 
ATOM   1151 O O   . SER A 1 141 ? -8.947  15.926  -0.972  1.00 38.89 ? 141 SER A O   1 
ATOM   1152 C CB  A SER A 1 141 ? -10.902 13.998  0.494   0.50 32.57 ? 141 SER A CB  1 
ATOM   1153 C CB  B SER A 1 141 ? -10.814 14.022  0.655   0.50 37.47 ? 141 SER A CB  1 
ATOM   1154 O OG  A SER A 1 141 ? -10.462 14.183  1.822   0.50 31.57 ? 141 SER A OG  1 
ATOM   1155 O OG  B SER A 1 141 ? -11.344 15.323  0.490   0.50 46.36 ? 141 SER A OG  1 
ATOM   1156 N N   . ASN A 1 142 ? -7.628  14.669  0.347   1.00 29.66 ? 142 ASN A N   1 
ATOM   1157 C CA  . ASN A 1 142 ? -6.574  15.653  0.442   1.00 34.11 ? 142 ASN A CA  1 
ATOM   1158 C C   . ASN A 1 142 ? -5.341  15.291  -0.392  1.00 32.63 ? 142 ASN A C   1 
ATOM   1159 O O   . ASN A 1 142 ? -4.221  15.718  -0.110  1.00 36.13 ? 142 ASN A O   1 
ATOM   1160 C CB  . ASN A 1 142 ? -6.252  15.875  1.928   1.00 33.44 ? 142 ASN A CB  1 
ATOM   1161 C CG  . ASN A 1 142 ? -7.384  16.606  2.645   1.00 38.74 ? 142 ASN A CG  1 
ATOM   1162 O OD1 . ASN A 1 142 ? -7.822  17.675  2.207   1.00 43.02 ? 142 ASN A OD1 1 
ATOM   1163 N ND2 . ASN A 1 142 ? -7.888  16.016  3.711   1.00 39.04 ? 142 ASN A ND2 1 
ATOM   1164 N N   . ASN A 1 143 ? -5.566  14.494  -1.437  1.00 32.16 ? 143 ASN A N   1 
ATOM   1165 C CA  . ASN A 1 143 ? -4.531  14.150  -2.399  1.00 35.30 ? 143 ASN A CA  1 
ATOM   1166 C C   . ASN A 1 143 ? -3.377  13.434  -1.743  1.00 33.69 ? 143 ASN A C   1 
ATOM   1167 O O   . ASN A 1 143 ? -2.218  13.723  -2.043  1.00 37.35 ? 143 ASN A O   1 
ATOM   1168 C CB  . ASN A 1 143 ? -3.999  15.398  -3.129  1.00 41.41 ? 143 ASN A CB  1 
ATOM   1169 C CG  . ASN A 1 143 ? -3.299  15.066  -4.476  1.00 48.16 ? 143 ASN A CG  1 
ATOM   1170 O OD1 . ASN A 1 143 ? -3.646  14.096  -5.160  1.00 49.38 ? 143 ASN A OD1 1 
ATOM   1171 N ND2 . ASN A 1 143 ? -2.322  15.895  -4.857  1.00 53.42 ? 143 ASN A ND2 1 
ATOM   1172 N N   . ILE A 1 144 ? -3.686  12.513  -0.836  1.00 25.95 ? 144 ILE A N   1 
ATOM   1173 C CA  . ILE A 1 144 ? -2.650  11.651  -0.279  1.00 24.35 ? 144 ILE A CA  1 
ATOM   1174 C C   . ILE A 1 144 ? -3.066  10.209  -0.616  1.00 25.00 ? 144 ILE A C   1 
ATOM   1175 O O   . ILE A 1 144 ? -4.124  9.740   -0.197  1.00 23.93 ? 144 ILE A O   1 
ATOM   1176 C CB  . ILE A 1 144 ? -2.470  11.819  1.242   1.00 23.12 ? 144 ILE A CB  1 
ATOM   1177 C CG1 . ILE A 1 144 ? -2.114  13.267  1.554   1.00 26.90 ? 144 ILE A CG1 1 
ATOM   1178 C CG2 . ILE A 1 144 ? -1.398  10.914  1.783   1.00 25.78 ? 144 ILE A CG2 1 
ATOM   1179 C CD1 . ILE A 1 144 ? -2.122  13.579  3.052   1.00 30.55 ? 144 ILE A CD1 1 
ATOM   1180 N N   . LEU A 1 145 ? -2.193  9.504   -1.328  1.00 21.41 ? 145 LEU A N   1 
ATOM   1181 C CA  . LEU A 1 145 ? -2.481  8.116   -1.727  1.00 20.45 ? 145 LEU A CA  1 
ATOM   1182 C C   . LEU A 1 145 ? -2.148  7.157   -0.615  1.00 20.42 ? 145 LEU A C   1 
ATOM   1183 O O   . LEU A 1 145 ? -1.440  7.519   0.316   1.00 22.34 ? 145 LEU A O   1 
ATOM   1184 C CB  . LEU A 1 145 ? -1.713  7.780   -3.007  1.00 21.80 ? 145 LEU A CB  1 
ATOM   1185 C CG  . LEU A 1 145 ? -2.073  8.678   -4.195  1.00 23.90 ? 145 LEU A CG  1 
ATOM   1186 C CD1 . LEU A 1 145 ? -1.324  8.156   -5.398  1.00 24.22 ? 145 LEU A CD1 1 
ATOM   1187 C CD2 . LEU A 1 145 ? -3.571  8.687   -4.450  1.00 24.72 ? 145 LEU A CD2 1 
ATOM   1188 N N   . ILE A 1 146 ? -2.659  5.932   -0.701  1.00 19.63 ? 146 ILE A N   1 
ATOM   1189 C CA  . ILE A 1 146 ? -2.514  4.962   0.372   1.00 20.27 ? 146 ILE A CA  1 
ATOM   1190 C C   . ILE A 1 146 ? -2.094  3.632   -0.207  1.00 19.24 ? 146 ILE A C   1 
ATOM   1191 O O   . ILE A 1 146 ? -2.722  3.120   -1.130  1.00 21.04 ? 146 ILE A O   1 
ATOM   1192 C CB  . ILE A 1 146 ? -3.836  4.741   1.085   1.00 21.93 ? 146 ILE A CB  1 
ATOM   1193 C CG1 . ILE A 1 146 ? -4.415  6.048   1.635   1.00 22.28 ? 146 ILE A CG1 1 
ATOM   1194 C CG2 . ILE A 1 146 ? -3.676  3.726   2.193   1.00 22.10 ? 146 ILE A CG2 1 
ATOM   1195 C CD1 . ILE A 1 146 ? -5.887  5.905   2.037   1.00 24.63 ? 146 ILE A CD1 1 
ATOM   1196 N N   . ILE A 1 147 ? -1.035  3.067   0.343   1.00 17.73 ? 147 ILE A N   1 
ATOM   1197 C CA  . ILE A 1 147 ? -0.567  1.747   -0.030  1.00 17.88 ? 147 ILE A CA  1 
ATOM   1198 C C   . ILE A 1 147 ? -0.776  0.827   1.165   1.00 18.41 ? 147 ILE A C   1 
ATOM   1199 O O   . ILE A 1 147 ? -0.277  1.152   2.270   1.00 19.49 ? 147 ILE A O   1 
ATOM   1200 C CB  . ILE A 1 147 ? 0.890   1.724   -0.479  1.00 18.24 ? 147 ILE A CB  1 
ATOM   1201 C CG1 . ILE A 1 147 ? 1.088   2.593   -1.718  1.00 19.25 ? 147 ILE A CG1 1 
ATOM   1202 C CG2 . ILE A 1 147 ? 1.354   0.263   -0.697  1.00 20.79 ? 147 ILE A CG2 1 
ATOM   1203 C CD1 . ILE A 1 147 ? 2.522   2.807   -2.110  1.00 21.84 ? 147 ILE A CD1 1 
ATOM   1204 N N   . GLU A 1 148 ? -1.435  -0.307  0.953   1.00 18.48 ? 148 GLU A N   1 
ATOM   1205 C CA  . GLU A 1 148 ? -1.766  -1.265  2.001   1.00 18.10 ? 148 GLU A CA  1 
ATOM   1206 C C   . GLU A 1 148 ? -1.078  -2.597  1.707   1.00 20.22 ? 148 GLU A C   1 
ATOM   1207 O O   . GLU A 1 148 ? -0.670  -2.909  0.563   1.00 17.48 ? 148 GLU A O   1 
ATOM   1208 C CB  . GLU A 1 148 ? -3.268  -1.412  2.187   1.00 23.99 ? 148 GLU A CB  1 
ATOM   1209 C CG  . GLU A 1 148 ? -3.857  -0.182  2.893   1.00 24.44 ? 148 GLU A CG  1 
ATOM   1210 C CD  . GLU A 1 148 ? -5.282  0.128   2.540   1.00 36.36 ? 148 GLU A CD  1 
ATOM   1211 O OE1 . GLU A 1 148 ? -5.814  -0.348  1.511   1.00 41.79 ? 148 GLU A OE1 1 
ATOM   1212 O OE2 . GLU A 1 148 ? -5.886  0.882   3.317   1.00 32.90 ? 148 GLU A OE2 1 
ATOM   1213 N N   . ASN A 1 149 ? -0.931  -3.399  2.760   1.00 18.38 ? 149 ASN A N   1 
ATOM   1214 C CA  . ASN A 1 149 ? -0.372  -4.767  2.722   1.00 19.78 ? 149 ASN A CA  1 
ATOM   1215 C C   . ASN A 1 149 ? 1.083   -4.782  2.284   1.00 17.02 ? 149 ASN A C   1 
ATOM   1216 O O   . ASN A 1 149 ? 1.524   -5.661  1.554   1.00 19.57 ? 149 ASN A O   1 
ATOM   1217 C CB  . ASN A 1 149 ? -1.210  -5.697  1.855   1.00 18.69 ? 149 ASN A CB  1 
ATOM   1218 C CG  . ASN A 1 149 ? -2.604  -5.845  2.355   1.00 18.23 ? 149 ASN A CG  1 
ATOM   1219 O OD1 . ASN A 1 149 ? -2.852  -5.827  3.570   1.00 20.97 ? 149 ASN A OD1 1 
ATOM   1220 N ND2 . ASN A 1 149 ? -3.559  -5.870  1.426   1.00 21.26 ? 149 ASN A ND2 1 
ATOM   1221 N N   . LEU A 1 150 ? 1.846   -3.808  2.756   1.00 17.87 ? 150 LEU A N   1 
ATOM   1222 C CA  . LEU A 1 150 ? 3.297   -3.878  2.648   1.00 18.90 ? 150 LEU A CA  1 
ATOM   1223 C C   . LEU A 1 150 ? 3.800   -4.952  3.568   1.00 23.34 ? 150 LEU A C   1 
ATOM   1224 O O   . LEU A 1 150 ? 3.129   -5.345  4.518   1.00 21.61 ? 150 LEU A O   1 
ATOM   1225 C CB  . LEU A 1 150 ? 3.943   -2.518  2.930   1.00 20.09 ? 150 LEU A CB  1 
ATOM   1226 C CG  . LEU A 1 150 ? 3.679   -1.452  1.868   1.00 23.06 ? 150 LEU A CG  1 
ATOM   1227 C CD1 . LEU A 1 150 ? 4.217   -0.077  2.324   1.00 25.38 ? 150 LEU A CD1 1 
ATOM   1228 C CD2 . LEU A 1 150 ? 4.308   -1.828  0.541   1.00 22.21 ? 150 LEU A CD2 1 
ATOM   1229 N N   . ASN A 1 151 ? 5.002   -5.435  3.296   1.00 24.74 ? 151 ASN A N   1 
ATOM   1230 C CA  . ASN A 1 151 ? 5.525   -6.578  4.001   1.00 22.51 ? 151 ASN A CA  1 
ATOM   1231 C C   . ASN A 1 151 ? 6.373   -6.201  5.255   1.00 23.88 ? 151 ASN A C   1 
ATOM   1232 O O   . ASN A 1 151 ? 6.577   -5.043  5.595   1.00 23.47 ? 151 ASN A O   1 
ATOM   1233 C CB  . ASN A 1 151 ? 6.250   -7.534  3.008   1.00 24.35 ? 151 ASN A CB  1 
ATOM   1234 C CG  . ASN A 1 151 ? 7.597   -7.024  2.566   1.00 24.27 ? 151 ASN A CG  1 
ATOM   1235 O OD1 . ASN A 1 151 ? 8.192   -6.166  3.205   1.00 24.99 ? 151 ASN A OD1 1 
ATOM   1236 N ND2 . ASN A 1 151 ? 8.076   -7.534  1.426   1.00 23.21 ? 151 ASN A ND2 1 
ATOM   1237 N N   . GLU A 1 152 ? 6.914   -7.233  5.877   1.00 27.35 ? 152 GLU A N   1 
ATOM   1238 C CA  . GLU A 1 152 ? 7.663   -7.090  7.124   1.00 29.43 ? 152 GLU A CA  1 
ATOM   1239 C C   . GLU A 1 152 ? 9.006   -6.366  7.006   1.00 35.24 ? 152 GLU A C   1 
ATOM   1240 O O   . GLU A 1 152 ? 9.616   -5.989  8.007   1.00 30.87 ? 152 GLU A O   1 
ATOM   1241 C CB  . GLU A 1 152 ? 7.849   -8.479  7.747   1.00 32.43 ? 152 GLU A CB  1 
ATOM   1242 C CG  . GLU A 1 152 ? 8.902   -9.374  7.076   1.00 37.15 ? 152 GLU A CG  1 
ATOM   1243 C CD  . GLU A 1 152 ? 8.371   -10.220 5.904   1.00 41.33 ? 152 GLU A CD  1 
ATOM   1244 O OE1 . GLU A 1 152 ? 7.238   -10.011 5.420   1.00 33.77 ? 152 GLU A OE1 1 
ATOM   1245 O OE2 . GLU A 1 152 ? 9.097   -11.132 5.466   1.00 47.21 ? 152 GLU A OE2 1 
ATOM   1246 N N   . ASN A 1 153 ? 9.486   -6.154  5.796   1.00 29.42 ? 153 ASN A N   1 
ATOM   1247 C CA  . ASN A 1 153 ? 10.716  -5.443  5.619   1.00 26.94 ? 153 ASN A CA  1 
ATOM   1248 C C   . ASN A 1 153 ? 10.623  -3.975  6.022   1.00 34.50 ? 153 ASN A C   1 
ATOM   1249 O O   . ASN A 1 153 ? 11.641  -3.297  6.117   1.00 31.02 ? 153 ASN A O   1 
ATOM   1250 C CB  . ASN A 1 153 ? 11.201  -5.573  4.169   1.00 29.50 ? 153 ASN A CB  1 
ATOM   1251 C CG  . ASN A 1 153 ? 11.757  -6.957  3.869   1.00 35.56 ? 153 ASN A CG  1 
ATOM   1252 O OD1 . ASN A 1 153 ? 12.041  -7.748  4.786   1.00 43.87 ? 153 ASN A OD1 1 
ATOM   1253 N ND2 . ASN A 1 153 ? 11.907  -7.272  2.580   1.00 33.43 ? 153 ASN A ND2 1 
ATOM   1254 N N   . LEU A 1 154 ? 9.414   -3.453  6.237   1.00 28.64 ? 154 LEU A N   1 
ATOM   1255 C CA  . LEU A 1 154 ? 9.294   -2.105  6.818   1.00 25.97 ? 154 LEU A CA  1 
ATOM   1256 C C   . LEU A 1 154 ? 9.999   -2.019  8.178   1.00 29.23 ? 154 LEU A C   1 
ATOM   1257 O O   . LEU A 1 154 ? 10.485  -0.949  8.569   1.00 32.72 ? 154 LEU A O   1 
ATOM   1258 C CB  . LEU A 1 154 ? 7.836   -1.672  6.937   1.00 27.17 ? 154 LEU A CB  1 
ATOM   1259 C CG  . LEU A 1 154 ? 7.288   -0.920  5.740   1.00 28.23 ? 154 LEU A CG  1 
ATOM   1260 C CD1 . LEU A 1 154 ? 7.368   -1.811  4.520   1.00 29.22 ? 154 LEU A CD1 1 
ATOM   1261 C CD2 . LEU A 1 154 ? 5.855   -0.475  6.021   1.00 29.17 ? 154 LEU A CD2 1 
ATOM   1262 N N   . LYS A 1 155 ? 10.014  -3.130  8.896   1.00 29.63 ? 155 LYS A N   1 
ATOM   1263 C CA  . LYS A 1 155 ? 10.726  -3.188  10.189  1.00 33.46 ? 155 LYS A CA  1 
ATOM   1264 C C   . LYS A 1 155 ? 12.170  -2.708  10.020  1.00 39.79 ? 155 LYS A C   1 
ATOM   1265 O O   . LYS A 1 155 ? 12.676  -1.924  10.824  1.00 36.15 ? 155 LYS A O   1 
ATOM   1266 C CB  . LYS A 1 155 ? 10.724  -4.609  10.747  1.00 31.30 ? 155 LYS A CB  1 
ATOM   1267 C CG  . LYS A 1 155 ? 11.333  -4.733  12.157  1.00 36.25 ? 155 LYS A CG  1 
ATOM   1268 C CD  . LYS A 1 155 ? 11.140  -6.131  12.716  1.00 38.04 ? 155 LYS A CD  1 
ATOM   1269 C CE  . LYS A 1 155 ? 12.192  -6.436  13.781  1.00 48.26 ? 155 LYS A CE  1 
ATOM   1270 N NZ  . LYS A 1 155 ? 12.238  -7.894  14.142  1.00 48.90 ? 155 LYS A NZ  1 
ATOM   1271 N N   . ASN A 1 156 ? 12.814  -3.169  8.951   1.00 40.58 ? 156 ASN A N   1 
ATOM   1272 C CA  . ASN A 1 156 ? 14.202  -2.834  8.639   1.00 37.23 ? 156 ASN A CA  1 
ATOM   1273 C C   . ASN A 1 156 ? 14.424  -1.370  8.265   1.00 42.32 ? 156 ASN A C   1 
ATOM   1274 O O   . ASN A 1 156 ? 15.561  -0.907  8.180   1.00 43.99 ? 156 ASN A O   1 
ATOM   1275 C CB  . ASN A 1 156 ? 14.691  -3.694  7.457   1.00 46.28 ? 156 ASN A CB  1 
ATOM   1276 C CG  . ASN A 1 156 ? 14.322  -5.163  7.595   1.00 48.93 ? 156 ASN A CG  1 
ATOM   1277 O OD1 . ASN A 1 156 ? 13.806  -5.593  8.626   1.00 58.55 ? 156 ASN A OD1 1 
ATOM   1278 N ND2 . ASN A 1 156 ? 14.590  -5.940  6.546   1.00 49.22 ? 156 ASN A ND2 1 
ATOM   1279 N N   . LEU A 1 157 ? 13.344  -0.646  8.014   1.00 27.97 ? 157 LEU A N   1 
ATOM   1280 C CA  . LEU A 1 157 ? 13.439  0.697   7.485   1.00 29.67 ? 157 LEU A CA  1 
ATOM   1281 C C   . LEU A 1 157 ? 13.143  1.755   8.532   1.00 26.91 ? 157 LEU A C   1 
ATOM   1282 O O   . LEU A 1 157 ? 13.304  2.954   8.271   1.00 31.76 ? 157 LEU A O   1 
ATOM   1283 C CB  . LEU A 1 157 ? 12.456  0.866   6.324   1.00 31.28 ? 157 LEU A CB  1 
ATOM   1284 C CG  . LEU A 1 157 ? 12.787  0.097   5.058   1.00 32.48 ? 157 LEU A CG  1 
ATOM   1285 C CD1 . LEU A 1 157 ? 11.653  0.321   4.075   1.00 27.06 ? 157 LEU A CD1 1 
ATOM   1286 C CD2 . LEU A 1 157 ? 14.155  0.523   4.486   1.00 35.37 ? 157 LEU A CD2 1 
ATOM   1287 N N   . VAL A 1 158 ? 12.660  1.325   9.684   1.00 33.16 ? 158 VAL A N   1 
ATOM   1288 C CA  . VAL A 1 158 ? 12.280  2.254   10.746  1.00 34.23 ? 158 VAL A CA  1 
ATOM   1289 C C   . VAL A 1 158 ? 13.476  3.135   11.103  1.00 36.32 ? 158 VAL A C   1 
ATOM   1290 O O   . VAL A 1 158 ? 14.590  2.642   11.323  1.00 38.97 ? 158 VAL A O   1 
ATOM   1291 C CB  . VAL A 1 158 ? 11.748  1.515   11.991  1.00 37.68 ? 158 VAL A CB  1 
ATOM   1292 C CG1 . VAL A 1 158 ? 11.576  2.471   13.163  1.00 40.50 ? 158 VAL A CG1 1 
ATOM   1293 C CG2 . VAL A 1 158 ? 10.433  0.862   11.675  1.00 30.19 ? 158 VAL A CG2 1 
ATOM   1294 N N   . GLY A 1 159 ? 13.243  4.443   11.097  1.00 40.58 ? 159 GLY A N   1 
ATOM   1295 C CA  . GLY A 1 159 ? 14.281  5.412   11.421  1.00 42.94 ? 159 GLY A CA  1 
ATOM   1296 C C   . GLY A 1 159 ? 15.226  5.688   10.275  1.00 50.44 ? 159 GLY A C   1 
ATOM   1297 O O   . GLY A 1 159 ? 16.046  6.599   10.354  1.00 54.81 ? 159 GLY A O   1 
ATOM   1298 N N   . LYS A 1 160 ? 15.114  4.917   9.198   1.00 47.07 ? 160 LYS A N   1 
ATOM   1299 C CA  . LYS A 1 160 ? 16.001  5.093   8.068   1.00 48.20 ? 160 LYS A CA  1 
ATOM   1300 C C   . LYS A 1 160 ? 15.349  5.966   7.005   1.00 42.01 ? 160 LYS A C   1 
ATOM   1301 O O   . LYS A 1 160 ? 14.113  6.048   6.901   1.00 49.11 ? 160 LYS A O   1 
ATOM   1302 C CB  . LYS A 1 160 ? 16.427  3.744   7.484   1.00 50.67 ? 160 LYS A CB  1 
ATOM   1303 C CG  . LYS A 1 160 ? 17.207  2.882   8.458   1.00 50.67 ? 160 LYS A CG  1 
ATOM   1304 C CD  . LYS A 1 160 ? 17.489  1.485   7.919   1.00 49.73 ? 160 LYS A CD  1 
ATOM   1305 C CE  . LYS A 1 160 ? 18.125  0.605   8.999   1.00 54.64 ? 160 LYS A CE  1 
ATOM   1306 N NZ  . LYS A 1 160 ? 18.298  -0.843  8.625   1.00 54.66 ? 160 LYS A NZ  1 
ATOM   1307 N N   . SER A 1 161 ? 16.209  6.663   6.275   1.00 48.59 ? 161 SER A N   1 
ATOM   1308 C CA  . SER A 1 161 ? 15.842  7.383   5.072   1.00 50.27 ? 161 SER A CA  1 
ATOM   1309 C C   . SER A 1 161 ? 16.275  6.514   3.885   1.00 46.04 ? 161 SER A C   1 
ATOM   1310 O O   . SER A 1 161 ? 17.339  5.897   3.891   1.00 50.34 ? 161 SER A O   1 
ATOM   1311 C CB  . SER A 1 161 ? 16.535  8.755   5.020   1.00 56.01 ? 161 SER A CB  1 
ATOM   1312 O OG  . SER A 1 161 ? 15.987  9.666   5.970   1.00 52.45 ? 161 SER A OG  1 
ATOM   1313 N N   . PHE A 1 162 ? 15.427  6.457   2.875   1.00 38.61 ? 162 PHE A N   1 
ATOM   1314 C CA  . PHE A 1 162 ? 15.647  5.599   1.727   1.00 30.82 ? 162 PHE A CA  1 
ATOM   1315 C C   . PHE A 1 162 ? 14.900  6.285   0.617   1.00 25.21 ? 162 PHE A C   1 
ATOM   1316 O O   . PHE A 1 162 ? 14.165  7.224   0.845   1.00 30.60 ? 162 PHE A O   1 
ATOM   1317 C CB  . PHE A 1 162 ? 15.090  4.199   1.993   1.00 26.95 ? 162 PHE A CB  1 
ATOM   1318 C CG  . PHE A 1 162 ? 13.701  4.219   2.579   1.00 24.97 ? 162 PHE A CG  1 
ATOM   1319 C CD1 . PHE A 1 162 ? 12.579  4.104   1.768   1.00 28.10 ? 162 PHE A CD1 1 
ATOM   1320 C CD2 . PHE A 1 162 ? 13.520  4.392   3.935   1.00 32.02 ? 162 PHE A CD2 1 
ATOM   1321 C CE1 . PHE A 1 162 ? 11.313  4.158   2.293   1.00 27.88 ? 162 PHE A CE1 1 
ATOM   1322 C CE2 . PHE A 1 162 ? 12.264  4.448   4.478   1.00 27.16 ? 162 PHE A CE2 1 
ATOM   1323 C CZ  . PHE A 1 162 ? 11.142  4.345   3.648   1.00 27.45 ? 162 PHE A CZ  1 
ATOM   1324 N N   . TYR A 1 163 ? 15.109  5.804   -0.601  1.00 26.82 ? 163 TYR A N   1 
ATOM   1325 C CA  . TYR A 1 163 ? 14.328  6.266   -1.735  1.00 25.82 ? 163 TYR A CA  1 
ATOM   1326 C C   . TYR A 1 163 ? 13.283  5.178   -2.009  1.00 25.43 ? 163 TYR A C   1 
ATOM   1327 O O   . TYR A 1 163 ? 13.593  3.995   -1.995  1.00 28.70 ? 163 TYR A O   1 
ATOM   1328 C CB  . TYR A 1 163 ? 15.210  6.506   -2.973  1.00 28.26 ? 163 TYR A CB  1 
ATOM   1329 C CG  . TYR A 1 163 ? 14.504  7.191   -4.115  1.00 29.16 ? 163 TYR A CG  1 
ATOM   1330 C CD1 . TYR A 1 163 ? 14.449  8.567   -4.197  1.00 30.58 ? 163 TYR A CD1 1 
ATOM   1331 C CD2 . TYR A 1 163 ? 13.880  6.447   -5.123  1.00 31.26 ? 163 TYR A CD2 1 
ATOM   1332 C CE1 . TYR A 1 163 ? 13.816  9.194   -5.221  1.00 30.77 ? 163 TYR A CE1 1 
ATOM   1333 C CE2 . TYR A 1 163 ? 13.224  7.074   -6.166  1.00 29.68 ? 163 TYR A CE2 1 
ATOM   1334 C CZ  . TYR A 1 163 ? 13.202  8.456   -6.215  1.00 31.61 ? 163 TYR A CZ  1 
ATOM   1335 O OH  . TYR A 1 163 ? 12.562  9.136   -7.231  1.00 38.82 ? 163 TYR A OH  1 
ATOM   1336 N N   . PHE A 1 164 ? 12.056  5.623   -2.213  1.00 23.25 ? 164 PHE A N   1 
ATOM   1337 C CA  . PHE A 1 164 ? 10.924  4.709   -2.410  1.00 22.66 ? 164 PHE A CA  1 
ATOM   1338 C C   . PHE A 1 164 ? 10.470  4.752   -3.857  1.00 21.85 ? 164 PHE A C   1 
ATOM   1339 O O   . PHE A 1 164 ? 10.285  5.818   -4.431  1.00 24.72 ? 164 PHE A O   1 
ATOM   1340 C CB  . PHE A 1 164 ? 9.766   5.150   -1.540  1.00 23.74 ? 164 PHE A CB  1 
ATOM   1341 C CG  . PHE A 1 164 ? 8.543   4.246   -1.623  1.00 22.34 ? 164 PHE A CG  1 
ATOM   1342 C CD1 . PHE A 1 164 ? 8.389   3.171   -0.778  1.00 23.64 ? 164 PHE A CD1 1 
ATOM   1343 C CD2 . PHE A 1 164 ? 7.554   4.512   -2.557  1.00 23.43 ? 164 PHE A CD2 1 
ATOM   1344 C CE1 . PHE A 1 164 ? 7.284   2.344   -0.867  1.00 22.37 ? 164 PHE A CE1 1 
ATOM   1345 C CE2 . PHE A 1 164 ? 6.437   3.706   -2.636  1.00 24.17 ? 164 PHE A CE2 1 
ATOM   1346 C CZ  . PHE A 1 164 ? 6.303   2.643   -1.793  1.00 20.14 ? 164 PHE A CZ  1 
ATOM   1347 N N   . LEU A 1 165 ? 10.218  3.557   -4.406  1.00 22.45 ? 165 LEU A N   1 
ATOM   1348 C CA  . LEU A 1 165 ? 9.599   3.406   -5.724  1.00 22.71 ? 165 LEU A CA  1 
ATOM   1349 C C   . LEU A 1 165 ? 8.407   2.436   -5.621  1.00 20.94 ? 165 LEU A C   1 
ATOM   1350 O O   . LEU A 1 165 ? 8.551   1.340   -5.109  1.00 22.55 ? 165 LEU A O   1 
ATOM   1351 C CB  . LEU A 1 165 ? 10.626  2.907   -6.756  1.00 25.83 ? 165 LEU A CB  1 
ATOM   1352 C CG  . LEU A 1 165 ? 11.474  3.979   -7.487  1.00 28.42 ? 165 LEU A CG  1 
ATOM   1353 C CD1 . LEU A 1 165 ? 12.496  3.313   -8.427  1.00 34.18 ? 165 LEU A CD1 1 
ATOM   1354 C CD2 . LEU A 1 165 ? 10.626  4.942   -8.268  1.00 31.15 ? 165 LEU A CD2 1 
ATOM   1355 N N   . GLY A 1 166 ? 7.252   2.879   -6.097  1.00 20.81 ? 166 GLY A N   1 
ATOM   1356 C CA  . GLY A 1 166 ? 6.006   2.069   -6.157  1.00 19.55 ? 166 GLY A CA  1 
ATOM   1357 C C   . GLY A 1 166 ? 5.532   2.074   -7.602  1.00 21.04 ? 166 GLY A C   1 
ATOM   1358 O O   . GLY A 1 166 ? 5.211   3.120   -8.131  1.00 21.10 ? 166 GLY A O   1 
ATOM   1359 N N   . LEU A 1 167 ? 5.567   0.906   -8.238  1.00 18.91 ? 167 LEU A N   1 
ATOM   1360 C CA  A LEU A 1 167 ? 5.245   0.749   -9.645  0.50 19.81 ? 167 LEU A CA  1 
ATOM   1361 C CA  B LEU A 1 167 ? 5.205   0.785   -9.634  0.50 19.71 ? 167 LEU A CA  1 
ATOM   1362 C C   . LEU A 1 167 ? 3.952   -0.047  -9.788  1.00 17.64 ? 167 LEU A C   1 
ATOM   1363 O O   . LEU A 1 167 ? 4.002   -1.289  -9.662  1.00 19.32 ? 167 LEU A O   1 
ATOM   1364 C CB  A LEU A 1 167 ? 6.411   0.032   -10.361 0.50 23.02 ? 167 LEU A CB  1 
ATOM   1365 C CB  B LEU A 1 167 ? 6.367   0.211   -10.437 0.50 17.53 ? 167 LEU A CB  1 
ATOM   1366 C CG  A LEU A 1 167 ? 7.647   0.901   -10.665 0.50 24.59 ? 167 LEU A CG  1 
ATOM   1367 C CG  B LEU A 1 167 ? 7.369   1.290   -10.869 0.50 20.82 ? 167 LEU A CG  1 
ATOM   1368 C CD1 A LEU A 1 167 ? 8.797   0.150   -11.396 0.50 20.03 ? 167 LEU A CD1 1 
ATOM   1369 C CD1 B LEU A 1 167 ? 8.123   1.843   -9.670  0.50 21.66 ? 167 LEU A CD1 1 
ATOM   1370 C CD2 A LEU A 1 167 ? 7.179   2.130   -11.437 0.50 31.86 ? 167 LEU A CD2 1 
ATOM   1371 C CD2 B LEU A 1 167 ? 8.333   0.750   -11.868 0.50 20.61 ? 167 LEU A CD2 1 
ATOM   1372 N N   . PRO A 1 168 ? 2.819   0.629   -9.996  1.00 18.66 ? 168 PRO A N   1 
ATOM   1373 C CA  . PRO A 1 168 ? 1.579   -0.138  -10.135 1.00 20.24 ? 168 PRO A CA  1 
ATOM   1374 C C   . PRO A 1 168 ? 1.406   -0.674  -11.526 1.00 21.08 ? 168 PRO A C   1 
ATOM   1375 O O   . PRO A 1 168 ? 2.054   -0.250  -12.471 1.00 20.66 ? 168 PRO A O   1 
ATOM   1376 C CB  . PRO A 1 168 ? 0.487   0.866   -9.794  1.00 23.59 ? 168 PRO A CB  1 
ATOM   1377 C CG  . PRO A 1 168 ? 1.077   2.192   -10.100 1.00 23.28 ? 168 PRO A CG  1 
ATOM   1378 C CD  . PRO A 1 168 ? 2.590   2.090   -10.042 1.00 20.14 ? 168 PRO A CD  1 
ATOM   1379 N N   . LEU A 1 169 ? 0.500   -1.638  -11.656 1.00 25.22 ? 169 LEU A N   1 
ATOM   1380 C CA  . LEU A 1 169 ? -0.174  -1.889  -12.924 1.00 25.69 ? 169 LEU A CA  1 
ATOM   1381 C C   . LEU A 1 169 ? -0.649  -0.588  -13.563 1.00 26.76 ? 169 LEU A C   1 
ATOM   1382 O O   . LEU A 1 169 ? -1.506  0.106   -13.017 1.00 32.77 ? 169 LEU A O   1 
ATOM   1383 C CB  . LEU A 1 169 ? -1.359  -2.837  -12.722 1.00 31.45 ? 169 LEU A CB  1 
ATOM   1384 C CG  . LEU A 1 169 ? -1.709  -3.744  -13.903 1.00 29.68 ? 169 LEU A CG  1 
ATOM   1385 C CD1 . LEU A 1 169 ? -0.465  -4.430  -14.443 1.00 32.25 ? 169 LEU A CD1 1 
ATOM   1386 C CD2 . LEU A 1 169 ? -2.760  -4.768  -13.500 1.00 34.43 ? 169 LEU A CD2 1 
ATOM   1387 N N   . LYS A 1 170 ? -0.084  -0.265  -14.722 1.00 28.45 ? 170 LYS A N   1 
ATOM   1388 C CA  . LYS A 1 170 ? -0.383  0.994   -15.395 1.00 21.88 ? 170 LYS A CA  1 
ATOM   1389 C C   . LYS A 1 170 ? -1.835  1.042   -15.855 1.00 34.59 ? 170 LYS A C   1 
ATOM   1390 O O   . LYS A 1 170 ? -2.120  1.000   -17.051 1.00 31.40 ? 170 LYS A O   1 
ATOM   1391 C CB  . LYS A 1 170 ? 0.553   1.200   -16.587 1.00 28.64 ? 170 LYS A CB  1 
ATOM   1392 C CG  . LYS A 1 170 ? 0.591   2.628   -17.108 1.00 24.88 ? 170 LYS A CG  1 
ATOM   1393 C CD  . LYS A 1 170 ? 1.816   2.867   -17.975 1.00 25.65 ? 170 LYS A CD  1 
ATOM   1394 C CE  . LYS A 1 170 ? 1.819   4.275   -18.549 1.00 29.86 ? 170 LYS A CE  1 
ATOM   1395 N NZ  . LYS A 1 170 ? 3.078   4.571   -19.286 1.00 33.29 ? 170 LYS A NZ  1 
ATOM   1396 N N   . ILE A 1 171 ? -2.752  1.129   -14.896 1.00 32.24 ? 171 ILE A N   1 
ATOM   1397 C CA  . ILE A 1 171 ? -4.124  1.531   -15.182 1.00 33.91 ? 171 ILE A CA  1 
ATOM   1398 C C   . ILE A 1 171 ? -4.439  2.893   -14.571 1.00 32.76 ? 171 ILE A C   1 
ATOM   1399 O O   . ILE A 1 171 ? -4.110  3.156   -13.415 1.00 30.13 ? 171 ILE A O   1 
ATOM   1400 C CB  . ILE A 1 171 ? -5.116  0.475   -14.661 1.00 29.47 ? 171 ILE A CB  1 
ATOM   1401 C CG1 . ILE A 1 171 ? -4.564  -0.934  -14.890 1.00 40.46 ? 171 ILE A CG1 1 
ATOM   1402 C CG2 . ILE A 1 171 ? -6.471  0.637   -15.332 1.00 36.44 ? 171 ILE A CG2 1 
ATOM   1403 C CD1 . ILE A 1 171 ? -4.949  -1.924  -13.812 1.00 42.83 ? 171 ILE A CD1 1 
ATOM   1404 N N   . PHE A 1 172 ? -5.079  3.754   -15.355 1.00 35.95 ? 172 PHE A N   1 
ATOM   1405 C CA  . PHE A 1 172 ? -5.672  4.943   -14.835 0.50 30.72 ? 172 PHE A CA  1 
ATOM   1406 C C   . PHE A 1 172 ? -7.205  4.753   -14.808 1.00 32.73 ? 172 PHE A C   1 
ATOM   1407 O O   . PHE A 1 172 ? -7.761  3.835   -15.414 1.00 41.01 ? 172 PHE A O   1 
ATOM   1408 C CB  . PHE A 1 172 ? -5.245  6.125   -15.691 0.50 32.59 ? 172 PHE A CB  1 
ATOM   1409 C CG  . PHE A 1 172 ? -3.756  6.173   -15.942 0.50 27.96 ? 172 PHE A CG  1 
ATOM   1410 C CD1 . PHE A 1 172 ? -2.898  6.675   -14.977 0.50 31.56 ? 172 PHE A CD1 1 
ATOM   1411 C CD2 . PHE A 1 172 ? -3.212  5.720   -17.143 0.50 25.60 ? 172 PHE A CD2 1 
ATOM   1412 C CE1 . PHE A 1 172 ? -1.537  6.724   -15.191 0.50 33.34 ? 172 PHE A CE1 1 
ATOM   1413 C CE2 . PHE A 1 172 ? -1.848  5.771   -17.365 0.50 26.15 ? 172 PHE A CE2 1 
ATOM   1414 C CZ  . PHE A 1 172 ? -1.009  6.283   -16.386 0.50 29.73 ? 172 PHE A CZ  1 
ATOM   1415 N N   . ASP A 1 173 ? -7.878  5.607   -14.078 1.00 31.93 ? 173 ASP A N   1 
ATOM   1416 C CA  . ASP A 1 173 ? -9.324  5.546   -13.944 1.00 31.20 ? 173 ASP A CA  1 
ATOM   1417 C C   . ASP A 1 173 ? -9.811  4.297   -13.235 1.00 31.70 ? 173 ASP A C   1 
ATOM   1418 O O   . ASP A 1 173 ? -10.891 3.775   -13.524 1.00 31.09 ? 173 ASP A O   1 
ATOM   1419 C CB  . ASP A 1 173 ? -10.011 5.660   -15.301 1.00 36.12 ? 173 ASP A CB  1 
ATOM   1420 C CG  . ASP A 1 173 ? -11.481 5.966   -15.169 1.00 51.71 ? 173 ASP A CG  1 
ATOM   1421 O OD1 . ASP A 1 173 ? -11.849 6.632   -14.169 1.00 51.79 ? 173 ASP A OD1 1 
ATOM   1422 O OD2 . ASP A 1 173 ? -12.257 5.540   -16.059 1.00 62.84 ? 173 ASP A OD2 1 
ATOM   1423 N N   . ILE A 1 174 ? -9.032  3.833   -12.273 1.00 24.72 ? 174 ILE A N   1 
ATOM   1424 C CA  . ILE A 1 174 ? -9.417  2.665   -11.470 1.00 22.51 ? 174 ILE A CA  1 
ATOM   1425 C C   . ILE A 1 174 ? -9.333  3.082   -10.014 1.00 19.84 ? 174 ILE A C   1 
ATOM   1426 O O   . ILE A 1 174 ? -8.662  4.047   -9.658  1.00 23.87 ? 174 ILE A O   1 
ATOM   1427 C CB  . ILE A 1 174 ? -8.521  1.437   -11.814 1.00 22.80 ? 174 ILE A CB  1 
ATOM   1428 C CG1 . ILE A 1 174 ? -9.130  0.143   -11.296 1.00 23.90 ? 174 ILE A CG1 1 
ATOM   1429 C CG2 . ILE A 1 174 ? -7.072  1.630   -11.335 1.00 23.95 ? 174 ILE A CG2 1 
ATOM   1430 C CD1 . ILE A 1 174 ? -8.527  -1.110  -11.863 1.00 27.54 ? 174 ILE A CD1 1 
ATOM   1431 N N   . ASP A 1 175 ? -10.048 2.354   -9.162  1.00 22.17 ? 175 ASP A N   1 
ATOM   1432 C CA  . ASP A 1 175 ? -10.098 2.649   -7.740  1.00 20.92 ? 175 ASP A CA  1 
ATOM   1433 C C   . ASP A 1 175 ? -8.867  2.257   -7.010  1.00 19.61 ? 175 ASP A C   1 
ATOM   1434 O O   . ASP A 1 175 ? -8.555  2.818   -5.970  1.00 21.31 ? 175 ASP A O   1 
ATOM   1435 C CB  . ASP A 1 175 ? -11.260 1.891   -7.108  1.00 23.02 ? 175 ASP A CB  1 
ATOM   1436 C CG  . ASP A 1 175 ? -11.235 0.403   -7.417  1.00 27.39 ? 175 ASP A CG  1 
ATOM   1437 O OD1 . ASP A 1 175 ? -11.599 0.025   -8.542  1.00 37.27 ? 175 ASP A OD1 1 
ATOM   1438 O OD2 . ASP A 1 175 ? -10.889 -0.384  -6.530  1.00 30.32 ? 175 ASP A OD2 1 
ATOM   1439 N N   . ALA A 1 176 ? -8.138  1.293   -7.567  1.00 19.09 ? 176 ALA A N   1 
ATOM   1440 C CA  . ALA A 1 176 ? -6.978  0.713   -6.886  1.00 17.38 ? 176 ALA A CA  1 
ATOM   1441 C C   . ALA A 1 176 ? -6.216  -0.159  -7.878  1.00 18.72 ? 176 ALA A C   1 
ATOM   1442 O O   . ALA A 1 176 ? -6.769  -0.630  -8.863  1.00 19.60 ? 176 ALA A O   1 
ATOM   1443 C CB  . ALA A 1 176 ? -7.397  -0.141  -5.676  1.00 22.29 ? 176 ALA A CB  1 
ATOM   1444 N N   . SER A 1 177 ? -4.934  -0.369  -7.601  1.00 17.91 ? 177 SER A N   1 
ATOM   1445 C CA  . SER A 1 177 ? -4.113  -1.266  -8.406  1.00 18.75 ? 177 SER A CA  1 
ATOM   1446 C C   . SER A 1 177 ? -3.097  -2.007  -7.544  1.00 20.40 ? 177 SER A C   1 
ATOM   1447 O O   . SER A 1 177 ? -2.541  -1.444  -6.601  1.00 19.65 ? 177 SER A O   1 
ATOM   1448 C CB  . SER A 1 177 ? -3.398  -0.489  -9.513  1.00 18.83 ? 177 SER A CB  1 
ATOM   1449 O OG  . SER A 1 177 ? -2.476  -1.315  -10.203 1.00 22.68 ? 177 SER A OG  1 
ATOM   1450 N N   . PRO A 1 178 ? -2.857  -3.271  -7.875  1.00 17.79 ? 178 PRO A N   1 
ATOM   1451 C CA  . PRO A 1 178 ? -1.662  -3.978  -7.402  1.00 16.85 ? 178 PRO A CA  1 
ATOM   1452 C C   . PRO A 1 178 ? -0.388  -3.189  -7.684  1.00 20.71 ? 178 PRO A C   1 
ATOM   1453 O O   . PRO A 1 178 ? -0.184  -2.732  -8.809  1.00 21.28 ? 178 PRO A O   1 
ATOM   1454 C CB  . PRO A 1 178 ? -1.676  -5.267  -8.225  1.00 19.74 ? 178 PRO A CB  1 
ATOM   1455 C CG  . PRO A 1 178 ? -2.385  -4.898  -9.480  1.00 22.63 ? 178 PRO A CG  1 
ATOM   1456 C CD  . PRO A 1 178 ? -3.429  -3.894  -9.081  1.00 22.42 ? 178 PRO A CD  1 
ATOM   1457 N N   . ILE A 1 179 ? 0.455   -3.034  -6.669  1.00 17.83 ? 179 ILE A N   1 
ATOM   1458 C CA  . ILE A 1 179 ? 1.638   -2.188  -6.777  1.00 17.44 ? 179 ILE A CA  1 
ATOM   1459 C C   . ILE A 1 179 ? 2.876   -2.900  -6.242  1.00 19.05 ? 179 ILE A C   1 
ATOM   1460 O O   . ILE A 1 179 ? 2.843   -3.496  -5.166  1.00 21.96 ? 179 ILE A O   1 
ATOM   1461 C CB  . ILE A 1 179 ? 1.423   -0.862  -6.026  1.00 17.05 ? 179 ILE A CB  1 
ATOM   1462 C CG1 . ILE A 1 179 ? 2.569   0.109   -6.319  1.00 18.81 ? 179 ILE A CG1 1 
ATOM   1463 C CG2 . ILE A 1 179 ? 1.299   -1.111  -4.531  1.00 19.97 ? 179 ILE A CG2 1 
ATOM   1464 C CD1 . ILE A 1 179 ? 2.246   1.550   -5.995  1.00 19.01 ? 179 ILE A CD1 1 
ATOM   1465 N N   . ARG A 1 180 ? 3.965   -2.834  -7.001  1.00 16.89 ? 180 ARG A N   1 
ATOM   1466 C CA  . ARG A 1 180 ? 5.237   -3.447  -6.584  1.00 17.56 ? 180 ARG A CA  1 
ATOM   1467 C C   . ARG A 1 180 ? 6.086   -2.336  -5.990  1.00 19.64 ? 180 ARG A C   1 
ATOM   1468 O O   . ARG A 1 180 ? 6.350   -1.334  -6.678  1.00 20.74 ? 180 ARG A O   1 
ATOM   1469 C CB  . ARG A 1 180 ? 5.947   -4.067  -7.779  1.00 20.03 ? 180 ARG A CB  1 
ATOM   1470 C CG  . ARG A 1 180 ? 7.110   -4.921  -7.425  1.00 20.94 ? 180 ARG A CG  1 
ATOM   1471 C CD  . ARG A 1 180 ? 6.662   -6.182  -6.779  1.00 22.36 ? 180 ARG A CD  1 
ATOM   1472 N NE  . ARG A 1 180 ? 7.759   -7.000  -6.325  1.00 24.65 ? 180 ARG A NE  1 
ATOM   1473 C CZ  . ARG A 1 180 ? 8.260   -8.010  -7.012  1.00 21.18 ? 180 ARG A CZ  1 
ATOM   1474 N NH1 . ARG A 1 180 ? 7.792   -8.319  -8.224  1.00 20.63 ? 180 ARG A NH1 1 
ATOM   1475 N NH2 . ARG A 1 180 ? 9.223   -8.728  -6.494  1.00 25.71 ? 180 ARG A NH2 1 
ATOM   1476 N N   . CYS A 1 181 ? 6.474   -2.496  -4.719  1.00 21.76 ? 181 CYS A N   1 
ATOM   1477 C CA  . CYS A 1 181 ? 7.108   -1.430  -3.941  1.00 20.53 ? 181 CYS A CA  1 
ATOM   1478 C C   . CYS A 1 181 ? 8.482   -1.871  -3.479  1.00 20.17 ? 181 CYS A C   1 
ATOM   1479 O O   . CYS A 1 181 ? 8.639   -2.960  -2.974  1.00 21.53 ? 181 CYS A O   1 
ATOM   1480 C CB  . CYS A 1 181 ? 6.262   -1.091  -2.708  1.00 20.52 ? 181 CYS A CB  1 
ATOM   1481 S SG  . CYS A 1 181 ? 4.642   -0.412  -3.163  1.00 22.77 ? 181 CYS A SG  1 
ATOM   1482 N N   . ILE A 1 182 ? 9.453   -0.985  -3.660  1.00 22.12 ? 182 ILE A N   1 
ATOM   1483 C CA  . ILE A 1 182 ? 10.822  -1.227  -3.211  1.00 21.63 ? 182 ILE A CA  1 
ATOM   1484 C C   . ILE A 1 182 ? 11.402  -0.007  -2.482  1.00 23.69 ? 182 ILE A C   1 
ATOM   1485 O O   . ILE A 1 182 ? 10.969  1.124   -2.685  1.00 21.89 ? 182 ILE A O   1 
ATOM   1486 C CB  . ILE A 1 182 ? 11.754  -1.597  -4.394  1.00 24.18 ? 182 ILE A CB  1 
ATOM   1487 C CG1 . ILE A 1 182 ? 11.855  -0.422  -5.359  1.00 23.45 ? 182 ILE A CG1 1 
ATOM   1488 C CG2 . ILE A 1 182 ? 11.279  -2.899  -5.062  1.00 26.04 ? 182 ILE A CG2 1 
ATOM   1489 C CD1 . ILE A 1 182 ? 12.899  -0.580  -6.436  1.00 27.92 ? 182 ILE A CD1 1 
ATOM   1490 N N   . ALA A 1 183 ? 12.373  -0.275  -1.625  1.00 26.46 ? 183 ALA A N   1 
ATOM   1491 C CA  . ALA A 1 183 ? 13.190  0.762   -1.008  1.00 25.06 ? 183 ALA A CA  1 
ATOM   1492 C C   . ALA A 1 183 ? 14.606  0.641   -1.560  1.00 21.46 ? 183 ALA A C   1 
ATOM   1493 O O   . ALA A 1 183 ? 15.148  -0.455  -1.603  1.00 27.49 ? 183 ALA A O   1 
ATOM   1494 C CB  . ALA A 1 183 ? 13.184  0.623   0.502   1.00 27.60 ? 183 ALA A CB  1 
ATOM   1495 N N   . ILE A 1 184 ? 15.141  1.771   -2.014  1.00 27.19 ? 184 ILE A N   1 
ATOM   1496 C CA  . ILE A 1 184 ? 16.543  1.833   -2.410  1.00 28.53 ? 184 ILE A CA  1 
ATOM   1497 C C   . ILE A 1 184 ? 17.291  2.489   -1.247  1.00 29.56 ? 184 ILE A C   1 
ATOM   1498 O O   . ILE A 1 184 ? 17.085  3.672   -0.945  1.00 29.86 ? 184 ILE A O   1 
ATOM   1499 C CB  . ILE A 1 184 ? 16.735  2.606   -3.711  1.00 30.72 ? 184 ILE A CB  1 
ATOM   1500 C CG1 . ILE A 1 184 ? 15.923  1.946   -4.844  1.00 34.32 ? 184 ILE A CG1 1 
ATOM   1501 C CG2 . ILE A 1 184 ? 18.193  2.591   -4.083  1.00 34.30 ? 184 ILE A CG2 1 
ATOM   1502 C CD1 . ILE A 1 184 ? 15.733  2.814   -6.065  1.00 37.91 ? 184 ILE A CD1 1 
ATOM   1503 N N   . LEU A 1 185 ? 18.158  1.718   -0.599  1.00 36.07 ? 185 LEU A N   1 
ATOM   1504 C CA  . LEU A 1 185 ? 18.914  2.210   0.546   1.00 43.87 ? 185 LEU A CA  1 
ATOM   1505 C C   . LEU A 1 185 ? 20.240  2.822   0.110   1.00 54.53 ? 185 LEU A C   1 
ATOM   1506 O O   . LEU A 1 185 ? 20.913  2.301   -0.779  1.00 54.13 ? 185 LEU A O   1 
ATOM   1507 C CB  . LEU A 1 185 ? 19.161  1.081   1.551   1.00 46.25 ? 185 LEU A CB  1 
ATOM   1508 C CG  . LEU A 1 185 ? 17.928  0.299   2.009   1.00 51.70 ? 185 LEU A CG  1 
ATOM   1509 C CD1 . LEU A 1 185 ? 18.220  -1.194  2.041   1.00 55.14 ? 185 LEU A CD1 1 
ATOM   1510 C CD2 . LEU A 1 185 ? 17.457  0.786   3.370   1.00 53.00 ? 185 LEU A CD2 1 
ATOM   1511 N N   . GLU A 1 186 ? 20.609  3.932   0.741   1.00 67.36 ? 186 GLU A N   1 
ATOM   1512 C CA  . GLU A 1 186 ? 22.006  4.348   0.805   1.00 70.69 ? 186 GLU A CA  1 
ATOM   1513 C C   . GLU A 1 186 ? 22.659  3.890   2.104   1.00 73.89 ? 186 GLU A C   1 
ATOM   1514 O O   . GLU A 1 186 ? 21.983  3.678   3.110   1.00 67.53 ? 186 GLU A O   1 
ATOM   1515 C CB  . GLU A 1 186 ? 22.118  5.869   0.668   1.00 77.55 ? 186 GLU A CB  1 
ATOM   1516 C CG  . GLU A 1 186 ? 21.105  6.643   1.497   1.00 81.04 ? 186 GLU A CG  1 
ATOM   1517 C CD  . GLU A 1 186 ? 21.327  8.141   1.436   1.00 86.67 ? 186 GLU A CD  1 
ATOM   1518 O OE1 . GLU A 1 186 ? 21.549  8.666   0.324   1.00 84.89 ? 186 GLU A OE1 1 
ATOM   1519 O OE2 . GLU A 1 186 ? 21.278  8.795   2.500   1.00 91.09 ? 186 GLU A OE2 1 
ATOM   1520 O OXT . GLU A 1 186 ? 23.843  3.508   2.007   1.00 78.96 ? 186 GLU A OXT 1 
HETATM 1521 O O   . HOH B 2 .   ? 1.329   -7.249  5.255   1.00 24.18 ? 187 HOH A O   1 
HETATM 1522 O O   . HOH B 2 .   ? 1.075   -8.179  -3.596  1.00 23.19 ? 188 HOH A O   1 
HETATM 1523 O O   . HOH B 2 .   ? -9.438  -8.954  -3.745  1.00 37.70 ? 189 HOH A O   1 
HETATM 1524 O O   . HOH B 2 .   ? -8.430  -1.044  3.187   1.00 52.58 ? 190 HOH A O   1 
HETATM 1525 O O   . HOH B 2 .   ? -5.396  -9.065  0.145   1.00 26.06 ? 191 HOH A O   1 
HETATM 1526 O O   . HOH B 2 .   ? -2.454  -18.605 -3.190  1.00 34.95 ? 192 HOH A O   1 
HETATM 1527 O O   . HOH B 2 .   ? 0.801   -6.373  -5.761  1.00 28.49 ? 193 HOH A O   1 
HETATM 1528 O O   . HOH B 2 .   ? 2.884   -4.394  -13.561 0.50 19.37 ? 194 HOH A O   1 
HETATM 1529 O O   . HOH B 2 .   ? -5.678  -20.163 -9.089  1.00 34.35 ? 195 HOH A O   1 
HETATM 1530 O O   . HOH B 2 .   ? 6.518   9.820   -10.850 1.00 27.91 ? 196 HOH A O   1 
HETATM 1531 O O   . HOH B 2 .   ? 2.145   -2.615  -15.605 1.00 27.52 ? 197 HOH A O   1 
HETATM 1532 O O   . HOH B 2 .   ? -5.370  10.794  -7.507  1.00 27.95 ? 198 HOH A O   1 
HETATM 1533 O O   . HOH B 2 .   ? -10.359 -6.376  -4.308  1.00 32.34 ? 199 HOH A O   1 
HETATM 1534 O O   . HOH B 2 .   ? 8.551   -10.791 -9.043  1.00 28.05 ? 200 HOH A O   1 
HETATM 1535 O O   . HOH B 2 .   ? 1.835   11.760  -15.938 1.00 43.93 ? 201 HOH A O   1 
HETATM 1536 O O   . HOH B 2 .   ? -7.965  -0.861  -0.033  1.00 34.10 ? 202 HOH A O   1 
HETATM 1537 O O   . HOH B 2 .   ? 12.449  11.984  -6.678  1.00 48.51 ? 203 HOH A O   1 
HETATM 1538 O O   . HOH B 2 .   ? -5.045  -1.593  16.500  1.00 55.95 ? 204 HOH A O   1 
HETATM 1539 O O   . HOH B 2 .   ? 4.476   17.023  11.910  1.00 36.08 ? 205 HOH A O   1 
HETATM 1540 O O   . HOH B 2 .   ? 2.191   -13.530 0.106   1.00 26.26 ? 206 HOH A O   1 
HETATM 1541 O O   . HOH B 2 .   ? -6.675  -6.614  0.580   1.00 34.67 ? 207 HOH A O   1 
HETATM 1542 O O   . HOH B 2 .   ? 1.803   -27.801 -30.938 1.00 61.27 ? 208 HOH A O   1 
HETATM 1543 O O   . HOH B 2 .   ? 8.116   8.877   -18.793 1.00 32.71 ? 209 HOH A O   1 
HETATM 1544 O O   . HOH B 2 .   ? -0.239  5.653   -9.386  1.00 31.75 ? 210 HOH A O   1 
HETATM 1545 O O   . HOH B 2 .   ? 6.320   15.681  6.720   1.00 39.04 ? 211 HOH A O   1 
HETATM 1546 O O   . HOH B 2 .   ? 6.255   -7.632  11.029  1.00 33.06 ? 212 HOH A O   1 
HETATM 1547 O O   . HOH B 2 .   ? -3.957  -5.686  9.153   1.00 25.69 ? 213 HOH A O   1 
HETATM 1548 O O   . HOH B 2 .   ? -3.872  8.975   -9.182  1.00 32.07 ? 214 HOH A O   1 
HETATM 1549 O O   . HOH B 2 .   ? -5.405  17.986  9.792   1.00 37.52 ? 215 HOH A O   1 
HETATM 1550 O O   . HOH B 2 .   ? -0.091  12.554  -3.684  1.00 36.05 ? 216 HOH A O   1 
HETATM 1551 O O   . HOH B 2 .   ? 4.598   -10.448 6.101   1.00 33.83 ? 217 HOH A O   1 
HETATM 1552 O O   . HOH B 2 .   ? 8.697   9.537   -12.645 1.00 37.55 ? 218 HOH A O   1 
HETATM 1553 O O   . HOH B 2 .   ? 4.786   -0.493  15.483  1.00 35.06 ? 219 HOH A O   1 
HETATM 1554 O O   . HOH B 2 .   ? 0.202   16.349  1.621   1.00 39.28 ? 220 HOH A O   1 
HETATM 1555 O O   . HOH B 2 .   ? -5.524  -18.835 -6.714  1.00 39.01 ? 221 HOH A O   1 
HETATM 1556 O O   . HOH B 2 .   ? -7.113  -22.198 -11.807 1.00 49.34 ? 222 HOH A O   1 
HETATM 1557 O O   . HOH B 2 .   ? 4.681   -12.522 0.895   1.00 28.67 ? 223 HOH A O   1 
HETATM 1558 O O   . HOH B 2 .   ? -4.118  -5.465  -6.122  1.00 30.48 ? 224 HOH A O   1 
HETATM 1559 O O   . HOH B 2 .   ? -3.041  0.356   16.293  1.00 44.89 ? 225 HOH A O   1 
HETATM 1560 O O   . HOH B 2 .   ? 8.334   8.800   -15.114 1.00 42.45 ? 226 HOH A O   1 
HETATM 1561 O O   . HOH B 2 .   ? 11.262  -7.793  9.378   1.00 43.02 ? 227 HOH A O   1 
HETATM 1562 O O   . HOH B 2 .   ? 20.007  0.955   -7.670  1.00 60.84 ? 228 HOH A O   1 
HETATM 1563 O O   . HOH B 2 .   ? -4.351  -27.010 -21.035 1.00 44.86 ? 229 HOH A O   1 
HETATM 1564 O O   . HOH B 2 .   ? -9.662  -19.001 -6.924  1.00 47.10 ? 230 HOH A O   1 
HETATM 1565 O O   . HOH B 2 .   ? -5.901  4.713   -11.439 1.00 32.54 ? 231 HOH A O   1 
HETATM 1566 O O   . HOH B 2 .   ? 2.812   18.020  9.739   1.00 44.83 ? 232 HOH A O   1 
HETATM 1567 O O   . HOH B 2 .   ? -15.775 -9.691  6.697   1.00 47.20 ? 233 HOH A O   1 
HETATM 1568 O O   . HOH B 2 .   ? 9.776   5.277   14.843  1.00 39.63 ? 234 HOH A O   1 
HETATM 1569 O O   . HOH B 2 .   ? -6.432  -4.258  2.128   1.00 33.45 ? 235 HOH A O   1 
HETATM 1570 O O   . HOH B 2 .   ? -4.948  12.164  -5.540  1.00 40.26 ? 236 HOH A O   1 
HETATM 1571 O O   . HOH B 2 .   ? -1.575  3.849   17.840  1.00 47.90 ? 237 HOH A O   1 
HETATM 1572 O O   . HOH B 2 .   ? 2.257   7.838   -18.702 1.00 61.79 ? 238 HOH A O   1 
HETATM 1573 O O   . HOH B 2 .   ? 8.095   12.616  -5.233  1.00 40.19 ? 239 HOH A O   1 
HETATM 1574 O O   . HOH B 2 .   ? 2.656   21.505  4.423   1.00 47.24 ? 240 HOH A O   1 
HETATM 1575 O O   . HOH B 2 .   ? -10.799 0.249   1.690   1.00 47.70 ? 241 HOH A O   1 
HETATM 1576 O O   . HOH B 2 .   ? -2.167  16.037  -7.694  1.00 55.44 ? 242 HOH A O   1 
HETATM 1577 O O   . HOH B 2 .   ? 6.226   12.645  -9.977  1.00 41.88 ? 243 HOH A O   1 
HETATM 1578 O O   . HOH B 2 .   ? 18.790  5.973   -1.595  1.00 48.63 ? 244 HOH A O   1 
HETATM 1579 O O   . HOH B 2 .   ? 3.362   12.077  16.451  1.00 46.63 ? 245 HOH A O   1 
HETATM 1580 O O   . HOH B 2 .   ? 6.886   16.007  3.919   1.00 47.80 ? 246 HOH A O   1 
HETATM 1581 O O   . HOH B 2 .   ? -0.438  -16.218 17.248  1.00 33.78 ? 247 HOH A O   1 
HETATM 1582 O O   . HOH B 2 .   ? 1.486   -1.361  16.044  1.00 44.56 ? 248 HOH A O   1 
HETATM 1583 O O   . HOH B 2 .   ? -11.920 14.913  4.227   0.50 41.16 ? 249 HOH A O   1 
HETATM 1584 O O   . HOH B 2 .   ? 0.375   -20.247 -14.495 1.00 41.88 ? 250 HOH A O   1 
HETATM 1585 O O   . HOH B 2 .   ? -0.586  -26.120 -18.441 1.00 50.63 ? 251 HOH A O   1 
HETATM 1586 O O   . HOH B 2 .   ? -8.698  -17.503 0.142   1.00 53.11 ? 252 HOH A O   1 
HETATM 1587 O O   . HOH B 2 .   ? 8.376   -0.360  19.389  1.00 60.81 ? 253 HOH A O   1 
HETATM 1588 O O   . HOH B 2 .   ? -0.811  8.564   -9.175  1.00 22.00 ? 254 HOH A O   1 
HETATM 1589 O O   . HOH B 2 .   ? 4.379   -15.430 13.831  1.00 41.89 ? 255 HOH A O   1 
HETATM 1590 O O   . HOH B 2 .   ? -13.358 14.586  -6.690  1.00 46.24 ? 256 HOH A O   1 
HETATM 1591 O O   . HOH B 2 .   ? -0.018  15.512  -0.946  1.00 47.60 ? 257 HOH A O   1 
HETATM 1592 O O   . HOH B 2 .   ? -13.780 18.870  -2.138  1.00 45.88 ? 258 HOH A O   1 
HETATM 1593 O O   . HOH B 2 .   ? 8.461   13.779  -11.590 1.00 47.41 ? 259 HOH A O   1 
HETATM 1594 O O   . HOH B 2 .   ? -10.486 16.438  -2.921  1.00 46.90 ? 260 HOH A O   1 
HETATM 1595 O O   . HOH B 2 .   ? 9.491   7.363   16.228  1.00 52.85 ? 261 HOH A O   1 
HETATM 1596 O O   . HOH B 2 .   ? 6.781   -11.710 8.390   0.50 33.78 ? 262 HOH A O   1 
HETATM 1597 O O   . HOH B 2 .   ? -6.611  7.585   -12.884 1.00 43.92 ? 263 HOH A O   1 
HETATM 1598 O O   . HOH B 2 .   ? -0.376  10.380  -10.801 1.00 41.98 ? 264 HOH A O   1 
HETATM 1599 O O   . HOH B 2 .   ? -2.180  6.776   -11.687 1.00 30.77 ? 265 HOH A O   1 
HETATM 1600 O O   . HOH B 2 .   ? 4.920   -7.965  14.819  1.00 43.83 ? 266 HOH A O   1 
HETATM 1601 O O   . HOH B 2 .   ? -5.425  12.043  17.734  1.00 57.84 ? 267 HOH A O   1 
HETATM 1602 O O   . HOH B 2 .   ? -8.983  -8.174  -1.203  1.00 33.02 ? 268 HOH A O   1 
HETATM 1603 O O   . HOH B 2 .   ? 2.900   13.695  14.234  1.00 38.19 ? 269 HOH A O   1 
HETATM 1604 O O   . HOH B 2 .   ? 6.487   16.130  -0.534  1.00 49.81 ? 270 HOH A O   1 
HETATM 1605 O O   . HOH B 2 .   ? 3.604   17.305  -1.431  1.00 44.41 ? 271 HOH A O   1 
HETATM 1606 O O   . HOH B 2 .   ? 0.739   -9.401  18.419  1.00 56.13 ? 272 HOH A O   1 
HETATM 1607 O O   . HOH B 2 .   ? -2.335  -11.227 18.294  1.00 58.84 ? 273 HOH A O   1 
HETATM 1608 O O   . HOH B 2 .   ? 2.951   -14.316 7.909   1.00 48.12 ? 274 HOH A O   1 
HETATM 1609 O O   . HOH B 2 .   ? -9.170  -14.545 5.809   1.00 46.79 ? 275 HOH A O   1 
HETATM 1610 O O   . HOH B 2 .   ? -4.837  12.996  14.156  1.00 48.14 ? 276 HOH A O   1 
HETATM 1611 O O   . HOH B 2 .   ? -2.066  3.898   -11.855 1.00 34.62 ? 277 HOH A O   1 
HETATM 1612 O O   . HOH B 2 .   ? -4.775  7.081   -11.037 1.00 32.34 ? 278 HOH A O   1 
HETATM 1613 O O   . HOH B 2 .   ? -6.229  10.391  -13.295 1.00 55.92 ? 279 HOH A O   1 
HETATM 1614 O O   . HOH B 2 .   ? -11.567 9.144   -11.103 1.00 47.74 ? 280 HOH A O   1 
HETATM 1615 O O   . HOH B 2 .   ? 4.178   -3.586  -11.073 0.50 18.37 ? 281 HOH A O   1 
HETATM 1616 O O   . HOH B 2 .   ? -11.084 -4.419  0.401   1.00 52.48 ? 282 HOH A O   1 
HETATM 1617 O O   . HOH B 2 .   ? -8.719  -10.708 -5.538  1.00 46.87 ? 283 HOH A O   1 
HETATM 1618 O O   . HOH B 2 .   ? -7.236  13.706  -4.431  1.00 36.65 ? 284 HOH A O   1 
HETATM 1619 O O   . HOH B 2 .   ? -6.963  -4.328  15.963  1.00 51.04 ? 285 HOH A O   1 
HETATM 1620 O O   . HOH B 2 .   ? -18.690 10.769  3.010   0.50 35.35 ? 286 HOH A O   1 
HETATM 1621 O O   . HOH B 2 .   ? -10.094 2.970   11.212  1.00 58.99 ? 287 HOH A O   1 
HETATM 1622 O O   . HOH B 2 .   ? -5.977  -8.702  16.878  1.00 62.41 ? 288 HOH A O   1 
HETATM 1623 O O   . HOH B 2 .   ? -14.044 5.040   10.352  1.00 60.78 ? 289 HOH A O   1 
HETATM 1624 O O   . HOH B 2 .   ? -10.551 12.852  -14.638 1.00 62.77 ? 290 HOH A O   1 
HETATM 1625 O O   . HOH B 2 .   ? 17.182  8.953   8.679   1.00 52.41 ? 291 HOH A O   1 
HETATM 1626 O O   . HOH B 2 .   ? 4.324   11.528  -18.899 1.00 56.15 ? 292 HOH A O   1 
HETATM 1627 O O   . HOH B 2 .   ? -5.808  -23.733 -14.352 1.00 47.64 ? 293 HOH A O   1 
HETATM 1628 O O   . HOH B 2 .   ? 12.355  -1.751  13.756  1.00 53.42 ? 294 HOH A O   1 
HETATM 1629 O O   . HOH B 2 .   ? 7.167   -15.819 -2.108  1.00 44.78 ? 295 HOH A O   1 
HETATM 1630 O O   . HOH B 2 .   ? -12.321 -14.178 -8.449  1.00 44.01 ? 296 HOH A O   1 
HETATM 1631 O O   . HOH B 2 .   ? 7.171   -12.243 -0.388  1.00 51.66 ? 297 HOH A O   1 
HETATM 1632 O O   . HOH B 2 .   ? -13.357 16.291  -1.793  1.00 46.03 ? 298 HOH A O   1 
HETATM 1633 O O   . HOH B 2 .   ? -9.215  15.184  -11.103 1.00 50.63 ? 299 HOH A O   1 
HETATM 1634 O O   . HOH B 2 .   ? -4.254  -17.755 1.332   1.00 47.13 ? 300 HOH A O   1 
HETATM 1635 O O   . HOH B 2 .   ? 13.246  -9.620  1.468   1.00 46.50 ? 301 HOH A O   1 
HETATM 1636 O O   . HOH B 2 .   ? -15.719 5.500   8.398   1.00 49.22 ? 302 HOH A O   1 
HETATM 1637 O O   . HOH B 2 .   ? 11.145  -12.516 6.951   1.00 50.58 ? 303 HOH A O   1 
HETATM 1638 O O   . HOH B 2 .   ? -10.552 16.529  -15.433 1.00 60.97 ? 304 HOH A O   1 
HETATM 1639 O O   . HOH B 2 .   ? -6.542  -17.882 5.357   1.00 55.83 ? 305 HOH A O   1 
HETATM 1640 O O   . HOH B 2 .   ? 6.696   -10.965 3.134   1.00 41.59 ? 306 HOH A O   1 
HETATM 1641 O O   . HOH B 2 .   ? -6.186  4.995   12.031  1.00 54.29 ? 307 HOH A O   1 
HETATM 1642 O O   . HOH B 2 .   ? -7.513  -24.426 -17.813 1.00 53.04 ? 308 HOH A O   1 
HETATM 1643 O O   . HOH B 2 .   ? 0.174   -16.960 -6.260  1.00 54.48 ? 309 HOH A O   1 
HETATM 1644 O O   . HOH B 2 .   ? -5.711  -18.310 8.940   1.00 50.59 ? 310 HOH A O   1 
HETATM 1645 O O   . HOH B 2 .   ? -2.950  -21.648 -11.679 1.00 53.05 ? 311 HOH A O   1 
HETATM 1646 O O   . HOH B 2 .   ? -11.152 -5.547  14.487  1.00 53.07 ? 312 HOH A O   1 
# 
